data_5X30
#
_entry.id   5X30
#
_cell.length_a   153.753
_cell.length_b   152.971
_cell.length_c   80.586
_cell.angle_alpha   90.00
_cell.angle_beta   90.00
_cell.angle_gamma   90.00
#
_symmetry.space_group_name_H-M   'P 21 21 2'
#
loop_
_entity.id
_entity.type
_entity.pdbx_description
1 polymer 'L-methionine gamma-lyase'
2 polymer 'L-methionine gamma-lyase'
3 non-polymer '2-AMINO-4-MERCAPTO-BUTYRIC ACID'
4 non-polymer '(2E)-2-{[(1E)-{3-hydroxy-2-methyl-5-[(phosphonooxy)methyl]pyridin-4-yl}methylidene]amino}but-2-enoic acid'
5 non-polymer 'HYDROSULFURIC ACID'
6 non-polymer '(2~{S})-2-[[2-methyl-3-oxidanyl-5-(phosphonooxymethyl)pyridin-4-yl]methylamino]-4-sulfanyl-butanoic acid'
7 water water
#
loop_
_entity_poly.entity_id
_entity_poly.type
_entity_poly.pdbx_seq_one_letter_code
_entity_poly.pdbx_strand_id
1 'polypeptide(L)'
;MHGSNKLPGFATRAIHHGYDPQDHGGALVPPVYQTATFTFPTVEYGAACFAGEQAGHFYSRISNPTLNLLEARMASLEGG
EAGLALASGMGAITSTLWTLLRPGDEVLLGNTLYGHTFAFLHHGIGEFGVKLRHVDMADLQALEAAMTPATRVIYFESPA
NPNMHMADIAGVAKIARKHGATVVVDNTYCTPYLQRPLELGADLVVHSAT(LLP)YLSGHGDITAGIVVGSQALVDRIRL
QGLKDMTGAVLSPHDAALLMRGIKTLNLRMDRHCANAQVLAEFLARQPQVELIHYPGLASFPQYTLARQQMSQPGGMIAF
ELKGGIGAGRRFMNALQLFSRAVSLGDAESLAQHPASMTHSSYTPEERAHYGISEGLVRLSVGLEDIDDLLADVQQALKA
SA
;
A,C
2 'polypeptide(L)'
;MHGSNKLPGFATRAIHHGYDPQDHGGALVPPVYQTATFTFPTVEYGAACFAGEQAGHFYSRISNPTLNLLEARMASLEGG
EAGLALASGMGAITSTLWTLLRPGDEVLLGNTLYGHTFAFLHHGIGEFGVKLRHVDMADLQALEAAMTPATRVIYFESPA
NPNMHMADIAGVAKIARKHGATVVVDNTYCTPYLQRPLELGADLVVHSATKYLSGHGDITAGIVVGSQALVDRIRLQGLK
DMTGAVLSPHDAALLMRGIKTLNLRMDRHCANAQVLAEFLARQPQVELIHYPGLASFPQYTLARQQMSQPGGMIAFELKG
GIGAGRRFMNALQLFSRAVSLGDAESLAQHPASMTHSSYTPEERAHYGISEGLVRLSVGLEDIDDLLADVQQALKASA
;
B,D
#
# COMPACT_ATOMS: atom_id res chain seq x y z
N LEU A 7 5.91 -7.80 33.87
CA LEU A 7 5.26 -7.45 32.58
C LEU A 7 5.90 -6.18 32.01
N PRO A 8 6.28 -6.21 30.71
CA PRO A 8 6.74 -4.96 30.10
C PRO A 8 5.65 -3.89 30.15
N GLY A 9 6.06 -2.63 30.07
CA GLY A 9 5.13 -1.51 30.14
C GLY A 9 4.25 -1.43 28.91
N PHE A 10 3.21 -0.60 29.00
CA PHE A 10 2.24 -0.46 27.94
C PHE A 10 2.91 -0.04 26.62
N ALA A 11 3.79 0.96 26.68
CA ALA A 11 4.41 1.48 25.44
C ALA A 11 5.32 0.42 24.83
N THR A 12 6.01 -0.35 25.70
CA THR A 12 6.85 -1.43 25.23
C THR A 12 6.02 -2.48 24.48
N ARG A 13 4.88 -2.86 25.06
CA ARG A 13 4.03 -3.88 24.45
C ARG A 13 3.36 -3.37 23.16
N ALA A 14 2.99 -2.09 23.15
CA ALA A 14 2.35 -1.49 21.96
C ALA A 14 3.28 -1.51 20.76
N ILE A 15 4.58 -1.55 21.03
CA ILE A 15 5.61 -1.55 19.99
C ILE A 15 6.07 -2.96 19.63
N HIS A 16 6.22 -3.84 20.64
CA HIS A 16 6.88 -5.13 20.46
C HIS A 16 6.04 -6.39 20.63
N HIS A 17 4.91 -6.31 21.32
CA HIS A 17 4.26 -7.54 21.80
C HIS A 17 3.93 -8.48 20.65
N GLY A 18 4.33 -9.74 20.78
CA GLY A 18 3.98 -10.78 19.85
C GLY A 18 4.87 -10.94 18.63
N TYR A 19 5.94 -10.13 18.53
CA TYR A 19 6.85 -10.15 17.38
C TYR A 19 8.31 -10.15 17.79
N ASP A 20 9.05 -11.13 17.27
CA ASP A 20 10.51 -11.19 17.35
C ASP A 20 11.06 -11.19 15.92
N PRO A 21 11.86 -10.16 15.54
CA PRO A 21 12.43 -10.08 14.17
C PRO A 21 13.14 -11.35 13.69
N GLN A 22 13.79 -12.07 14.60
CA GLN A 22 14.48 -13.33 14.26
C GLN A 22 13.61 -14.39 13.60
N ASP A 23 12.30 -14.32 13.78
CA ASP A 23 11.37 -15.27 13.16
C ASP A 23 10.96 -14.91 11.73
N HIS A 24 11.29 -13.71 11.26
CA HIS A 24 10.91 -13.26 9.90
C HIS A 24 12.13 -12.65 9.21
N GLY A 25 13.22 -13.41 9.21
CA GLY A 25 14.45 -13.03 8.55
C GLY A 25 15.11 -11.75 9.06
N GLY A 26 14.86 -11.43 10.33
CA GLY A 26 15.43 -10.24 10.93
C GLY A 26 14.66 -8.95 10.67
N ALA A 27 13.54 -9.00 9.97
CA ALA A 27 12.83 -7.75 9.62
C ALA A 27 12.40 -7.02 10.87
N LEU A 28 12.84 -5.79 11.02
CA LEU A 28 12.47 -5.03 12.22
C LEU A 28 10.97 -4.76 12.24
N VAL A 29 10.41 -4.42 11.09
CA VAL A 29 8.97 -4.22 10.94
C VAL A 29 8.43 -5.52 10.34
N PRO A 30 7.35 -6.06 10.90
CA PRO A 30 6.85 -7.33 10.39
C PRO A 30 6.43 -7.21 8.91
N PRO A 31 6.78 -8.20 8.08
CA PRO A 31 6.30 -8.18 6.69
C PRO A 31 4.79 -8.22 6.60
N VAL A 32 4.24 -7.58 5.57
CA VAL A 32 2.79 -7.51 5.41
C VAL A 32 2.31 -8.67 4.57
N TYR A 33 1.48 -9.51 5.17
CA TYR A 33 0.94 -10.68 4.47
C TYR A 33 -0.29 -10.32 3.66
N GLN A 34 -0.06 -9.62 2.55
CA GLN A 34 -1.12 -9.22 1.62
C GLN A 34 -1.31 -10.41 0.67
N THR A 35 -1.99 -11.44 1.18
CA THR A 35 -2.27 -12.64 0.46
C THR A 35 -3.67 -13.06 0.91
N ALA A 36 -4.49 -13.49 -0.03
CA ALA A 36 -5.83 -13.97 0.29
C ALA A 36 -5.79 -15.41 0.72
N THR A 37 -4.86 -16.21 0.19
CA THR A 37 -4.83 -17.63 0.56
C THR A 37 -3.45 -18.10 0.96
N PHE A 38 -3.47 -19.23 1.66
CA PHE A 38 -2.29 -19.91 2.12
C PHE A 38 -2.38 -21.33 1.64
N THR A 39 -1.24 -21.88 1.29
CA THR A 39 -1.17 -23.24 0.74
C THR A 39 -0.75 -24.21 1.82
N PHE A 40 -0.96 -25.50 1.55
CA PHE A 40 -0.65 -26.56 2.51
C PHE A 40 0.46 -27.47 1.96
N PRO A 41 1.38 -27.94 2.84
CA PRO A 41 2.39 -28.90 2.36
C PRO A 41 1.80 -30.25 1.96
N THR A 42 0.70 -30.64 2.61
CA THR A 42 -0.04 -31.86 2.32
C THR A 42 -1.53 -31.60 2.54
N VAL A 43 -2.41 -32.41 1.94
CA VAL A 43 -3.86 -32.34 2.22
C VAL A 43 -4.16 -32.66 3.67
N GLU A 44 -3.39 -33.55 4.26
CA GLU A 44 -3.58 -33.93 5.67
C GLU A 44 -3.35 -32.74 6.60
N TYR A 45 -2.33 -31.94 6.30
CA TYR A 45 -2.10 -30.69 7.01
C TYR A 45 -3.26 -29.70 6.81
N GLY A 46 -3.73 -29.58 5.56
CA GLY A 46 -4.90 -28.76 5.26
C GLY A 46 -6.17 -29.20 5.96
N ALA A 47 -6.43 -30.50 5.97
CA ALA A 47 -7.56 -31.11 6.70
C ALA A 47 -7.56 -30.72 8.16
N ALA A 48 -6.39 -30.86 8.78
CA ALA A 48 -6.19 -30.53 10.19
C ALA A 48 -6.60 -29.09 10.50
N CYS A 49 -6.34 -28.17 9.57
CA CYS A 49 -6.78 -26.78 9.72
C CYS A 49 -8.31 -26.64 9.74
N PHE A 50 -9.01 -27.27 8.80
CA PHE A 50 -10.49 -27.21 8.75
C PHE A 50 -11.24 -28.05 9.80
N ALA A 51 -10.56 -29.00 10.44
CA ALA A 51 -11.21 -29.94 11.37
C ALA A 51 -11.64 -29.32 12.70
N GLY A 52 -10.74 -28.55 13.31
CA GLY A 52 -10.95 -28.02 14.67
C GLY A 52 -9.73 -27.34 15.28
N GLU A 53 -8.53 -27.88 15.00
CA GLU A 53 -7.27 -27.21 15.32
C GLU A 53 -7.04 -25.99 14.43
N GLN A 54 -5.99 -25.23 14.74
CA GLN A 54 -5.47 -24.18 13.87
C GLN A 54 -3.99 -24.50 13.56
N ALA A 55 -3.08 -24.14 14.46
CA ALA A 55 -1.63 -24.39 14.31
C ALA A 55 -1.04 -24.06 12.93
N GLY A 56 -1.57 -23.02 12.28
CA GLY A 56 -1.20 -22.68 10.90
C GLY A 56 -2.13 -21.66 10.25
N HIS A 57 -2.29 -21.78 8.93
CA HIS A 57 -3.08 -20.83 8.14
C HIS A 57 -3.72 -21.47 6.93
N PHE A 58 -4.89 -20.95 6.55
CA PHE A 58 -5.61 -21.41 5.35
C PHE A 58 -6.16 -20.26 4.47
N TYR A 59 -6.93 -19.35 5.07
CA TYR A 59 -7.64 -18.33 4.31
C TYR A 59 -7.80 -17.03 5.12
N SER A 60 -7.42 -15.90 4.51
CA SER A 60 -7.29 -14.61 5.24
C SER A 60 -8.59 -14.04 5.87
N ARG A 61 -9.76 -14.46 5.38
CA ARG A 61 -11.05 -14.15 6.04
C ARG A 61 -11.18 -14.84 7.43
N ILE A 62 -10.60 -16.04 7.56
CA ILE A 62 -10.56 -16.75 8.84
C ILE A 62 -9.40 -16.23 9.71
N SER A 63 -8.19 -16.18 9.14
CA SER A 63 -6.93 -15.79 9.84
C SER A 63 -5.73 -15.54 8.86
N ASN A 64 -4.74 -14.75 9.31
CA ASN A 64 -3.59 -14.20 8.49
C ASN A 64 -2.51 -13.68 9.51
N PRO A 65 -1.20 -13.92 9.30
CA PRO A 65 -0.19 -13.53 10.31
C PRO A 65 -0.13 -12.04 10.68
N THR A 66 -0.42 -11.16 9.71
CA THR A 66 -0.45 -9.73 9.99
C THR A 66 -1.62 -9.42 10.91
N LEU A 67 -2.78 -9.99 10.59
CA LEU A 67 -3.95 -9.82 11.42
C LEU A 67 -3.71 -10.46 12.81
N ASN A 68 -3.10 -11.64 12.83
CA ASN A 68 -2.85 -12.34 14.09
C ASN A 68 -1.98 -11.52 15.05
N LEU A 69 -0.97 -10.85 14.50
CA LEU A 69 -0.10 -10.02 15.31
C LEU A 69 -0.87 -8.83 15.91
N LEU A 70 -1.67 -8.16 15.08
CA LEU A 70 -2.51 -7.06 15.54
C LEU A 70 -3.44 -7.51 16.68
N GLU A 71 -4.04 -8.67 16.47
CA GLU A 71 -4.98 -9.25 17.43
C GLU A 71 -4.29 -9.52 18.76
N ALA A 72 -3.11 -10.13 18.70
CA ALA A 72 -2.36 -10.47 19.91
C ALA A 72 -1.94 -9.22 20.66
N ARG A 73 -1.50 -8.21 19.94
CA ARG A 73 -1.10 -6.97 20.54
C ARG A 73 -2.26 -6.25 21.19
N MET A 74 -3.40 -6.16 20.51
CA MET A 74 -4.58 -5.55 21.10
C MET A 74 -5.05 -6.32 22.34
N ALA A 75 -5.00 -7.64 22.27
CA ALA A 75 -5.35 -8.47 23.42
C ALA A 75 -4.46 -8.13 24.62
N SER A 76 -3.15 -8.01 24.36
CA SER A 76 -2.21 -7.62 25.41
C SER A 76 -2.54 -6.23 26.01
N LEU A 77 -2.83 -5.25 25.17
CA LEU A 77 -3.10 -3.92 25.66
C LEU A 77 -4.37 -3.85 26.50
N GLU A 78 -5.39 -4.60 26.11
CA GLU A 78 -6.64 -4.64 26.87
C GLU A 78 -6.58 -5.60 28.06
N GLY A 79 -5.57 -6.45 28.15
CA GLY A 79 -5.48 -7.47 29.20
C GLY A 79 -6.44 -8.62 28.98
N GLY A 80 -6.73 -8.93 27.72
CA GLY A 80 -7.60 -10.02 27.34
C GLY A 80 -6.86 -11.22 26.81
N GLU A 81 -7.57 -12.34 26.71
CA GLU A 81 -6.98 -13.58 26.23
C GLU A 81 -6.76 -13.59 24.71
N ALA A 82 -7.69 -13.03 23.96
CA ALA A 82 -7.71 -13.18 22.50
C ALA A 82 -8.26 -11.93 21.84
N GLY A 83 -7.78 -11.68 20.61
CA GLY A 83 -8.23 -10.54 19.83
C GLY A 83 -8.72 -10.96 18.46
N LEU A 84 -9.56 -10.12 17.86
CA LEU A 84 -10.08 -10.32 16.51
C LEU A 84 -10.10 -8.98 15.79
N ALA A 85 -9.58 -8.95 14.57
CA ALA A 85 -9.55 -7.76 13.74
C ALA A 85 -10.57 -7.88 12.62
N LEU A 86 -11.27 -6.77 12.39
CA LEU A 86 -12.38 -6.70 11.45
C LEU A 86 -12.32 -5.42 10.62
N ALA A 87 -13.12 -5.39 9.55
CA ALA A 87 -13.11 -4.29 8.59
C ALA A 87 -13.58 -2.94 9.10
N SER A 88 -14.31 -2.91 10.22
CA SER A 88 -14.80 -1.66 10.76
C SER A 88 -15.26 -1.92 12.18
N GLY A 89 -15.46 -0.84 12.92
CA GLY A 89 -16.07 -0.90 14.26
C GLY A 89 -17.43 -1.56 14.19
N MET A 90 -18.24 -1.18 13.20
CA MET A 90 -19.52 -1.84 13.00
C MET A 90 -19.36 -3.33 12.70
N GLY A 91 -18.32 -3.70 11.95
CA GLY A 91 -18.00 -5.12 11.79
C GLY A 91 -17.76 -5.84 13.10
N ALA A 92 -17.05 -5.19 14.02
CA ALA A 92 -16.78 -5.73 15.37
C ALA A 92 -18.08 -5.95 16.15
N ILE A 93 -18.93 -4.93 16.11
CA ILE A 93 -20.16 -4.92 16.91
C ILE A 93 -21.15 -5.95 16.36
N THR A 94 -21.35 -5.92 15.05
CA THR A 94 -22.29 -6.84 14.41
C THR A 94 -21.81 -8.30 14.50
N SER A 95 -20.52 -8.55 14.24
CA SER A 95 -20.02 -9.91 14.30
C SER A 95 -20.21 -10.47 15.71
N THR A 96 -19.99 -9.61 16.69
CA THR A 96 -20.13 -10.00 18.10
C THR A 96 -21.59 -10.34 18.43
N LEU A 97 -22.50 -9.41 18.13
CA LEU A 97 -23.90 -9.56 18.55
C LEU A 97 -24.65 -10.62 17.75
N TRP A 98 -24.34 -10.74 16.44
CA TRP A 98 -24.88 -11.84 15.65
C TRP A 98 -24.48 -13.23 16.19
N THR A 99 -23.29 -13.34 16.75
CA THR A 99 -22.80 -14.60 17.32
C THR A 99 -23.52 -14.92 18.65
N LEU A 100 -23.67 -13.92 19.50
CA LEU A 100 -24.11 -14.11 20.89
C LEU A 100 -25.63 -14.18 21.10
N LEU A 101 -26.42 -13.80 20.10
CA LEU A 101 -27.87 -13.62 20.26
C LEU A 101 -28.65 -14.43 19.23
N ARG A 102 -29.79 -14.95 19.67
CA ARG A 102 -30.73 -15.63 18.79
C ARG A 102 -32.15 -15.19 19.16
N PRO A 103 -33.15 -15.48 18.29
CA PRO A 103 -34.52 -15.06 18.58
C PRO A 103 -35.00 -15.51 19.96
N GLY A 104 -35.64 -14.60 20.68
CA GLY A 104 -36.08 -14.86 22.05
C GLY A 104 -35.13 -14.34 23.11
N ASP A 105 -33.85 -14.21 22.78
CA ASP A 105 -32.89 -13.62 23.69
C ASP A 105 -33.18 -12.14 23.83
N GLU A 106 -32.78 -11.59 24.97
CA GLU A 106 -32.87 -10.17 25.22
C GLU A 106 -31.47 -9.58 25.36
N VAL A 107 -31.32 -8.35 24.90
CA VAL A 107 -30.11 -7.58 25.11
C VAL A 107 -30.46 -6.28 25.80
N LEU A 108 -29.77 -6.02 26.91
CA LEU A 108 -29.90 -4.77 27.63
C LEU A 108 -28.85 -3.79 27.16
N LEU A 109 -29.29 -2.60 26.83
CA LEU A 109 -28.48 -1.59 26.19
C LEU A 109 -28.33 -0.35 27.06
N GLY A 110 -27.19 0.32 26.95
CA GLY A 110 -27.01 1.65 27.51
C GLY A 110 -28.03 2.60 26.93
N ASN A 111 -28.40 3.61 27.72
CA ASN A 111 -29.49 4.53 27.35
C ASN A 111 -29.30 5.25 26.01
N THR A 112 -28.05 5.57 25.68
CA THR A 112 -27.71 6.14 24.38
C THR A 112 -26.59 5.34 23.76
N LEU A 113 -26.64 5.21 22.44
CA LEU A 113 -25.67 4.47 21.68
C LEU A 113 -25.24 5.27 20.48
N TYR A 114 -24.10 4.88 19.93
CA TYR A 114 -23.67 5.38 18.63
C TYR A 114 -24.80 5.10 17.64
N GLY A 115 -25.09 6.08 16.78
CA GLY A 115 -26.21 6.00 15.85
C GLY A 115 -26.34 4.71 15.05
N HIS A 116 -25.24 4.23 14.46
CA HIS A 116 -25.34 3.04 13.61
C HIS A 116 -25.44 1.76 14.45
N THR A 117 -24.93 1.81 15.68
CA THR A 117 -25.17 0.73 16.64
C THR A 117 -26.67 0.69 16.98
N PHE A 118 -27.21 1.85 17.39
CA PHE A 118 -28.66 2.02 17.57
C PHE A 118 -29.46 1.48 16.39
N ALA A 119 -29.06 1.87 15.17
CA ALA A 119 -29.72 1.43 13.94
C ALA A 119 -29.62 -0.08 13.72
N PHE A 120 -28.44 -0.64 13.92
CA PHE A 120 -28.29 -2.09 13.86
C PHE A 120 -29.19 -2.81 14.86
N LEU A 121 -29.23 -2.32 16.08
CA LEU A 121 -30.03 -2.99 17.11
C LEU A 121 -31.50 -2.91 16.78
N HIS A 122 -31.98 -1.70 16.50
CA HIS A 122 -33.43 -1.50 16.29
C HIS A 122 -33.96 -1.88 14.93
N HIS A 123 -33.22 -1.56 13.88
CA HIS A 123 -33.67 -1.83 12.50
C HIS A 123 -33.08 -3.09 11.88
N GLY A 124 -32.03 -3.64 12.52
CA GLY A 124 -31.34 -4.84 12.03
C GLY A 124 -31.68 -6.06 12.85
N ILE A 125 -30.82 -6.41 13.79
CA ILE A 125 -30.97 -7.62 14.59
C ILE A 125 -32.29 -7.65 15.41
N GLY A 126 -32.75 -6.48 15.83
CA GLY A 126 -34.03 -6.36 16.53
C GLY A 126 -35.23 -6.76 15.72
N GLU A 127 -35.12 -6.69 14.38
CA GLU A 127 -36.18 -7.14 13.48
C GLU A 127 -36.12 -8.62 13.15
N PHE A 128 -35.16 -9.35 13.74
CA PHE A 128 -35.05 -10.80 13.62
C PHE A 128 -35.39 -11.52 14.93
N GLY A 129 -36.22 -10.90 15.77
CA GLY A 129 -36.77 -11.57 16.95
C GLY A 129 -35.95 -11.50 18.23
N VAL A 130 -34.94 -10.62 18.25
CA VAL A 130 -34.13 -10.38 19.43
C VAL A 130 -34.75 -9.19 20.13
N LYS A 131 -35.07 -9.34 21.42
CA LYS A 131 -35.69 -8.27 22.21
C LYS A 131 -34.65 -7.25 22.68
N LEU A 132 -35.00 -5.98 22.60
CA LEU A 132 -34.17 -4.86 23.03
C LEU A 132 -34.78 -4.18 24.26
N ARG A 133 -33.93 -3.69 25.17
CA ARG A 133 -34.38 -2.85 26.28
C ARG A 133 -33.25 -1.93 26.72
N HIS A 134 -33.51 -0.62 26.76
CA HIS A 134 -32.55 0.41 27.20
C HIS A 134 -32.67 0.70 28.70
N VAL A 135 -31.55 0.66 29.41
CA VAL A 135 -31.48 1.03 30.84
C VAL A 135 -30.25 1.88 31.14
N ASP A 136 -30.34 2.70 32.18
CA ASP A 136 -29.20 3.51 32.63
C ASP A 136 -28.16 2.61 33.28
N MET A 137 -27.00 2.49 32.64
CA MET A 137 -25.96 1.57 33.11
C MET A 137 -25.14 2.10 34.30
N ALA A 138 -25.43 3.32 34.75
CA ALA A 138 -24.95 3.84 36.03
C ALA A 138 -25.93 3.52 37.17
N ASP A 139 -27.17 3.17 36.85
CA ASP A 139 -28.20 2.83 37.85
C ASP A 139 -28.31 1.32 38.05
N LEU A 140 -27.56 0.79 39.01
CA LEU A 140 -27.44 -0.65 39.25
C LEU A 140 -28.75 -1.29 39.71
N GLN A 141 -29.58 -0.55 40.43
CA GLN A 141 -30.87 -1.05 40.88
C GLN A 141 -31.82 -1.21 39.70
N ALA A 142 -31.88 -0.18 38.86
CA ALA A 142 -32.62 -0.24 37.61
C ALA A 142 -32.13 -1.35 36.67
N LEU A 143 -30.82 -1.55 36.58
CA LEU A 143 -30.27 -2.65 35.78
C LEU A 143 -30.72 -4.00 36.35
N GLU A 144 -30.54 -4.20 37.66
CA GLU A 144 -30.98 -5.43 38.34
C GLU A 144 -32.47 -5.71 38.10
N ALA A 145 -33.28 -4.65 38.13
CA ALA A 145 -34.72 -4.76 37.92
C ALA A 145 -35.05 -5.25 36.50
N ALA A 146 -34.28 -4.78 35.52
CA ALA A 146 -34.51 -5.15 34.11
C ALA A 146 -34.03 -6.55 33.73
N MET A 147 -33.16 -7.16 34.55
CA MET A 147 -32.67 -8.51 34.25
C MET A 147 -33.82 -9.51 34.22
N THR A 148 -33.91 -10.27 33.13
CA THR A 148 -34.86 -11.37 33.01
C THR A 148 -34.06 -12.64 32.72
N PRO A 149 -34.70 -13.83 32.83
CA PRO A 149 -34.02 -15.08 32.44
C PRO A 149 -33.55 -15.12 30.96
N ALA A 150 -34.23 -14.39 30.08
CA ALA A 150 -33.81 -14.29 28.67
C ALA A 150 -32.64 -13.33 28.42
N THR A 151 -32.22 -12.55 29.41
CA THR A 151 -31.13 -11.58 29.23
C THR A 151 -29.81 -12.31 28.99
N ARG A 152 -29.33 -12.23 27.74
CA ARG A 152 -28.13 -12.93 27.30
C ARG A 152 -26.92 -11.97 27.21
N VAL A 153 -27.17 -10.72 26.82
CA VAL A 153 -26.09 -9.74 26.62
C VAL A 153 -26.44 -8.39 27.23
N ILE A 154 -25.43 -7.77 27.84
CA ILE A 154 -25.49 -6.39 28.27
C ILE A 154 -24.45 -5.62 27.44
N TYR A 155 -24.89 -4.58 26.73
CA TYR A 155 -24.03 -3.87 25.80
C TYR A 155 -24.12 -2.38 26.05
N PHE A 156 -22.97 -1.71 26.18
CA PHE A 156 -22.95 -0.25 26.35
C PHE A 156 -21.60 0.36 26.00
N GLU A 157 -21.61 1.66 25.78
CA GLU A 157 -20.40 2.49 25.66
C GLU A 157 -20.16 3.22 26.97
N SER A 158 -18.91 3.39 27.35
CA SER A 158 -18.56 4.25 28.48
C SER A 158 -17.20 4.89 28.25
N PRO A 159 -17.11 6.23 28.12
CA PRO A 159 -18.24 7.17 28.15
C PRO A 159 -19.09 7.10 26.90
N ALA A 160 -20.37 7.45 27.04
CA ALA A 160 -21.33 7.39 25.93
C ALA A 160 -21.71 8.80 25.48
N ASN A 161 -21.90 8.99 24.18
CA ASN A 161 -22.51 10.22 23.67
C ASN A 161 -23.95 10.40 24.17
N PRO A 162 -24.43 11.63 24.31
CA PRO A 162 -23.66 12.88 24.10
C PRO A 162 -23.09 13.45 25.40
N ASN A 163 -23.62 12.99 26.54
CA ASN A 163 -23.22 13.44 27.89
C ASN A 163 -21.80 13.10 28.31
N MET A 164 -21.17 12.14 27.64
CA MET A 164 -20.04 11.39 28.18
C MET A 164 -20.48 10.67 29.46
N HIS A 165 -21.70 10.15 29.43
CA HIS A 165 -22.29 9.42 30.54
C HIS A 165 -21.52 8.13 30.78
N MET A 166 -21.14 7.90 32.04
CA MET A 166 -20.32 6.78 32.45
C MET A 166 -21.20 5.66 32.99
N ALA A 167 -20.82 4.42 32.68
CA ALA A 167 -21.38 3.23 33.32
C ALA A 167 -20.45 2.77 34.44
N ASP A 168 -21.03 2.12 35.45
CA ASP A 168 -20.25 1.52 36.52
C ASP A 168 -19.93 0.11 36.05
N ILE A 169 -18.78 -0.06 35.39
CA ILE A 169 -18.51 -1.32 34.70
C ILE A 169 -18.41 -2.49 35.67
N ALA A 170 -17.74 -2.29 36.80
CA ALA A 170 -17.60 -3.38 37.79
C ALA A 170 -18.95 -3.76 38.42
N GLY A 171 -19.81 -2.76 38.63
CA GLY A 171 -21.13 -2.98 39.17
C GLY A 171 -22.05 -3.71 38.22
N VAL A 172 -22.00 -3.35 36.94
CA VAL A 172 -22.74 -4.04 35.90
C VAL A 172 -22.29 -5.49 35.81
N ALA A 173 -20.98 -5.70 35.82
CA ALA A 173 -20.39 -7.04 35.66
C ALA A 173 -20.77 -7.97 36.80
N LYS A 174 -20.84 -7.44 38.02
CA LYS A 174 -21.30 -8.23 39.18
C LYS A 174 -22.71 -8.73 38.89
N ILE A 175 -23.61 -7.83 38.50
CA ILE A 175 -24.99 -8.19 38.18
C ILE A 175 -25.04 -9.23 37.06
N ALA A 176 -24.26 -9.01 36.01
CA ALA A 176 -24.24 -9.92 34.87
C ALA A 176 -23.81 -11.33 35.23
N ARG A 177 -22.76 -11.45 36.03
CA ARG A 177 -22.26 -12.78 36.42
C ARG A 177 -23.26 -13.60 37.24
N LYS A 178 -24.03 -12.92 38.09
CA LYS A 178 -25.09 -13.57 38.88
C LYS A 178 -26.16 -14.19 37.96
N HIS A 179 -26.59 -13.43 36.95
CA HIS A 179 -27.63 -13.87 36.02
C HIS A 179 -27.10 -14.64 34.81
N GLY A 180 -25.78 -14.67 34.64
CA GLY A 180 -25.14 -15.39 33.54
C GLY A 180 -25.19 -14.67 32.19
N ALA A 181 -25.18 -13.33 32.20
CA ALA A 181 -25.18 -12.54 30.96
C ALA A 181 -23.76 -12.12 30.57
N THR A 182 -23.55 -11.96 29.26
CA THR A 182 -22.26 -11.53 28.74
C THR A 182 -22.24 -10.01 28.62
N VAL A 183 -21.18 -9.39 29.15
CA VAL A 183 -21.03 -7.94 29.16
C VAL A 183 -20.07 -7.52 28.04
N VAL A 184 -20.57 -6.67 27.14
CA VAL A 184 -19.79 -6.16 26.00
C VAL A 184 -19.70 -4.65 26.13
N VAL A 185 -18.49 -4.11 26.16
CA VAL A 185 -18.27 -2.70 26.32
C VAL A 185 -17.57 -2.15 25.08
N ASP A 186 -18.15 -1.11 24.50
CA ASP A 186 -17.51 -0.37 23.43
C ASP A 186 -16.53 0.60 24.07
N ASN A 187 -15.23 0.31 23.94
CA ASN A 187 -14.15 1.09 24.56
C ASN A 187 -13.43 2.02 23.56
N THR A 188 -14.12 2.42 22.50
CA THR A 188 -13.53 3.28 21.46
C THR A 188 -12.97 4.59 21.99
N TYR A 189 -13.75 5.29 22.81
CA TYR A 189 -13.36 6.63 23.25
C TYR A 189 -12.11 6.67 24.11
N CYS A 190 -11.96 5.70 25.02
CA CYS A 190 -10.85 5.69 25.96
C CYS A 190 -9.59 5.07 25.39
N THR A 191 -9.76 3.97 24.64
CA THR A 191 -8.71 3.05 24.21
C THR A 191 -8.20 2.26 25.43
N PRO A 192 -7.52 1.13 25.22
CA PRO A 192 -6.91 0.42 26.37
C PRO A 192 -5.87 1.22 27.17
N TYR A 193 -5.34 2.30 26.59
CA TYR A 193 -4.40 3.12 27.29
C TYR A 193 -5.04 3.87 28.47
N LEU A 194 -6.30 4.28 28.32
CA LEU A 194 -7.03 4.99 29.38
C LEU A 194 -7.98 4.14 30.23
N GLN A 195 -8.54 3.06 29.68
CA GLN A 195 -9.56 2.27 30.36
C GLN A 195 -9.50 0.86 29.83
N ARG A 196 -9.57 -0.12 30.74
CA ARG A 196 -9.52 -1.54 30.36
C ARG A 196 -10.72 -2.24 31.00
N PRO A 197 -11.88 -2.20 30.32
CA PRO A 197 -13.11 -2.79 30.86
C PRO A 197 -13.04 -4.27 31.20
N LEU A 198 -12.18 -5.04 30.52
CA LEU A 198 -11.97 -6.45 30.88
C LEU A 198 -11.41 -6.64 32.30
N GLU A 199 -10.58 -5.71 32.76
CA GLU A 199 -10.04 -5.73 34.12
C GLU A 199 -11.08 -5.32 35.17
N LEU A 200 -12.14 -4.65 34.73
CA LEU A 200 -13.30 -4.33 35.57
C LEU A 200 -14.41 -5.39 35.50
N GLY A 201 -14.19 -6.49 34.78
CA GLY A 201 -15.17 -7.57 34.70
C GLY A 201 -16.00 -7.71 33.43
N ALA A 202 -15.85 -6.80 32.46
CA ALA A 202 -16.42 -7.04 31.12
C ALA A 202 -15.88 -8.35 30.55
N ASP A 203 -16.70 -8.99 29.71
CA ASP A 203 -16.33 -10.22 29.03
C ASP A 203 -15.67 -9.95 27.67
N LEU A 204 -16.17 -8.92 26.99
CA LEU A 204 -15.70 -8.55 25.65
C LEU A 204 -15.59 -7.03 25.56
N VAL A 205 -14.60 -6.56 24.81
CA VAL A 205 -14.53 -5.15 24.46
C VAL A 205 -14.53 -5.05 22.94
N VAL A 206 -15.20 -4.02 22.41
CA VAL A 206 -15.17 -3.72 20.97
C VAL A 206 -14.62 -2.32 20.77
N HIS A 207 -13.97 -2.10 19.63
CA HIS A 207 -13.48 -0.78 19.24
C HIS A 207 -13.78 -0.50 17.80
N SER A 208 -14.10 0.75 17.52
CA SER A 208 -13.87 1.32 16.21
C SER A 208 -12.41 1.76 16.22
N ALA A 209 -11.56 0.89 15.67
CA ALA A 209 -10.12 1.19 15.54
C ALA A 209 -9.84 2.27 14.49
N THR A 210 -10.85 2.57 13.66
CA THR A 210 -10.93 3.79 12.84
C THR A 210 -10.56 5.08 13.57
N TYR A 212 -9.11 6.51 17.59
CA TYR A 212 -7.83 6.72 18.24
C TYR A 212 -6.78 5.64 17.99
N LEU A 213 -7.17 4.39 17.88
CA LEU A 213 -6.17 3.33 17.72
C LEU A 213 -5.35 3.57 16.45
N SER A 214 -6.06 3.80 15.34
CA SER A 214 -5.41 4.24 14.10
C SER A 214 -4.71 5.56 14.31
N GLY A 215 -5.49 6.53 14.81
CA GLY A 215 -5.01 7.85 15.13
C GLY A 215 -4.83 8.83 13.99
N HIS A 216 -4.82 8.34 12.75
CA HIS A 216 -4.43 9.20 11.61
C HIS A 216 -5.47 9.29 10.49
N GLY A 217 -6.68 8.78 10.72
CA GLY A 217 -7.82 9.02 9.85
C GLY A 217 -7.76 8.36 8.49
N ASP A 218 -6.92 7.33 8.34
CA ASP A 218 -6.66 6.75 7.01
C ASP A 218 -7.07 5.29 6.84
N ILE A 219 -7.64 4.67 7.88
CA ILE A 219 -8.17 3.33 7.75
C ILE A 219 -9.51 3.26 8.46
N THR A 220 -10.31 2.28 8.05
CA THR A 220 -11.51 1.87 8.76
C THR A 220 -11.21 0.48 9.29
N ALA A 221 -11.48 0.24 10.57
CA ALA A 221 -11.15 -1.04 11.19
C ALA A 221 -11.87 -1.21 12.51
N GLY A 222 -12.08 -2.46 12.87
CA GLY A 222 -12.68 -2.84 14.16
C GLY A 222 -11.85 -3.87 14.91
N ILE A 223 -11.98 -3.91 16.24
CA ILE A 223 -11.30 -4.89 17.06
C ILE A 223 -12.29 -5.43 18.09
N VAL A 224 -12.22 -6.73 18.32
CA VAL A 224 -12.85 -7.35 19.49
C VAL A 224 -11.75 -7.95 20.34
N VAL A 225 -11.84 -7.79 21.68
CA VAL A 225 -10.94 -8.49 22.59
C VAL A 225 -11.79 -9.12 23.69
N GLY A 226 -11.44 -10.36 24.04
CA GLY A 226 -12.06 -11.00 25.21
C GLY A 226 -11.51 -12.38 25.44
N SER A 227 -12.33 -13.25 26.03
CA SER A 227 -11.87 -14.59 26.29
C SER A 227 -11.67 -15.37 24.98
N GLN A 228 -10.79 -16.36 25.04
CA GLN A 228 -10.55 -17.25 23.90
C GLN A 228 -11.84 -17.93 23.44
N ALA A 229 -12.64 -18.40 24.39
CA ALA A 229 -13.87 -19.12 24.03
C ALA A 229 -14.85 -18.20 23.28
N LEU A 230 -15.02 -16.98 23.74
CA LEU A 230 -15.95 -16.05 23.11
C LEU A 230 -15.41 -15.56 21.75
N VAL A 231 -14.14 -15.22 21.71
CA VAL A 231 -13.56 -14.66 20.49
C VAL A 231 -13.50 -15.72 19.38
N ASP A 232 -13.19 -16.97 19.74
CA ASP A 232 -13.19 -18.05 18.77
C ASP A 232 -14.56 -18.20 18.10
N ARG A 233 -15.62 -18.09 18.91
CA ARG A 233 -16.97 -18.15 18.37
C ARG A 233 -17.27 -16.99 17.42
N ILE A 234 -16.87 -15.78 17.82
CA ILE A 234 -17.14 -14.58 17.02
C ILE A 234 -16.36 -14.69 15.70
N ARG A 235 -15.12 -15.17 15.76
CA ARG A 235 -14.34 -15.39 14.54
C ARG A 235 -14.99 -16.38 13.59
N LEU A 236 -15.38 -17.54 14.13
CA LEU A 236 -15.78 -18.66 13.31
C LEU A 236 -17.25 -18.62 12.90
N GLN A 237 -18.04 -17.74 13.53
CA GLN A 237 -19.47 -17.61 13.22
C GLN A 237 -19.75 -16.20 12.73
N GLY A 238 -19.63 -15.21 13.61
CA GLY A 238 -19.97 -13.83 13.29
C GLY A 238 -19.21 -13.29 12.10
N LEU A 239 -17.90 -13.42 12.13
CA LEU A 239 -17.06 -12.90 11.04
C LEU A 239 -17.14 -13.84 9.82
N LYS A 240 -16.79 -15.10 10.03
CA LYS A 240 -16.65 -16.04 8.92
C LYS A 240 -17.94 -16.22 8.12
N ASP A 241 -19.08 -16.31 8.81
CA ASP A 241 -20.37 -16.63 8.19
C ASP A 241 -21.33 -15.48 8.09
N MET A 242 -21.38 -14.60 9.09
CA MET A 242 -22.52 -13.67 9.19
C MET A 242 -22.27 -12.22 8.76
N THR A 243 -21.01 -11.81 8.69
CA THR A 243 -20.66 -10.47 8.22
C THR A 243 -19.64 -10.43 7.10
N GLY A 244 -18.68 -11.35 7.09
CA GLY A 244 -17.55 -11.25 6.16
C GLY A 244 -16.79 -9.93 6.24
N ALA A 245 -16.78 -9.29 7.41
CA ALA A 245 -16.09 -8.01 7.61
C ALA A 245 -14.59 -8.21 7.86
N VAL A 246 -13.89 -8.57 6.79
CA VAL A 246 -12.48 -8.95 6.79
C VAL A 246 -11.60 -7.72 6.70
N LEU A 247 -10.63 -7.58 7.59
CA LEU A 247 -9.70 -6.44 7.54
C LEU A 247 -8.56 -6.71 6.57
N SER A 248 -8.29 -5.73 5.72
CA SER A 248 -7.15 -5.80 4.82
C SER A 248 -5.83 -5.90 5.61
N PRO A 249 -4.90 -6.79 5.22
CA PRO A 249 -3.59 -6.77 5.88
C PRO A 249 -2.85 -5.44 5.76
N HIS A 250 -3.01 -4.75 4.62
CA HIS A 250 -2.47 -3.39 4.49
C HIS A 250 -2.99 -2.47 5.61
N ASP A 251 -4.30 -2.46 5.81
CA ASP A 251 -4.89 -1.61 6.84
C ASP A 251 -4.52 -2.08 8.26
N ALA A 252 -4.40 -3.40 8.47
CA ALA A 252 -3.96 -3.92 9.77
C ALA A 252 -2.55 -3.47 10.09
N ALA A 253 -1.69 -3.44 9.07
CA ALA A 253 -0.32 -2.95 9.27
C ALA A 253 -0.30 -1.45 9.61
N LEU A 254 -1.14 -0.66 8.94
CA LEU A 254 -1.27 0.75 9.28
C LEU A 254 -1.81 0.96 10.71
N LEU A 255 -2.74 0.10 11.11
CA LEU A 255 -3.28 0.14 12.46
C LEU A 255 -2.18 -0.14 13.49
N MET A 256 -1.40 -1.20 13.27
CA MET A 256 -0.25 -1.45 14.14
C MET A 256 0.71 -0.27 14.17
N ARG A 257 0.92 0.36 13.02
CA ARG A 257 1.78 1.56 12.97
C ARG A 257 1.24 2.65 13.91
N GLY A 258 -0.07 2.89 13.83
CA GLY A 258 -0.74 3.88 14.70
C GLY A 258 -0.63 3.55 16.17
N ILE A 259 -0.83 2.28 16.49
CA ILE A 259 -0.76 1.82 17.87
C ILE A 259 0.58 2.05 18.54
N LYS A 260 1.66 2.02 17.76
CA LYS A 260 3.00 2.32 18.30
C LYS A 260 3.15 3.69 18.96
N THR A 261 2.27 4.65 18.65
CA THR A 261 2.29 5.97 19.26
C THR A 261 1.04 6.27 20.11
N LEU A 262 0.25 5.25 20.40
CA LEU A 262 -1.04 5.45 21.08
C LEU A 262 -0.88 6.21 22.41
N ASN A 263 0.07 5.77 23.23
CA ASN A 263 0.31 6.43 24.54
C ASN A 263 0.65 7.91 24.38
N LEU A 264 1.52 8.22 23.41
CA LEU A 264 1.96 9.61 23.20
C LEU A 264 0.81 10.46 22.67
N ARG A 265 0.08 9.91 21.71
CA ARG A 265 -1.05 10.63 21.12
C ARG A 265 -2.14 10.91 22.16
N MET A 266 -2.51 9.88 22.90
CA MET A 266 -3.56 10.02 23.93
C MET A 266 -3.14 11.04 24.99
N ASP A 267 -1.87 11.02 25.41
CA ASP A 267 -1.38 12.04 26.36
C ASP A 267 -1.65 13.46 25.83
N ARG A 268 -1.36 13.69 24.56
CA ARG A 268 -1.53 15.02 23.98
C ARG A 268 -3.00 15.36 23.72
N HIS A 269 -3.79 14.40 23.20
CA HIS A 269 -5.25 14.61 23.05
C HIS A 269 -5.86 15.06 24.37
N CYS A 270 -5.50 14.33 25.44
CA CYS A 270 -6.01 14.63 26.79
C CYS A 270 -5.55 15.97 27.34
N ALA A 271 -4.26 16.29 27.16
CA ALA A 271 -3.73 17.56 27.61
C ALA A 271 -4.41 18.72 26.89
N ASN A 272 -4.51 18.61 25.56
CA ASN A 272 -5.21 19.63 24.79
C ASN A 272 -6.69 19.77 25.16
N ALA A 273 -7.39 18.66 25.31
CA ALA A 273 -8.80 18.69 25.61
C ALA A 273 -9.05 19.35 26.97
N GLN A 274 -8.19 19.06 27.94
CA GLN A 274 -8.33 19.68 29.27
C GLN A 274 -8.22 21.20 29.19
N VAL A 275 -7.22 21.72 28.47
CA VAL A 275 -7.06 23.18 28.32
C VAL A 275 -8.31 23.77 27.66
N LEU A 276 -8.79 23.18 26.56
CA LEU A 276 -9.99 23.69 25.91
C LEU A 276 -11.26 23.60 26.77
N ALA A 277 -11.39 22.51 27.53
CA ALA A 277 -12.56 22.32 28.38
C ALA A 277 -12.60 23.39 29.49
N GLU A 278 -11.44 23.63 30.12
CA GLU A 278 -11.30 24.63 31.18
C GLU A 278 -11.59 26.02 30.61
N PHE A 279 -11.09 26.28 29.40
CA PHE A 279 -11.39 27.52 28.68
C PHE A 279 -12.88 27.68 28.40
N LEU A 280 -13.50 26.65 27.81
CA LEU A 280 -14.93 26.65 27.50
C LEU A 280 -15.81 26.86 28.74
N ALA A 281 -15.38 26.31 29.87
CA ALA A 281 -16.14 26.44 31.12
C ALA A 281 -16.29 27.89 31.58
N ARG A 282 -15.27 28.71 31.33
CA ARG A 282 -15.25 30.13 31.68
C ARG A 282 -15.86 31.08 30.62
N GLN A 283 -16.48 30.58 29.55
CA GLN A 283 -17.00 31.45 28.48
C GLN A 283 -18.51 31.71 28.59
N PRO A 284 -18.92 32.97 28.34
CA PRO A 284 -20.34 33.34 28.46
C PRO A 284 -21.27 32.69 27.43
N GLN A 285 -20.76 32.32 26.24
CA GLN A 285 -21.60 31.69 25.20
C GLN A 285 -22.04 30.26 25.54
N VAL A 286 -21.32 29.60 26.46
CA VAL A 286 -21.51 28.18 26.76
C VAL A 286 -22.53 27.97 27.89
N GLU A 287 -23.61 27.26 27.57
CA GLU A 287 -24.70 26.94 28.51
C GLU A 287 -24.26 25.90 29.53
N LEU A 288 -23.77 24.76 29.04
CA LEU A 288 -23.13 23.74 29.87
C LEU A 288 -22.07 22.96 29.08
N ILE A 289 -21.26 22.19 29.80
CA ILE A 289 -20.15 21.45 29.21
C ILE A 289 -20.01 20.08 29.85
N HIS A 290 -19.79 19.07 29.01
CA HIS A 290 -19.56 17.71 29.45
C HIS A 290 -18.12 17.33 29.11
N TYR A 291 -17.24 17.44 30.10
CA TYR A 291 -15.87 16.94 30.01
C TYR A 291 -15.54 16.23 31.33
N PRO A 292 -15.12 14.94 31.28
CA PRO A 292 -14.84 14.20 32.52
C PRO A 292 -13.80 14.76 33.47
N GLY A 293 -12.87 15.57 32.97
CA GLY A 293 -11.79 16.13 33.76
C GLY A 293 -12.11 17.41 34.55
N LEU A 294 -13.27 18.00 34.30
CA LEU A 294 -13.76 19.13 35.12
C LEU A 294 -14.31 18.62 36.46
N ALA A 295 -13.97 19.30 37.56
CA ALA A 295 -14.48 18.92 38.89
C ALA A 295 -16.01 18.92 38.97
N SER A 296 -16.65 19.80 38.19
CA SER A 296 -18.11 19.87 38.08
C SER A 296 -18.79 18.74 37.28
N PHE A 297 -18.01 17.87 36.62
CA PHE A 297 -18.58 16.74 35.88
C PHE A 297 -19.35 15.83 36.87
N PRO A 298 -20.64 15.55 36.61
CA PRO A 298 -21.49 14.77 37.56
C PRO A 298 -20.92 13.45 38.04
N GLN A 299 -20.29 12.69 37.14
CA GLN A 299 -19.68 11.40 37.49
C GLN A 299 -18.14 11.47 37.59
N TYR A 300 -17.62 12.60 38.10
CA TYR A 300 -16.17 12.84 38.18
C TYR A 300 -15.43 11.71 38.89
N THR A 301 -15.97 11.24 40.02
CA THR A 301 -15.33 10.19 40.82
C THR A 301 -15.29 8.86 40.10
N LEU A 302 -16.43 8.44 39.57
CA LEU A 302 -16.53 7.18 38.81
C LEU A 302 -15.60 7.17 37.60
N ALA A 303 -15.56 8.30 36.89
CA ALA A 303 -14.68 8.46 35.72
C ALA A 303 -13.21 8.27 36.07
N ARG A 304 -12.76 8.88 37.18
CA ARG A 304 -11.38 8.68 37.66
C ARG A 304 -11.09 7.24 38.11
N GLN A 305 -12.08 6.53 38.62
CA GLN A 305 -11.90 5.11 38.99
C GLN A 305 -11.66 4.22 37.77
N GLN A 306 -12.31 4.54 36.65
CA GLN A 306 -12.24 3.73 35.43
C GLN A 306 -11.25 4.22 34.37
N MET A 307 -11.00 5.53 34.31
CA MET A 307 -10.20 6.17 33.27
C MET A 307 -8.98 6.84 33.87
N SER A 308 -7.78 6.54 33.34
CA SER A 308 -6.56 7.10 33.88
C SER A 308 -6.38 8.57 33.52
N GLN A 309 -7.00 9.01 32.42
CA GLN A 309 -7.05 10.41 32.03
C GLN A 309 -8.45 10.69 31.47
N PRO A 310 -8.85 11.98 31.46
CA PRO A 310 -10.23 12.32 31.11
C PRO A 310 -10.62 12.33 29.61
N GLY A 311 -9.68 12.02 28.72
CA GLY A 311 -10.02 11.80 27.31
C GLY A 311 -9.87 13.04 26.42
N GLY A 312 -10.05 12.82 25.13
CA GLY A 312 -9.83 13.86 24.12
C GLY A 312 -11.09 14.47 23.55
N MET A 313 -12.25 14.06 24.07
CA MET A 313 -13.56 14.47 23.54
C MET A 313 -14.23 15.44 24.50
N ILE A 314 -14.79 16.52 23.94
CA ILE A 314 -15.58 17.50 24.71
C ILE A 314 -16.96 17.61 24.05
N ALA A 315 -18.01 17.65 24.86
CA ALA A 315 -19.34 18.04 24.39
C ALA A 315 -19.78 19.27 25.17
N PHE A 316 -20.47 20.18 24.49
CA PHE A 316 -20.95 21.39 25.16
C PHE A 316 -22.14 21.98 24.42
N GLU A 317 -22.93 22.76 25.14
CA GLU A 317 -24.10 23.42 24.59
C GLU A 317 -23.86 24.90 24.54
N LEU A 318 -24.19 25.50 23.40
CA LEU A 318 -24.16 26.96 23.26
C LEU A 318 -25.51 27.53 23.65
N LYS A 319 -25.47 28.69 24.30
CA LYS A 319 -26.65 29.54 24.43
C LYS A 319 -26.87 30.13 23.04
N GLY A 320 -28.10 30.05 22.56
CA GLY A 320 -28.42 30.43 21.19
C GLY A 320 -28.92 29.24 20.39
N GLY A 321 -28.82 28.04 20.95
CA GLY A 321 -29.40 26.86 20.32
C GLY A 321 -28.78 26.56 18.96
N ILE A 322 -29.64 26.22 18.00
CA ILE A 322 -29.21 25.78 16.66
C ILE A 322 -28.50 26.86 15.86
N GLY A 323 -29.00 28.09 15.93
CA GLY A 323 -28.42 29.20 15.16
C GLY A 323 -27.01 29.50 15.57
N ALA A 324 -26.77 29.51 16.89
CA ALA A 324 -25.44 29.74 17.46
C ALA A 324 -24.46 28.59 17.13
N GLY A 325 -24.96 27.37 17.16
CA GLY A 325 -24.17 26.21 16.74
C GLY A 325 -23.71 26.32 15.30
N ARG A 326 -24.63 26.65 14.39
CA ARG A 326 -24.30 26.85 12.98
C ARG A 326 -23.23 27.92 12.77
N ARG A 327 -23.41 29.05 13.43
CA ARG A 327 -22.45 30.16 13.32
C ARG A 327 -21.08 29.75 13.88
N PHE A 328 -21.09 29.02 14.99
CA PHE A 328 -19.85 28.52 15.60
C PHE A 328 -19.12 27.62 14.60
N MET A 329 -19.83 26.62 14.09
CA MET A 329 -19.24 25.61 13.21
C MET A 329 -18.71 26.18 11.91
N ASN A 330 -19.50 27.05 11.27
CA ASN A 330 -19.09 27.66 10.02
C ASN A 330 -17.95 28.67 10.19
N ALA A 331 -17.73 29.18 11.40
CA ALA A 331 -16.59 30.05 11.68
C ALA A 331 -15.27 29.32 11.92
N LEU A 332 -15.30 28.03 12.20
CA LEU A 332 -14.06 27.29 12.50
C LEU A 332 -13.14 27.25 11.29
N GLN A 333 -11.87 27.59 11.51
CA GLN A 333 -10.86 27.63 10.46
C GLN A 333 -9.73 26.59 10.62
N LEU A 334 -9.57 26.01 11.81
CA LEU A 334 -8.54 25.00 12.08
C LEU A 334 -9.22 23.68 12.39
N PHE A 335 -10.15 23.65 13.35
CA PHE A 335 -11.08 22.50 13.47
C PHE A 335 -11.76 22.28 12.12
N SER A 336 -11.96 21.00 11.76
CA SER A 336 -12.69 20.62 10.57
C SER A 336 -14.11 20.23 10.92
N ARG A 337 -15.06 20.62 10.08
CA ARG A 337 -16.43 20.15 10.20
C ARG A 337 -16.50 18.76 9.60
N ALA A 338 -16.62 17.76 10.44
CA ALA A 338 -16.61 16.37 10.01
C ALA A 338 -17.14 15.48 11.11
N VAL A 339 -17.65 14.33 10.73
CA VAL A 339 -17.91 13.26 11.67
C VAL A 339 -16.59 12.50 11.86
N SER A 340 -16.60 11.59 12.81
CA SER A 340 -15.46 10.81 13.27
C SER A 340 -14.76 11.52 14.43
N LEU A 341 -13.75 10.85 14.94
CA LEU A 341 -13.00 11.35 16.06
C LEU A 341 -11.69 10.61 16.15
N GLY A 342 -10.83 11.08 17.03
CA GLY A 342 -9.57 10.42 17.32
C GLY A 342 -8.51 10.55 16.23
N ASP A 343 -8.64 11.58 15.40
CA ASP A 343 -7.63 11.88 14.37
C ASP A 343 -6.60 12.85 14.92
N ALA A 344 -5.44 12.92 14.29
CA ALA A 344 -4.47 13.97 14.58
C ALA A 344 -5.08 15.36 14.37
N GLU A 345 -5.97 15.47 13.39
CA GLU A 345 -6.69 16.72 13.09
C GLU A 345 -7.87 16.88 14.03
N SER A 346 -8.04 18.08 14.56
CA SER A 346 -9.17 18.41 15.41
C SER A 346 -10.46 18.47 14.59
N LEU A 347 -11.53 17.83 15.09
CA LEU A 347 -12.80 17.75 14.38
C LEU A 347 -13.91 18.29 15.27
N ALA A 348 -14.92 18.86 14.63
CA ALA A 348 -16.10 19.34 15.32
C ALA A 348 -17.35 18.95 14.57
N GLN A 349 -18.42 18.73 15.33
CA GLN A 349 -19.71 18.51 14.75
C GLN A 349 -20.79 19.08 15.66
N HIS A 350 -21.89 19.47 15.01
CA HIS A 350 -23.08 20.05 15.66
C HIS A 350 -24.23 19.23 15.08
N PRO A 351 -24.63 18.12 15.76
CA PRO A 351 -25.65 17.22 15.20
C PRO A 351 -26.96 17.88 14.75
N ALA A 352 -27.37 18.94 15.45
CA ALA A 352 -28.60 19.67 15.10
C ALA A 352 -28.59 20.22 13.66
N SER A 353 -27.42 20.62 13.18
CA SER A 353 -27.27 21.19 11.82
C SER A 353 -26.40 20.35 10.88
N MET A 354 -26.03 19.13 11.28
CA MET A 354 -25.17 18.27 10.46
C MET A 354 -25.79 16.88 10.32
N THR A 355 -25.50 15.96 11.25
CA THR A 355 -25.96 14.57 11.12
C THR A 355 -27.47 14.45 11.28
N HIS A 356 -28.04 15.17 12.24
CA HIS A 356 -29.48 15.17 12.50
C HIS A 356 -30.10 16.52 12.07
N SER A 357 -29.84 16.88 10.82
CA SER A 357 -30.29 18.17 10.27
C SER A 357 -31.62 18.04 9.53
N SER A 358 -31.79 16.97 8.77
CA SER A 358 -33.08 16.63 8.14
C SER A 358 -34.20 16.47 9.18
N TYR A 359 -33.83 15.95 10.35
CA TYR A 359 -34.71 15.93 11.54
C TYR A 359 -35.35 17.30 11.82
N THR A 360 -36.50 17.26 12.48
CA THR A 360 -37.16 18.46 13.02
C THR A 360 -36.69 18.60 14.49
N PRO A 361 -36.74 19.82 15.07
CA PRO A 361 -36.34 19.97 16.50
C PRO A 361 -37.18 19.23 17.57
N GLU A 362 -38.14 18.38 17.15
CA GLU A 362 -39.08 17.75 18.06
C GLU A 362 -38.53 16.40 18.54
N GLU A 363 -38.14 15.54 17.60
CA GLU A 363 -37.57 14.21 17.90
C GLU A 363 -36.19 14.31 18.53
N ARG A 364 -35.39 15.29 18.10
CA ARG A 364 -34.11 15.62 18.72
C ARG A 364 -34.22 15.81 20.24
N ALA A 365 -35.30 16.46 20.67
CA ALA A 365 -35.51 16.83 22.08
C ALA A 365 -35.49 15.66 23.08
N HIS A 366 -36.25 14.60 22.78
CA HIS A 366 -36.35 13.44 23.71
C HIS A 366 -35.19 12.45 23.57
N TYR A 367 -34.51 12.45 22.41
CA TYR A 367 -33.15 11.92 22.34
C TYR A 367 -32.20 12.90 23.06
N GLY A 368 -30.92 12.52 23.20
CA GLY A 368 -29.94 13.40 23.84
C GLY A 368 -29.54 14.66 23.07
N ILE A 369 -30.07 14.82 21.84
CA ILE A 369 -29.55 15.79 20.88
C ILE A 369 -30.17 17.16 21.10
N SER A 370 -29.47 18.01 21.85
CA SER A 370 -29.87 19.39 22.07
C SER A 370 -29.64 20.22 20.82
N GLU A 371 -30.34 21.35 20.74
CA GLU A 371 -30.20 22.27 19.60
C GLU A 371 -28.84 22.97 19.60
N GLY A 372 -28.27 23.18 20.79
CA GLY A 372 -26.98 23.84 20.93
C GLY A 372 -25.78 22.93 21.09
N LEU A 373 -25.98 21.61 20.99
CA LEU A 373 -24.93 20.64 21.36
C LEU A 373 -23.82 20.58 20.31
N VAL A 374 -22.59 20.86 20.71
CA VAL A 374 -21.42 20.75 19.83
C VAL A 374 -20.46 19.71 20.42
N ARG A 375 -19.96 18.79 19.59
CA ARG A 375 -18.98 17.79 20.03
C ARG A 375 -17.64 18.08 19.36
N LEU A 376 -16.58 18.12 20.16
CA LEU A 376 -15.24 18.36 19.67
C LEU A 376 -14.40 17.13 19.88
N SER A 377 -13.72 16.67 18.82
CA SER A 377 -12.62 15.73 18.93
C SER A 377 -11.35 16.55 18.89
N VAL A 378 -10.73 16.70 20.06
CA VAL A 378 -9.59 17.59 20.19
C VAL A 378 -8.36 16.85 19.66
N GLY A 379 -7.69 17.47 18.70
CA GLY A 379 -6.58 16.85 18.00
C GLY A 379 -5.26 17.15 18.63
N LEU A 380 -4.18 16.97 17.84
CA LEU A 380 -2.81 17.09 18.29
C LEU A 380 -2.12 18.40 17.93
N GLU A 381 -2.88 19.35 17.37
CA GLU A 381 -2.29 20.64 16.96
C GLU A 381 -1.85 21.42 18.20
N ASP A 382 -1.06 22.46 17.98
CA ASP A 382 -0.62 23.37 19.06
C ASP A 382 -1.86 23.97 19.76
N ILE A 383 -1.91 23.84 21.09
CA ILE A 383 -3.10 24.26 21.87
C ILE A 383 -3.42 25.75 21.71
N ASP A 384 -2.39 26.57 21.57
CA ASP A 384 -2.57 28.01 21.33
C ASP A 384 -3.34 28.26 20.04
N ASP A 385 -3.06 27.49 18.98
CA ASP A 385 -3.82 27.62 17.74
C ASP A 385 -5.25 27.15 17.87
N LEU A 386 -5.47 26.07 18.63
CA LEU A 386 -6.81 25.56 18.83
C LEU A 386 -7.65 26.53 19.68
N LEU A 387 -7.05 27.05 20.74
CA LEU A 387 -7.70 28.06 21.60
C LEU A 387 -8.16 29.28 20.78
N ALA A 388 -7.24 29.79 19.95
CA ALA A 388 -7.55 30.90 19.04
C ALA A 388 -8.72 30.63 18.10
N ASP A 389 -8.76 29.43 17.53
CA ASP A 389 -9.85 29.05 16.63
C ASP A 389 -11.19 28.98 17.37
N VAL A 390 -11.17 28.35 18.54
CA VAL A 390 -12.38 28.20 19.35
C VAL A 390 -12.86 29.59 19.80
N GLN A 391 -11.93 30.43 20.20
CA GLN A 391 -12.24 31.78 20.68
C GLN A 391 -12.96 32.61 19.63
N GLN A 392 -12.41 32.66 18.42
CA GLN A 392 -13.02 33.42 17.32
C GLN A 392 -14.36 32.85 16.86
N ALA A 393 -14.50 31.52 16.91
CA ALA A 393 -15.77 30.89 16.58
C ALA A 393 -16.88 31.20 17.62
N LEU A 394 -16.50 31.27 18.90
CA LEU A 394 -17.44 31.67 19.95
C LEU A 394 -17.93 33.11 19.76
N LYS A 395 -17.02 34.01 19.40
CA LYS A 395 -17.40 35.40 19.06
C LYS A 395 -18.37 35.47 17.87
N ALA A 396 -18.12 34.64 16.86
CA ALA A 396 -18.98 34.54 15.69
C ALA A 396 -20.33 33.88 15.98
N SER A 397 -20.38 33.03 17.00
CA SER A 397 -21.63 32.39 17.42
C SER A 397 -22.67 33.37 17.97
N ALA A 398 -22.21 34.39 18.70
CA ALA A 398 -23.11 35.38 19.35
C ALA A 398 -24.06 36.06 18.35
N LEU B 7 -21.62 1.31 -24.95
CA LEU B 7 -21.17 1.18 -26.37
C LEU B 7 -19.70 0.74 -26.49
N PRO B 8 -18.75 1.35 -25.74
CA PRO B 8 -17.36 0.87 -25.88
C PRO B 8 -17.22 -0.60 -25.49
N GLY B 9 -16.21 -1.26 -26.01
CA GLY B 9 -15.95 -2.66 -25.78
C GLY B 9 -15.62 -2.94 -24.32
N PHE B 10 -15.78 -4.20 -23.95
CA PHE B 10 -15.55 -4.64 -22.57
C PHE B 10 -14.17 -4.24 -22.07
N ALA B 11 -13.12 -4.50 -22.86
CA ALA B 11 -11.75 -4.18 -22.45
C ALA B 11 -11.58 -2.69 -22.23
N THR B 12 -12.18 -1.90 -23.12
CA THR B 12 -12.13 -0.45 -22.98
C THR B 12 -12.76 0.03 -21.67
N ARG B 13 -13.93 -0.50 -21.35
CA ARG B 13 -14.67 -0.16 -20.15
C ARG B 13 -13.97 -0.64 -18.88
N ALA B 14 -13.38 -1.83 -18.94
CA ALA B 14 -12.62 -2.37 -17.80
C ALA B 14 -11.41 -1.49 -17.45
N ILE B 15 -10.88 -0.75 -18.43
CA ILE B 15 -9.74 0.14 -18.22
C ILE B 15 -10.15 1.58 -17.86
N HIS B 16 -11.23 2.08 -18.50
CA HIS B 16 -11.54 3.50 -18.49
C HIS B 16 -12.87 3.90 -17.82
N HIS B 17 -13.83 3.00 -17.71
CA HIS B 17 -15.19 3.44 -17.43
C HIS B 17 -15.26 4.19 -16.11
N GLY B 18 -15.88 5.37 -16.14
CA GLY B 18 -16.15 6.12 -14.94
C GLY B 18 -15.09 7.11 -14.52
N TYR B 19 -13.96 7.14 -15.22
CA TYR B 19 -12.84 7.96 -14.84
C TYR B 19 -12.35 8.82 -15.98
N ASP B 20 -12.25 10.11 -15.71
CA ASP B 20 -11.59 11.05 -16.60
C ASP B 20 -10.43 11.69 -15.84
N PRO B 21 -9.19 11.48 -16.29
CA PRO B 21 -8.03 12.08 -15.63
C PRO B 21 -8.13 13.60 -15.38
N GLN B 22 -8.78 14.32 -16.29
CA GLN B 22 -8.89 15.78 -16.13
C GLN B 22 -9.68 16.24 -14.91
N ASP B 23 -10.49 15.37 -14.32
CA ASP B 23 -11.12 15.67 -13.03
C ASP B 23 -10.21 15.48 -11.82
N HIS B 24 -9.01 14.90 -12.00
CA HIS B 24 -8.10 14.61 -10.88
C HIS B 24 -6.66 15.00 -11.22
N GLY B 25 -6.50 16.23 -11.67
CA GLY B 25 -5.18 16.81 -11.94
C GLY B 25 -4.43 16.18 -13.09
N GLY B 26 -5.16 15.48 -13.97
CA GLY B 26 -4.56 14.76 -15.08
C GLY B 26 -3.97 13.42 -14.69
N ALA B 27 -4.17 12.95 -13.46
CA ALA B 27 -3.62 11.65 -13.06
C ALA B 27 -4.16 10.53 -13.96
N LEU B 28 -3.27 9.80 -14.64
CA LEU B 28 -3.71 8.69 -15.47
C LEU B 28 -4.37 7.59 -14.64
N VAL B 29 -3.74 7.24 -13.51
CA VAL B 29 -4.30 6.32 -12.55
C VAL B 29 -5.00 7.16 -11.48
N PRO B 30 -6.26 6.81 -11.11
CA PRO B 30 -6.99 7.55 -10.09
C PRO B 30 -6.26 7.56 -8.74
N PRO B 31 -6.18 8.73 -8.09
CA PRO B 31 -5.58 8.76 -6.75
C PRO B 31 -6.40 7.95 -5.78
N VAL B 32 -5.71 7.39 -4.78
CA VAL B 32 -6.37 6.48 -3.87
C VAL B 32 -6.83 7.26 -2.65
N TYR B 33 -8.14 7.27 -2.43
CA TYR B 33 -8.72 8.00 -1.31
C TYR B 33 -8.64 7.17 -0.02
N GLN B 34 -7.42 7.05 0.52
CA GLN B 34 -7.22 6.31 1.76
C GLN B 34 -7.46 7.27 2.93
N THR B 35 -8.74 7.53 3.16
CA THR B 35 -9.24 8.42 4.19
C THR B 35 -10.51 7.83 4.74
N ALA B 36 -10.68 7.90 6.07
CA ALA B 36 -11.87 7.41 6.74
C ALA B 36 -12.98 8.45 6.68
N THR B 37 -12.63 9.74 6.81
CA THR B 37 -13.66 10.78 6.85
C THR B 37 -13.40 11.88 5.84
N PHE B 38 -14.46 12.64 5.59
CA PHE B 38 -14.46 13.77 4.69
C PHE B 38 -15.05 14.94 5.46
N THR B 39 -14.58 16.13 5.15
CA THR B 39 -15.00 17.36 5.85
C THR B 39 -15.99 18.14 4.99
N PHE B 40 -16.65 19.12 5.62
CA PHE B 40 -17.66 19.96 4.95
C PHE B 40 -17.26 21.45 5.01
N PRO B 41 -17.59 22.21 3.95
CA PRO B 41 -17.30 23.66 3.92
C PRO B 41 -18.23 24.44 4.86
N THR B 42 -19.46 23.95 5.03
CA THR B 42 -20.41 24.47 6.01
C THR B 42 -21.19 23.30 6.60
N VAL B 43 -21.85 23.55 7.72
CA VAL B 43 -22.77 22.59 8.33
C VAL B 43 -23.97 22.23 7.45
N GLU B 44 -24.44 23.18 6.63
CA GLU B 44 -25.60 22.93 5.76
C GLU B 44 -25.20 22.11 4.51
N TYR B 45 -23.97 22.27 4.02
CA TYR B 45 -23.43 21.35 3.01
C TYR B 45 -23.35 19.93 3.58
N GLY B 46 -22.90 19.81 4.83
CA GLY B 46 -22.91 18.53 5.55
C GLY B 46 -24.31 17.98 5.73
N ALA B 47 -25.24 18.84 6.14
CA ALA B 47 -26.66 18.50 6.35
C ALA B 47 -27.31 17.77 5.18
N ALA B 48 -27.04 18.26 3.98
CA ALA B 48 -27.62 17.71 2.74
C ALA B 48 -27.07 16.33 2.37
N CYS B 49 -25.80 16.06 2.71
CA CYS B 49 -25.18 14.75 2.47
C CYS B 49 -25.82 13.63 3.29
N PHE B 50 -26.09 13.91 4.57
CA PHE B 50 -26.78 12.95 5.45
C PHE B 50 -28.27 12.82 5.10
N ALA B 51 -28.87 13.90 4.60
CA ALA B 51 -30.28 13.91 4.15
C ALA B 51 -30.49 13.11 2.86
N GLY B 52 -29.50 13.14 1.97
CA GLY B 52 -29.52 12.36 0.72
C GLY B 52 -30.01 13.14 -0.49
N GLU B 53 -29.50 14.35 -0.66
CA GLU B 53 -29.74 15.16 -1.87
C GLU B 53 -28.59 16.15 -2.08
N GLN B 54 -27.37 15.59 -2.12
CA GLN B 54 -26.15 16.37 -2.27
C GLN B 54 -25.03 15.43 -2.74
N ALA B 55 -24.50 15.69 -3.92
CA ALA B 55 -23.39 14.89 -4.48
C ALA B 55 -22.13 15.11 -3.65
N GLY B 56 -21.88 14.22 -2.70
CA GLY B 56 -20.72 14.33 -1.83
C GLY B 56 -20.39 13.09 -1.01
N HIS B 57 -19.47 13.28 -0.08
CA HIS B 57 -18.97 12.23 0.80
C HIS B 57 -18.88 12.71 2.23
N PHE B 58 -19.03 11.77 3.16
CA PHE B 58 -18.83 12.04 4.60
C PHE B 58 -18.05 10.96 5.38
N TYR B 59 -18.19 9.70 4.99
CA TYR B 59 -17.59 8.61 5.76
C TYR B 59 -17.46 7.37 4.89
N SER B 60 -16.24 6.82 4.82
CA SER B 60 -15.93 5.73 3.88
C SER B 60 -16.68 4.39 4.07
N ARG B 61 -17.19 4.10 5.28
CA ARG B 61 -18.06 2.92 5.46
C ARG B 61 -19.34 3.03 4.64
N ILE B 62 -19.91 4.24 4.58
CA ILE B 62 -21.10 4.49 3.76
C ILE B 62 -20.73 4.52 2.28
N SER B 63 -19.75 5.37 1.93
CA SER B 63 -19.32 5.63 0.52
C SER B 63 -17.94 6.35 0.44
N ASN B 64 -17.13 6.06 -0.59
CA ASN B 64 -15.74 6.62 -0.79
C ASN B 64 -15.41 6.73 -2.32
N PRO B 65 -14.74 7.80 -2.82
CA PRO B 65 -14.57 7.97 -4.30
C PRO B 65 -13.82 6.85 -5.03
N THR B 66 -12.77 6.31 -4.40
CA THR B 66 -12.10 5.11 -4.92
C THR B 66 -13.07 3.93 -5.03
N LEU B 67 -13.82 3.66 -3.97
CA LEU B 67 -14.82 2.60 -3.98
C LEU B 67 -15.91 2.90 -5.01
N ASN B 68 -16.32 4.16 -5.13
CA ASN B 68 -17.36 4.54 -6.10
C ASN B 68 -16.96 4.27 -7.54
N LEU B 69 -15.70 4.52 -7.87
CA LEU B 69 -15.22 4.23 -9.21
C LEU B 69 -15.24 2.73 -9.47
N LEU B 70 -14.71 1.95 -8.53
CA LEU B 70 -14.79 0.48 -8.61
C LEU B 70 -16.23 -0.02 -8.83
N GLU B 71 -17.15 0.55 -8.07
CA GLU B 71 -18.57 0.17 -8.14
C GLU B 71 -19.15 0.52 -9.50
N ALA B 72 -18.87 1.71 -10.00
CA ALA B 72 -19.38 2.12 -11.31
C ALA B 72 -18.83 1.27 -12.44
N ARG B 73 -17.56 0.93 -12.34
CA ARG B 73 -16.94 0.11 -13.35
C ARG B 73 -17.49 -1.31 -13.33
N MET B 74 -17.64 -1.90 -12.14
CA MET B 74 -18.24 -3.22 -12.04
C MET B 74 -19.69 -3.24 -12.55
N ALA B 75 -20.45 -2.20 -12.22
CA ALA B 75 -21.81 -2.07 -12.75
C ALA B 75 -21.77 -2.06 -14.27
N SER B 76 -20.88 -1.26 -14.86
CA SER B 76 -20.76 -1.24 -16.31
C SER B 76 -20.47 -2.61 -16.92
N LEU B 77 -19.52 -3.33 -16.31
CA LEU B 77 -19.13 -4.62 -16.86
C LEU B 77 -20.27 -5.67 -16.77
N GLU B 78 -21.06 -5.62 -15.71
CA GLU B 78 -22.22 -6.53 -15.57
C GLU B 78 -23.44 -6.02 -16.33
N GLY B 79 -23.39 -4.78 -16.79
CA GLY B 79 -24.52 -4.18 -17.50
C GLY B 79 -25.60 -3.70 -16.55
N GLY B 80 -25.27 -3.54 -15.27
CA GLY B 80 -26.21 -3.12 -14.25
C GLY B 80 -26.16 -1.63 -13.95
N GLU B 81 -27.11 -1.17 -13.15
CA GLU B 81 -27.25 0.25 -12.85
C GLU B 81 -26.27 0.76 -11.78
N ALA B 82 -26.06 -0.05 -10.74
CA ALA B 82 -25.34 0.38 -9.55
C ALA B 82 -24.50 -0.73 -8.99
N GLY B 83 -23.38 -0.35 -8.40
CA GLY B 83 -22.49 -1.31 -7.73
C GLY B 83 -22.22 -0.96 -6.28
N LEU B 84 -21.82 -1.97 -5.52
CA LEU B 84 -21.40 -1.82 -4.13
C LEU B 84 -20.18 -2.70 -3.90
N ALA B 85 -19.17 -2.13 -3.24
CA ALA B 85 -17.92 -2.82 -2.91
C ALA B 85 -17.88 -3.16 -1.43
N LEU B 86 -17.46 -4.37 -1.10
CA LEU B 86 -17.45 -4.87 0.28
C LEU B 86 -16.15 -5.60 0.57
N ALA B 87 -15.89 -5.85 1.84
CA ALA B 87 -14.63 -6.43 2.32
C ALA B 87 -14.38 -7.88 1.90
N SER B 88 -15.41 -8.58 1.43
CA SER B 88 -15.27 -9.99 1.02
C SER B 88 -16.49 -10.42 0.25
N GLY B 89 -16.36 -11.54 -0.48
CA GLY B 89 -17.53 -12.22 -1.08
C GLY B 89 -18.63 -12.51 -0.06
N MET B 90 -18.24 -12.99 1.12
CA MET B 90 -19.20 -13.21 2.18
C MET B 90 -19.86 -11.92 2.64
N GLY B 91 -19.08 -10.83 2.69
CA GLY B 91 -19.62 -9.50 2.95
C GLY B 91 -20.72 -9.15 1.96
N ALA B 92 -20.47 -9.41 0.69
CA ALA B 92 -21.48 -9.16 -0.36
C ALA B 92 -22.75 -9.97 -0.16
N ILE B 93 -22.59 -11.26 0.12
CA ILE B 93 -23.71 -12.18 0.24
C ILE B 93 -24.55 -11.86 1.49
N THR B 94 -23.86 -11.70 2.61
CA THR B 94 -24.53 -11.43 3.88
C THR B 94 -25.21 -10.06 3.87
N SER B 95 -24.52 -9.04 3.35
CA SER B 95 -25.11 -7.68 3.31
C SER B 95 -26.38 -7.70 2.48
N THR B 96 -26.34 -8.45 1.37
CA THR B 96 -27.48 -8.58 0.47
C THR B 96 -28.63 -9.32 1.16
N LEU B 97 -28.38 -10.51 1.69
CA LEU B 97 -29.48 -11.34 2.23
C LEU B 97 -30.04 -10.78 3.54
N TRP B 98 -29.18 -10.24 4.41
CA TRP B 98 -29.68 -9.53 5.61
C TRP B 98 -30.62 -8.38 5.25
N THR B 99 -30.39 -7.72 4.12
CA THR B 99 -31.23 -6.61 3.70
C THR B 99 -32.57 -7.12 3.20
N LEU B 100 -32.55 -8.17 2.37
CA LEU B 100 -33.73 -8.59 1.61
C LEU B 100 -34.69 -9.48 2.38
N LEU B 101 -34.23 -10.10 3.47
CA LEU B 101 -35.02 -11.13 4.16
C LEU B 101 -35.34 -10.75 5.59
N ARG B 102 -36.53 -11.16 6.04
CA ARG B 102 -36.96 -11.02 7.43
C ARG B 102 -37.67 -12.31 7.85
N PRO B 103 -37.86 -12.52 9.17
CA PRO B 103 -38.48 -13.77 9.62
C PRO B 103 -39.85 -14.01 8.98
N GLY B 104 -40.11 -15.25 8.60
CA GLY B 104 -41.28 -15.60 7.81
C GLY B 104 -41.04 -15.66 6.31
N ASP B 105 -40.05 -14.93 5.79
CA ASP B 105 -39.69 -15.05 4.38
C ASP B 105 -39.06 -16.39 4.10
N GLU B 106 -39.23 -16.86 2.88
CA GLU B 106 -38.65 -18.09 2.42
C GLU B 106 -37.59 -17.73 1.39
N VAL B 107 -36.46 -18.43 1.44
CA VAL B 107 -35.44 -18.32 0.41
C VAL B 107 -35.29 -19.69 -0.27
N LEU B 108 -35.41 -19.70 -1.60
CA LEU B 108 -35.16 -20.89 -2.42
C LEU B 108 -33.70 -20.91 -2.87
N LEU B 109 -33.03 -22.02 -2.63
CA LEU B 109 -31.58 -22.14 -2.82
C LEU B 109 -31.22 -23.21 -3.83
N GLY B 110 -30.16 -22.96 -4.60
CA GLY B 110 -29.55 -24.01 -5.43
C GLY B 110 -29.16 -25.19 -4.56
N ASN B 111 -29.19 -26.39 -5.13
CA ASN B 111 -28.89 -27.60 -4.37
C ASN B 111 -27.50 -27.64 -3.74
N THR B 112 -26.52 -26.97 -4.34
CA THR B 112 -25.18 -26.95 -3.77
C THR B 112 -24.59 -25.55 -3.82
N LEU B 113 -24.05 -25.13 -2.67
CA LEU B 113 -23.51 -23.80 -2.49
C LEU B 113 -22.13 -23.89 -1.87
N TYR B 114 -21.30 -22.88 -2.15
CA TYR B 114 -20.08 -22.62 -1.40
C TYR B 114 -20.35 -22.86 0.08
N GLY B 115 -19.42 -23.56 0.75
CA GLY B 115 -19.56 -23.97 2.13
C GLY B 115 -19.91 -22.87 3.13
N HIS B 116 -19.25 -21.71 3.07
CA HIS B 116 -19.58 -20.66 4.04
C HIS B 116 -20.89 -19.97 3.70
N THR B 117 -21.29 -20.01 2.42
CA THR B 117 -22.64 -19.56 2.04
C THR B 117 -23.68 -20.51 2.66
N PHE B 118 -23.43 -21.81 2.52
CA PHE B 118 -24.29 -22.85 3.14
C PHE B 118 -24.36 -22.61 4.65
N ALA B 119 -23.20 -22.41 5.30
CA ALA B 119 -23.16 -22.20 6.77
C ALA B 119 -23.89 -20.93 7.21
N PHE B 120 -23.70 -19.84 6.46
CA PHE B 120 -24.44 -18.62 6.71
C PHE B 120 -25.93 -18.87 6.65
N LEU B 121 -26.39 -19.52 5.59
CA LEU B 121 -27.83 -19.75 5.41
C LEU B 121 -28.38 -20.67 6.52
N HIS B 122 -27.75 -21.81 6.76
CA HIS B 122 -28.30 -22.78 7.74
C HIS B 122 -28.02 -22.49 9.20
N HIS B 123 -26.84 -21.97 9.51
CA HIS B 123 -26.45 -21.70 10.90
C HIS B 123 -26.47 -20.24 11.28
N GLY B 124 -26.74 -19.34 10.33
CA GLY B 124 -26.77 -17.90 10.58
C GLY B 124 -28.18 -17.39 10.40
N ILE B 125 -28.46 -16.81 9.23
CA ILE B 125 -29.76 -16.16 8.97
C ILE B 125 -30.93 -17.15 9.12
N GLY B 126 -30.72 -18.41 8.76
CA GLY B 126 -31.72 -19.47 8.96
C GLY B 126 -32.08 -19.79 10.40
N GLU B 127 -31.22 -19.41 11.34
CA GLU B 127 -31.55 -19.51 12.77
C GLU B 127 -32.25 -18.25 13.33
N PHE B 128 -32.51 -17.25 12.47
CA PHE B 128 -33.25 -16.06 12.85
C PHE B 128 -34.64 -15.99 12.21
N GLY B 129 -35.24 -17.15 11.93
CA GLY B 129 -36.62 -17.23 11.48
C GLY B 129 -36.87 -17.18 9.99
N VAL B 130 -35.80 -17.11 9.20
CA VAL B 130 -35.89 -17.18 7.75
C VAL B 130 -35.90 -18.64 7.33
N LYS B 131 -36.89 -19.01 6.51
CA LYS B 131 -37.06 -20.39 6.05
C LYS B 131 -36.26 -20.64 4.78
N LEU B 132 -35.63 -21.80 4.72
CA LEU B 132 -34.80 -22.22 3.60
C LEU B 132 -35.37 -23.43 2.94
N ARG B 133 -35.30 -23.48 1.61
CA ARG B 133 -35.51 -24.74 0.89
C ARG B 133 -34.55 -24.83 -0.28
N HIS B 134 -33.98 -26.02 -0.49
CA HIS B 134 -33.13 -26.29 -1.63
C HIS B 134 -33.92 -26.94 -2.73
N VAL B 135 -33.67 -26.51 -3.96
CA VAL B 135 -34.28 -27.08 -5.17
C VAL B 135 -33.21 -27.16 -6.24
N ASP B 136 -33.38 -28.07 -7.19
CA ASP B 136 -32.53 -28.10 -8.36
C ASP B 136 -32.97 -27.02 -9.33
N MET B 137 -32.18 -25.94 -9.40
CA MET B 137 -32.47 -24.80 -10.29
C MET B 137 -32.43 -25.15 -11.79
N ALA B 138 -31.85 -26.31 -12.15
CA ALA B 138 -31.91 -26.81 -13.55
C ALA B 138 -33.27 -27.42 -13.90
N ASP B 139 -34.03 -27.79 -12.89
CA ASP B 139 -35.36 -28.40 -13.06
C ASP B 139 -36.40 -27.32 -12.87
N LEU B 140 -36.74 -26.67 -13.98
CA LEU B 140 -37.67 -25.53 -13.97
C LEU B 140 -39.08 -25.91 -13.50
N GLN B 141 -39.48 -27.16 -13.74
CA GLN B 141 -40.76 -27.69 -13.23
C GLN B 141 -40.72 -27.78 -11.72
N ALA B 142 -39.63 -28.31 -11.19
CA ALA B 142 -39.45 -28.43 -9.74
C ALA B 142 -39.38 -27.06 -9.06
N LEU B 143 -38.64 -26.11 -9.65
CA LEU B 143 -38.58 -24.75 -9.11
C LEU B 143 -39.97 -24.12 -9.04
N GLU B 144 -40.70 -24.19 -10.14
CA GLU B 144 -42.08 -23.66 -10.21
C GLU B 144 -42.94 -24.27 -9.11
N ALA B 145 -42.86 -25.58 -8.94
CA ALA B 145 -43.62 -26.28 -7.88
C ALA B 145 -43.24 -25.86 -6.47
N ALA B 146 -41.99 -25.46 -6.27
CA ALA B 146 -41.50 -25.02 -4.97
C ALA B 146 -41.86 -23.58 -4.61
N MET B 147 -42.30 -22.78 -5.57
CA MET B 147 -42.64 -21.38 -5.29
C MET B 147 -43.87 -21.29 -4.39
N THR B 148 -43.80 -20.38 -3.42
CA THR B 148 -44.92 -19.99 -2.59
C THR B 148 -45.01 -18.46 -2.61
N PRO B 149 -46.16 -17.87 -2.16
CA PRO B 149 -46.22 -16.41 -1.99
C PRO B 149 -45.16 -15.84 -1.01
N ALA B 150 -44.77 -16.63 -0.01
CA ALA B 150 -43.70 -16.24 0.94
C ALA B 150 -42.26 -16.33 0.39
N THR B 151 -42.08 -16.91 -0.80
CA THR B 151 -40.75 -16.98 -1.43
C THR B 151 -40.34 -15.57 -1.82
N ARG B 152 -39.38 -15.02 -1.08
CA ARG B 152 -38.91 -13.66 -1.31
C ARG B 152 -37.69 -13.61 -2.23
N VAL B 153 -36.80 -14.59 -2.08
CA VAL B 153 -35.51 -14.60 -2.78
C VAL B 153 -35.23 -15.98 -3.36
N ILE B 154 -34.73 -16.01 -4.60
CA ILE B 154 -34.15 -17.21 -5.17
C ILE B 154 -32.66 -16.91 -5.30
N TYR B 155 -31.82 -17.77 -4.72
CA TYR B 155 -30.37 -17.53 -4.65
C TYR B 155 -29.65 -18.77 -5.17
N PHE B 156 -28.76 -18.59 -6.13
CA PHE B 156 -27.92 -19.71 -6.58
C PHE B 156 -26.61 -19.24 -7.19
N GLU B 157 -25.67 -20.17 -7.30
CA GLU B 157 -24.45 -20.00 -8.10
C GLU B 157 -24.67 -20.72 -9.42
N SER B 158 -24.10 -20.19 -10.51
CA SER B 158 -24.04 -20.91 -11.79
C SER B 158 -22.78 -20.53 -12.57
N PRO B 159 -21.88 -21.47 -12.86
CA PRO B 159 -21.87 -22.85 -12.39
C PRO B 159 -21.68 -22.97 -10.89
N ALA B 160 -22.12 -24.07 -10.30
CA ALA B 160 -22.02 -24.32 -8.88
C ALA B 160 -21.06 -25.48 -8.61
N ASN B 161 -20.45 -25.45 -7.44
CA ASN B 161 -19.81 -26.66 -6.89
C ASN B 161 -20.85 -27.75 -6.65
N PRO B 162 -20.48 -29.03 -6.73
CA PRO B 162 -19.14 -29.51 -7.07
C PRO B 162 -18.93 -29.83 -8.55
N ASN B 163 -20.01 -30.15 -9.26
CA ASN B 163 -19.94 -30.65 -10.64
C ASN B 163 -20.13 -29.58 -11.69
N MET B 164 -20.03 -28.30 -11.30
CA MET B 164 -20.21 -27.19 -12.24
C MET B 164 -21.66 -27.15 -12.79
N HIS B 165 -22.58 -27.61 -11.95
CA HIS B 165 -24.01 -27.66 -12.30
C HIS B 165 -24.52 -26.23 -12.56
N MET B 166 -25.34 -26.09 -13.60
CA MET B 166 -25.79 -24.83 -14.14
C MET B 166 -27.27 -24.69 -13.88
N ALA B 167 -27.71 -23.43 -13.85
CA ALA B 167 -29.14 -23.11 -13.91
C ALA B 167 -29.37 -22.27 -15.17
N ASP B 168 -30.55 -22.38 -15.78
CA ASP B 168 -30.97 -21.52 -16.88
C ASP B 168 -31.48 -20.24 -16.22
N ILE B 169 -30.65 -19.19 -16.26
CA ILE B 169 -30.92 -17.98 -15.49
C ILE B 169 -32.22 -17.30 -15.98
N ALA B 170 -32.37 -17.20 -17.29
CA ALA B 170 -33.58 -16.59 -17.89
C ALA B 170 -34.82 -17.40 -17.56
N GLY B 171 -34.68 -18.72 -17.53
CA GLY B 171 -35.77 -19.61 -17.11
C GLY B 171 -36.18 -19.43 -15.66
N VAL B 172 -35.19 -19.29 -14.78
CA VAL B 172 -35.46 -19.03 -13.38
C VAL B 172 -36.12 -17.64 -13.21
N ALA B 173 -35.59 -16.65 -13.92
CA ALA B 173 -36.11 -15.29 -13.86
C ALA B 173 -37.58 -15.23 -14.26
N LYS B 174 -37.93 -15.92 -15.33
CA LYS B 174 -39.35 -15.99 -15.76
C LYS B 174 -40.26 -16.47 -14.62
N ILE B 175 -39.88 -17.54 -13.93
CA ILE B 175 -40.63 -18.05 -12.79
C ILE B 175 -40.66 -17.02 -11.66
N ALA B 176 -39.52 -16.37 -11.40
CA ALA B 176 -39.48 -15.34 -10.41
C ALA B 176 -40.42 -14.17 -10.72
N ARG B 177 -40.47 -13.75 -11.98
CA ARG B 177 -41.34 -12.62 -12.38
C ARG B 177 -42.83 -12.99 -12.22
N LYS B 178 -43.15 -14.23 -12.57
CA LYS B 178 -44.51 -14.77 -12.45
C LYS B 178 -44.99 -14.74 -10.98
N HIS B 179 -44.12 -15.13 -10.05
CA HIS B 179 -44.50 -15.30 -8.64
C HIS B 179 -44.16 -14.13 -7.72
N GLY B 180 -43.23 -13.26 -8.12
CA GLY B 180 -42.88 -12.04 -7.39
C GLY B 180 -41.64 -12.14 -6.49
N ALA B 181 -40.66 -12.94 -6.88
CA ALA B 181 -39.44 -13.15 -6.08
C ALA B 181 -38.25 -12.40 -6.67
N THR B 182 -37.26 -12.11 -5.82
CA THR B 182 -36.03 -11.45 -6.23
C THR B 182 -34.95 -12.54 -6.50
N VAL B 183 -34.29 -12.47 -7.65
CA VAL B 183 -33.28 -13.46 -8.06
C VAL B 183 -31.90 -12.89 -7.83
N VAL B 184 -31.10 -13.62 -7.06
CA VAL B 184 -29.72 -13.22 -6.72
C VAL B 184 -28.79 -14.32 -7.24
N VAL B 185 -27.84 -13.96 -8.09
CA VAL B 185 -26.93 -14.94 -8.69
C VAL B 185 -25.50 -14.61 -8.25
N ASP B 186 -24.84 -15.63 -7.70
CA ASP B 186 -23.40 -15.55 -7.44
C ASP B 186 -22.68 -15.87 -8.77
N ASN B 187 -22.08 -14.85 -9.37
CA ASN B 187 -21.44 -14.91 -10.66
C ASN B 187 -19.89 -14.95 -10.54
N THR B 188 -19.40 -15.39 -9.39
CA THR B 188 -17.95 -15.42 -9.10
C THR B 188 -17.16 -16.20 -10.15
N TYR B 189 -17.60 -17.41 -10.45
CA TYR B 189 -16.87 -18.26 -11.37
C TYR B 189 -16.74 -17.69 -12.78
N CYS B 190 -17.82 -17.12 -13.32
CA CYS B 190 -17.78 -16.66 -14.70
C CYS B 190 -17.12 -15.30 -14.89
N THR B 191 -17.37 -14.42 -13.92
CA THR B 191 -17.16 -12.97 -14.02
C THR B 191 -18.09 -12.38 -15.08
N PRO B 192 -18.25 -11.05 -15.08
CA PRO B 192 -19.06 -10.41 -16.15
C PRO B 192 -18.52 -10.58 -17.56
N TYR B 193 -17.24 -10.92 -17.68
CA TYR B 193 -16.65 -11.18 -18.97
C TYR B 193 -17.22 -12.41 -19.67
N LEU B 194 -17.59 -13.43 -18.90
CA LEU B 194 -18.15 -14.66 -19.46
C LEU B 194 -19.68 -14.81 -19.34
N GLN B 195 -20.29 -14.15 -18.37
CA GLN B 195 -21.74 -14.31 -18.11
C GLN B 195 -22.26 -13.08 -17.40
N ARG B 196 -23.45 -12.62 -17.81
CA ARG B 196 -24.02 -11.40 -17.25
C ARG B 196 -25.47 -11.69 -16.84
N PRO B 197 -25.65 -12.26 -15.64
CA PRO B 197 -26.97 -12.68 -15.18
C PRO B 197 -27.99 -11.55 -15.18
N LEU B 198 -27.58 -10.29 -14.99
CA LEU B 198 -28.56 -9.18 -15.00
C LEU B 198 -29.19 -9.02 -16.38
N GLU B 199 -28.46 -9.39 -17.43
CA GLU B 199 -28.95 -9.34 -18.79
C GLU B 199 -29.85 -10.53 -19.15
N LEU B 200 -29.97 -11.49 -18.22
CA LEU B 200 -30.78 -12.68 -18.34
C LEU B 200 -31.95 -12.66 -17.33
N GLY B 201 -32.22 -11.51 -16.74
CA GLY B 201 -33.36 -11.36 -15.82
C GLY B 201 -33.13 -11.41 -14.33
N ALA B 202 -31.89 -11.65 -13.88
CA ALA B 202 -31.58 -11.61 -12.47
C ALA B 202 -31.67 -10.18 -11.98
N ASP B 203 -32.00 -10.02 -10.71
CA ASP B 203 -32.11 -8.71 -10.07
C ASP B 203 -30.78 -8.23 -9.49
N LEU B 204 -30.01 -9.17 -8.93
CA LEU B 204 -28.73 -8.87 -8.31
C LEU B 204 -27.71 -9.93 -8.64
N VAL B 205 -26.47 -9.51 -8.76
CA VAL B 205 -25.34 -10.42 -8.84
C VAL B 205 -24.40 -10.12 -7.71
N VAL B 206 -23.80 -11.17 -7.13
CA VAL B 206 -22.79 -11.03 -6.13
C VAL B 206 -21.50 -11.70 -6.63
N HIS B 207 -20.37 -11.16 -6.16
CA HIS B 207 -19.05 -11.75 -6.46
C HIS B 207 -18.21 -11.84 -5.22
N SER B 208 -17.44 -12.93 -5.12
CA SER B 208 -16.19 -12.94 -4.42
C SER B 208 -15.14 -12.35 -5.38
N ALA B 209 -14.87 -11.05 -5.24
CA ALA B 209 -13.87 -10.37 -6.09
C ALA B 209 -12.44 -10.78 -5.71
N THR B 210 -12.32 -11.45 -4.57
CA THR B 210 -11.12 -12.17 -4.16
C THR B 210 -10.57 -13.09 -5.24
N LYS B 211 -11.46 -13.61 -6.08
CA LYS B 211 -11.12 -14.62 -7.06
C LYS B 211 -10.68 -13.97 -8.38
N TYR B 212 -11.35 -14.27 -9.50
CA TYR B 212 -10.93 -13.81 -10.81
C TYR B 212 -10.83 -12.30 -11.01
N LEU B 213 -11.73 -11.54 -10.40
CA LEU B 213 -11.72 -10.09 -10.66
C LEU B 213 -10.40 -9.47 -10.19
N SER B 214 -9.99 -9.81 -8.96
CA SER B 214 -8.64 -9.45 -8.51
C SER B 214 -7.58 -10.10 -9.39
N GLY B 215 -7.73 -11.41 -9.52
CA GLY B 215 -6.87 -12.24 -10.33
C GLY B 215 -5.51 -12.61 -9.80
N HIS B 216 -5.07 -11.96 -8.73
CA HIS B 216 -3.68 -12.06 -8.29
C HIS B 216 -3.51 -12.51 -6.85
N GLY B 217 -4.62 -12.87 -6.19
CA GLY B 217 -4.55 -13.55 -4.90
C GLY B 217 -4.12 -12.72 -3.71
N ASP B 218 -4.14 -11.39 -3.84
CA ASP B 218 -3.56 -10.49 -2.82
C ASP B 218 -4.59 -9.61 -2.11
N ILE B 219 -5.87 -9.72 -2.45
CA ILE B 219 -6.92 -9.00 -1.74
C ILE B 219 -8.12 -9.90 -1.49
N THR B 220 -8.91 -9.50 -0.49
CA THR B 220 -10.21 -10.14 -0.22
C THR B 220 -11.21 -9.02 -0.51
N ALA B 221 -12.26 -9.32 -1.26
CA ALA B 221 -13.22 -8.27 -1.65
C ALA B 221 -14.47 -8.91 -2.20
N GLY B 222 -15.56 -8.18 -2.05
CA GLY B 222 -16.84 -8.56 -2.63
C GLY B 222 -17.49 -7.42 -3.42
N ILE B 223 -18.36 -7.82 -4.35
CA ILE B 223 -19.11 -6.89 -5.18
C ILE B 223 -20.58 -7.31 -5.25
N VAL B 224 -21.47 -6.32 -5.19
CA VAL B 224 -22.88 -6.50 -5.54
C VAL B 224 -23.18 -5.55 -6.69
N VAL B 225 -23.93 -6.05 -7.70
CA VAL B 225 -24.42 -5.17 -8.76
C VAL B 225 -25.91 -5.42 -8.98
N GLY B 226 -26.65 -4.35 -9.20
CA GLY B 226 -28.06 -4.47 -9.49
C GLY B 226 -28.68 -3.11 -9.69
N SER B 227 -30.00 -3.01 -9.51
CA SER B 227 -30.66 -1.72 -9.65
C SER B 227 -30.21 -0.75 -8.57
N GLN B 228 -30.30 0.53 -8.87
CA GLN B 228 -30.01 1.56 -7.86
C GLN B 228 -30.89 1.37 -6.62
N ALA B 229 -32.18 1.04 -6.82
CA ALA B 229 -33.08 0.84 -5.68
C ALA B 229 -32.60 -0.22 -4.70
N LEU B 230 -32.24 -1.38 -5.24
CA LEU B 230 -31.81 -2.52 -4.43
C LEU B 230 -30.43 -2.27 -3.84
N VAL B 231 -29.51 -1.77 -4.66
CA VAL B 231 -28.14 -1.56 -4.17
C VAL B 231 -28.10 -0.48 -3.06
N ASP B 232 -28.88 0.60 -3.22
CA ASP B 232 -28.99 1.62 -2.17
C ASP B 232 -29.44 1.03 -0.85
N ARG B 233 -30.45 0.14 -0.87
CA ARG B 233 -30.91 -0.51 0.34
C ARG B 233 -29.82 -1.38 0.95
N ILE B 234 -29.12 -2.15 0.11
CA ILE B 234 -28.06 -3.01 0.61
C ILE B 234 -26.92 -2.16 1.22
N ARG B 235 -26.58 -1.05 0.59
CA ARG B 235 -25.54 -0.17 1.09
C ARG B 235 -25.93 0.39 2.47
N LEU B 236 -27.16 0.90 2.57
CA LEU B 236 -27.58 1.68 3.75
C LEU B 236 -28.13 0.82 4.89
N GLN B 237 -28.38 -0.46 4.66
CA GLN B 237 -28.87 -1.35 5.73
C GLN B 237 -27.87 -2.48 5.94
N GLY B 238 -27.73 -3.34 4.94
CA GLY B 238 -26.86 -4.50 5.05
C GLY B 238 -25.43 -4.16 5.41
N LEU B 239 -24.81 -3.28 4.62
CA LEU B 239 -23.42 -2.90 4.85
C LEU B 239 -23.30 -1.96 6.05
N LYS B 240 -24.05 -0.87 5.99
CA LYS B 240 -23.88 0.22 6.96
C LYS B 240 -24.18 -0.21 8.40
N ASP B 241 -25.27 -0.96 8.58
CA ASP B 241 -25.78 -1.37 9.90
C ASP B 241 -25.51 -2.84 10.23
N MET B 242 -25.63 -3.75 9.28
CA MET B 242 -25.72 -5.18 9.64
C MET B 242 -24.44 -6.01 9.47
N THR B 243 -23.46 -5.53 8.70
CA THR B 243 -22.18 -6.26 8.56
C THR B 243 -20.93 -5.42 8.79
N GLY B 244 -20.97 -4.12 8.41
CA GLY B 244 -19.77 -3.30 8.48
C GLY B 244 -18.62 -3.85 7.64
N ALA B 245 -18.97 -4.58 6.59
CA ALA B 245 -17.97 -5.21 5.74
C ALA B 245 -17.42 -4.19 4.71
N VAL B 246 -16.68 -3.24 5.23
CA VAL B 246 -16.13 -2.10 4.46
C VAL B 246 -14.86 -2.51 3.72
N LEU B 247 -14.79 -2.24 2.42
CA LEU B 247 -13.55 -2.48 1.64
C LEU B 247 -12.54 -1.34 1.77
N SER B 248 -11.28 -1.69 2.00
CA SER B 248 -10.19 -0.73 2.05
C SER B 248 -10.02 -0.05 0.69
N PRO B 249 -9.85 1.27 0.67
CA PRO B 249 -9.52 1.92 -0.62
C PRO B 249 -8.25 1.37 -1.30
N HIS B 250 -7.24 1.02 -0.50
CA HIS B 250 -6.04 0.37 -1.01
C HIS B 250 -6.40 -0.92 -1.78
N ASP B 251 -7.22 -1.77 -1.17
CA ASP B 251 -7.62 -3.00 -1.81
C ASP B 251 -8.54 -2.77 -3.01
N ALA B 252 -9.43 -1.78 -2.92
CA ALA B 252 -10.27 -1.38 -4.06
C ALA B 252 -9.42 -0.93 -5.24
N ALA B 253 -8.36 -0.18 -4.96
CA ALA B 253 -7.42 0.21 -6.04
C ALA B 253 -6.74 -0.99 -6.67
N LEU B 254 -6.29 -1.93 -5.85
CA LEU B 254 -5.72 -3.17 -6.38
C LEU B 254 -6.71 -3.98 -7.21
N LEU B 255 -7.95 -4.03 -6.76
CA LEU B 255 -8.98 -4.73 -7.50
C LEU B 255 -9.20 -4.10 -8.88
N MET B 256 -9.28 -2.76 -8.93
CA MET B 256 -9.35 -2.08 -10.21
C MET B 256 -8.13 -2.38 -11.08
N ARG B 257 -6.97 -2.48 -10.46
CA ARG B 257 -5.76 -2.86 -11.23
C ARG B 257 -5.96 -4.23 -11.87
N GLY B 258 -6.46 -5.19 -11.11
CA GLY B 258 -6.75 -6.53 -11.62
C GLY B 258 -7.74 -6.54 -12.75
N ILE B 259 -8.80 -5.74 -12.58
CA ILE B 259 -9.87 -5.70 -13.57
C ILE B 259 -9.38 -5.23 -14.93
N LYS B 260 -8.32 -4.42 -14.96
CA LYS B 260 -7.77 -3.92 -16.24
C LYS B 260 -7.25 -5.02 -17.15
N THR B 261 -6.94 -6.19 -16.60
CA THR B 261 -6.53 -7.35 -17.42
C THR B 261 -7.52 -8.51 -17.37
N LEU B 262 -8.73 -8.29 -16.86
CA LEU B 262 -9.70 -9.38 -16.73
C LEU B 262 -9.94 -10.16 -18.03
N ASN B 263 -10.19 -9.46 -19.13
CA ASN B 263 -10.42 -10.16 -20.41
C ASN B 263 -9.26 -11.04 -20.84
N LEU B 264 -8.05 -10.53 -20.71
CA LEU B 264 -6.85 -11.26 -21.12
C LEU B 264 -6.63 -12.47 -20.23
N ARG B 265 -6.79 -12.27 -18.93
CA ARG B 265 -6.60 -13.36 -17.98
C ARG B 265 -7.66 -14.45 -18.18
N MET B 266 -8.93 -14.08 -18.28
CA MET B 266 -9.97 -15.06 -18.49
C MET B 266 -9.76 -15.84 -19.80
N ASP B 267 -9.34 -15.16 -20.86
CA ASP B 267 -9.07 -15.86 -22.12
C ASP B 267 -8.03 -16.97 -21.90
N ARG B 268 -6.98 -16.64 -21.17
CA ARG B 268 -5.92 -17.62 -20.90
C ARG B 268 -6.34 -18.73 -19.91
N HIS B 269 -7.02 -18.38 -18.82
CA HIS B 269 -7.60 -19.38 -17.90
C HIS B 269 -8.44 -20.40 -18.68
N CYS B 270 -9.31 -19.89 -19.56
CA CYS B 270 -10.20 -20.74 -20.33
C CYS B 270 -9.46 -21.59 -21.34
N ALA B 271 -8.48 -21.01 -22.03
CA ALA B 271 -7.73 -21.76 -23.04
C ALA B 271 -6.93 -22.87 -22.35
N ASN B 272 -6.29 -22.55 -21.23
CA ASN B 272 -5.57 -23.56 -20.44
C ASN B 272 -6.50 -24.66 -19.92
N ALA B 273 -7.64 -24.27 -19.37
CA ALA B 273 -8.56 -25.25 -18.79
C ALA B 273 -9.11 -26.19 -19.86
N GLN B 274 -9.39 -25.68 -21.05
CA GLN B 274 -9.90 -26.52 -22.13
C GLN B 274 -8.89 -27.61 -22.46
N VAL B 275 -7.62 -27.23 -22.60
CA VAL B 275 -6.58 -28.23 -22.91
C VAL B 275 -6.46 -29.27 -21.78
N LEU B 276 -6.43 -28.79 -20.54
CA LEU B 276 -6.27 -29.67 -19.41
C LEU B 276 -7.47 -30.62 -19.25
N ALA B 277 -8.67 -30.11 -19.50
CA ALA B 277 -9.88 -30.94 -19.40
C ALA B 277 -9.90 -32.04 -20.45
N GLU B 278 -9.55 -31.68 -21.68
CA GLU B 278 -9.45 -32.65 -22.77
C GLU B 278 -8.40 -33.73 -22.46
N PHE B 279 -7.29 -33.30 -21.86
CA PHE B 279 -6.25 -34.24 -21.41
C PHE B 279 -6.80 -35.19 -20.34
N LEU B 280 -7.39 -34.63 -19.28
CA LEU B 280 -7.96 -35.41 -18.18
C LEU B 280 -9.00 -36.42 -18.66
N ALA B 281 -9.80 -36.02 -19.64
CA ALA B 281 -10.83 -36.90 -20.20
C ALA B 281 -10.27 -38.20 -20.81
N ARG B 282 -9.01 -38.18 -21.25
CA ARG B 282 -8.34 -39.33 -21.88
C ARG B 282 -7.51 -40.18 -20.90
N GLN B 283 -7.42 -39.81 -19.64
CA GLN B 283 -6.51 -40.52 -18.72
C GLN B 283 -7.16 -41.66 -18.00
N PRO B 284 -6.42 -42.77 -17.82
CA PRO B 284 -7.00 -43.96 -17.21
C PRO B 284 -7.36 -43.84 -15.73
N GLN B 285 -6.76 -42.86 -15.02
CA GLN B 285 -7.01 -42.65 -13.62
C GLN B 285 -8.33 -41.93 -13.36
N VAL B 286 -8.87 -41.30 -14.39
CA VAL B 286 -10.01 -40.38 -14.23
C VAL B 286 -11.31 -41.14 -14.56
N GLU B 287 -12.23 -41.15 -13.59
CA GLU B 287 -13.52 -41.85 -13.71
C GLU B 287 -14.52 -40.97 -14.45
N LEU B 288 -14.47 -39.67 -14.17
CA LEU B 288 -15.46 -38.76 -14.66
C LEU B 288 -14.90 -37.34 -14.60
N ILE B 289 -15.35 -36.48 -15.51
CA ILE B 289 -14.89 -35.08 -15.52
C ILE B 289 -16.07 -34.14 -15.74
N HIS B 290 -16.08 -33.03 -15.00
CA HIS B 290 -17.05 -31.97 -15.17
C HIS B 290 -16.33 -30.72 -15.63
N TYR B 291 -16.41 -30.45 -16.92
CA TYR B 291 -15.94 -29.20 -17.48
C TYR B 291 -16.92 -28.74 -18.53
N PRO B 292 -17.43 -27.49 -18.40
CA PRO B 292 -18.44 -27.04 -19.38
C PRO B 292 -18.05 -27.04 -20.85
N GLY B 293 -16.76 -27.01 -21.17
CA GLY B 293 -16.28 -27.04 -22.52
C GLY B 293 -16.13 -28.39 -23.19
N LEU B 294 -16.38 -29.48 -22.46
CA LEU B 294 -16.37 -30.80 -23.07
C LEU B 294 -17.77 -31.08 -23.59
N ALA B 295 -17.86 -31.62 -24.80
CA ALA B 295 -19.16 -32.02 -25.37
C ALA B 295 -19.92 -33.00 -24.49
N SER B 296 -19.20 -33.81 -23.70
CA SER B 296 -19.80 -34.71 -22.70
C SER B 296 -20.50 -34.05 -21.49
N PHE B 297 -20.25 -32.76 -21.25
CA PHE B 297 -20.83 -32.06 -20.11
C PHE B 297 -22.36 -32.15 -20.21
N PRO B 298 -23.06 -32.61 -19.15
CA PRO B 298 -24.52 -32.81 -19.29
C PRO B 298 -25.30 -31.57 -19.77
N GLN B 299 -24.90 -30.38 -19.34
CA GLN B 299 -25.55 -29.14 -19.76
C GLN B 299 -24.72 -28.34 -20.75
N TYR B 300 -24.05 -29.04 -21.67
CA TYR B 300 -23.23 -28.41 -22.69
C TYR B 300 -23.98 -27.34 -23.47
N THR B 301 -25.20 -27.65 -23.92
CA THR B 301 -25.97 -26.69 -24.71
C THR B 301 -26.28 -25.40 -23.96
N LEU B 302 -26.69 -25.55 -22.71
CA LEU B 302 -27.01 -24.40 -21.85
C LEU B 302 -25.72 -23.59 -21.59
N ALA B 303 -24.61 -24.28 -21.39
CA ALA B 303 -23.30 -23.61 -21.19
C ALA B 303 -22.86 -22.75 -22.35
N ARG B 304 -23.02 -23.26 -23.57
CA ARG B 304 -22.65 -22.52 -24.77
C ARG B 304 -23.56 -21.32 -24.99
N GLN B 305 -24.81 -21.45 -24.54
CA GLN B 305 -25.82 -20.40 -24.68
C GLN B 305 -25.62 -19.25 -23.69
N GLN B 306 -25.30 -19.60 -22.45
CA GLN B 306 -25.29 -18.67 -21.33
C GLN B 306 -23.91 -18.10 -20.97
N MET B 307 -22.85 -18.84 -21.27
CA MET B 307 -21.46 -18.40 -20.98
C MET B 307 -20.71 -18.24 -22.28
N SER B 308 -19.95 -17.16 -22.45
CA SER B 308 -19.28 -16.95 -23.72
C SER B 308 -18.04 -17.85 -23.87
N GLN B 309 -17.50 -18.31 -22.74
CA GLN B 309 -16.42 -19.31 -22.70
C GLN B 309 -16.63 -20.25 -21.51
N PRO B 310 -16.06 -21.47 -21.56
CA PRO B 310 -16.37 -22.49 -20.57
C PRO B 310 -15.74 -22.38 -19.17
N GLY B 311 -14.86 -21.38 -18.95
CA GLY B 311 -14.37 -21.06 -17.63
C GLY B 311 -13.00 -21.64 -17.34
N GLY B 312 -12.46 -21.31 -16.17
CA GLY B 312 -11.13 -21.79 -15.72
C GLY B 312 -11.16 -22.92 -14.71
N MET B 313 -12.35 -23.41 -14.37
CA MET B 313 -12.53 -24.37 -13.29
C MET B 313 -12.84 -25.75 -13.84
N ILE B 314 -12.17 -26.76 -13.29
CA ILE B 314 -12.41 -28.16 -13.65
C ILE B 314 -12.71 -28.92 -12.39
N ALA B 315 -13.71 -29.80 -12.43
CA ALA B 315 -13.86 -30.80 -11.39
C ALA B 315 -13.75 -32.19 -12.04
N PHE B 316 -13.13 -33.11 -11.34
CA PHE B 316 -13.04 -34.50 -11.83
C PHE B 316 -12.97 -35.47 -10.68
N GLU B 317 -13.27 -36.73 -10.98
CA GLU B 317 -13.23 -37.78 -9.98
C GLU B 317 -12.20 -38.82 -10.36
N LEU B 318 -11.35 -39.19 -9.42
CA LEU B 318 -10.35 -40.25 -9.61
C LEU B 318 -10.98 -41.58 -9.30
N LYS B 319 -10.68 -42.58 -10.12
CA LYS B 319 -11.23 -43.95 -9.93
C LYS B 319 -10.96 -44.53 -8.55
N GLY B 320 -9.75 -44.31 -8.04
CA GLY B 320 -9.35 -44.79 -6.72
C GLY B 320 -9.83 -44.04 -5.49
N GLY B 321 -10.79 -43.12 -5.65
CA GLY B 321 -11.49 -42.52 -4.52
C GLY B 321 -10.61 -41.61 -3.66
N ILE B 322 -10.86 -41.62 -2.34
CA ILE B 322 -10.22 -40.68 -1.41
C ILE B 322 -8.71 -40.84 -1.34
N GLY B 323 -8.23 -42.08 -1.33
CA GLY B 323 -6.80 -42.35 -1.26
C GLY B 323 -6.09 -41.82 -2.49
N ALA B 324 -6.70 -42.03 -3.67
CA ALA B 324 -6.10 -41.57 -4.94
C ALA B 324 -6.10 -40.05 -4.97
N GLY B 325 -7.20 -39.46 -4.50
CA GLY B 325 -7.28 -38.00 -4.35
C GLY B 325 -6.19 -37.41 -3.49
N ARG B 326 -5.95 -38.01 -2.33
CA ARG B 326 -4.88 -37.59 -1.41
C ARG B 326 -3.52 -37.65 -2.09
N ARG B 327 -3.24 -38.79 -2.73
CA ARG B 327 -1.94 -39.00 -3.35
C ARG B 327 -1.74 -38.06 -4.54
N PHE B 328 -2.80 -37.86 -5.33
CA PHE B 328 -2.75 -36.91 -6.44
C PHE B 328 -2.39 -35.52 -5.91
N MET B 329 -3.15 -35.06 -4.92
CA MET B 329 -2.96 -33.71 -4.38
C MET B 329 -1.58 -33.51 -3.81
N ASN B 330 -1.11 -34.50 -3.03
CA ASN B 330 0.20 -34.45 -2.42
C ASN B 330 1.35 -34.46 -3.43
N ALA B 331 1.12 -35.00 -4.62
CA ALA B 331 2.13 -35.13 -5.65
C ALA B 331 2.35 -33.84 -6.46
N LEU B 332 1.36 -32.95 -6.47
CA LEU B 332 1.44 -31.75 -7.28
C LEU B 332 2.61 -30.88 -6.83
N GLN B 333 3.39 -30.41 -7.80
CA GLN B 333 4.57 -29.58 -7.55
C GLN B 333 4.43 -28.15 -8.06
N LEU B 334 3.55 -27.92 -9.04
CA LEU B 334 3.39 -26.61 -9.67
C LEU B 334 2.07 -26.04 -9.23
N PHE B 335 0.99 -26.81 -9.43
CA PHE B 335 -0.28 -26.55 -8.74
C PHE B 335 -0.03 -26.48 -7.24
N SER B 336 -0.68 -25.56 -6.57
CA SER B 336 -0.63 -25.47 -5.11
C SER B 336 -1.87 -26.08 -4.50
N ARG B 337 -1.71 -26.70 -3.34
CA ARG B 337 -2.82 -27.22 -2.55
C ARG B 337 -3.38 -26.05 -1.76
N ALA B 338 -4.57 -25.61 -2.13
CA ALA B 338 -5.15 -24.44 -1.51
C ALA B 338 -6.61 -24.39 -1.83
N VAL B 339 -7.35 -23.73 -0.96
CA VAL B 339 -8.69 -23.36 -1.30
C VAL B 339 -8.46 -22.03 -2.03
N SER B 340 -9.51 -21.56 -2.64
CA SER B 340 -9.52 -20.35 -3.43
C SER B 340 -9.33 -20.76 -4.87
N LEU B 341 -9.49 -19.78 -5.73
CA LEU B 341 -9.51 -19.98 -7.16
C LEU B 341 -9.37 -18.62 -7.82
N GLY B 342 -9.15 -18.67 -9.11
CA GLY B 342 -9.07 -17.49 -9.93
C GLY B 342 -7.82 -16.69 -9.79
N ASP B 343 -6.75 -17.33 -9.31
CA ASP B 343 -5.45 -16.66 -9.19
C ASP B 343 -4.59 -16.90 -10.43
N ALA B 344 -3.51 -16.12 -10.61
CA ALA B 344 -2.54 -16.43 -11.66
C ALA B 344 -1.96 -17.82 -11.45
N GLU B 345 -1.76 -18.19 -10.18
CA GLU B 345 -1.21 -19.49 -9.79
C GLU B 345 -2.30 -20.56 -9.85
N SER B 346 -1.98 -21.71 -10.43
CA SER B 346 -2.91 -22.82 -10.47
C SER B 346 -3.08 -23.43 -9.08
N LEU B 347 -4.33 -23.76 -8.72
CA LEU B 347 -4.66 -24.29 -7.40
C LEU B 347 -5.50 -25.56 -7.53
N ALA B 348 -5.40 -26.40 -6.51
CA ALA B 348 -6.15 -27.64 -6.47
C ALA B 348 -6.65 -27.87 -5.07
N GLN B 349 -7.83 -28.48 -4.98
CA GLN B 349 -8.35 -28.98 -3.73
C GLN B 349 -9.14 -30.28 -3.96
N HIS B 350 -9.10 -31.13 -2.94
CA HIS B 350 -9.78 -32.43 -2.93
C HIS B 350 -10.61 -32.39 -1.64
N PRO B 351 -11.90 -31.97 -1.72
CA PRO B 351 -12.66 -31.82 -0.48
C PRO B 351 -12.67 -33.00 0.50
N ALA B 352 -12.69 -34.24 -0.01
CA ALA B 352 -12.78 -35.41 0.88
C ALA B 352 -11.60 -35.52 1.85
N SER B 353 -10.43 -35.00 1.45
CA SER B 353 -9.22 -35.02 2.29
C SER B 353 -8.78 -33.66 2.82
N MET B 354 -9.52 -32.58 2.52
CA MET B 354 -9.12 -31.24 2.94
C MET B 354 -10.26 -30.65 3.75
N THR B 355 -11.22 -29.97 3.11
CA THR B 355 -12.25 -29.25 3.83
C THR B 355 -13.22 -30.13 4.60
N HIS B 356 -13.40 -31.38 4.15
CA HIS B 356 -14.40 -32.29 4.70
C HIS B 356 -13.81 -33.64 5.17
N SER B 357 -12.56 -33.62 5.61
CA SER B 357 -11.79 -34.83 5.97
C SER B 357 -12.26 -35.52 7.25
N SER B 358 -12.73 -34.75 8.22
CA SER B 358 -13.20 -35.31 9.49
C SER B 358 -14.50 -36.14 9.35
N TYR B 359 -15.27 -35.87 8.29
CA TYR B 359 -16.52 -36.59 8.04
C TYR B 359 -16.27 -38.03 7.63
N THR B 360 -17.32 -38.86 7.73
CA THR B 360 -17.32 -40.21 7.15
C THR B 360 -17.64 -40.09 5.66
N PRO B 361 -17.37 -41.16 4.87
CA PRO B 361 -17.79 -41.20 3.46
C PRO B 361 -19.29 -40.96 3.26
N GLU B 362 -20.11 -41.54 4.13
CA GLU B 362 -21.57 -41.47 4.03
C GLU B 362 -22.08 -40.05 4.29
N GLU B 363 -21.49 -39.36 5.28
CA GLU B 363 -21.76 -37.93 5.52
C GLU B 363 -21.42 -37.06 4.30
N ARG B 364 -20.22 -37.28 3.72
CA ARG B 364 -19.82 -36.57 2.50
C ARG B 364 -20.73 -36.86 1.30
N ALA B 365 -21.20 -38.09 1.16
CA ALA B 365 -22.20 -38.43 0.12
C ALA B 365 -23.55 -37.72 0.37
N HIS B 366 -23.98 -37.64 1.63
CA HIS B 366 -25.18 -36.86 2.01
C HIS B 366 -25.04 -35.38 1.62
N TYR B 367 -23.86 -34.81 1.87
CA TYR B 367 -23.56 -33.42 1.51
C TYR B 367 -23.19 -33.23 0.03
N GLY B 368 -23.10 -34.32 -0.74
CA GLY B 368 -22.94 -34.25 -2.20
C GLY B 368 -21.51 -34.17 -2.73
N ILE B 369 -20.55 -34.72 -1.96
CA ILE B 369 -19.13 -34.68 -2.30
C ILE B 369 -18.58 -36.12 -2.48
N SER B 370 -18.17 -36.43 -3.70
CA SER B 370 -17.58 -37.73 -4.06
C SER B 370 -16.20 -37.94 -3.40
N GLU B 371 -15.83 -39.19 -3.15
CA GLU B 371 -14.56 -39.49 -2.47
C GLU B 371 -13.35 -39.13 -3.33
N GLY B 372 -13.50 -39.22 -4.64
CA GLY B 372 -12.42 -38.90 -5.57
C GLY B 372 -12.53 -37.53 -6.23
N LEU B 373 -13.41 -36.65 -5.75
CA LEU B 373 -13.65 -35.34 -6.41
C LEU B 373 -12.51 -34.39 -6.13
N VAL B 374 -11.86 -33.96 -7.19
CA VAL B 374 -10.81 -32.95 -7.13
C VAL B 374 -11.29 -31.74 -7.91
N ARG B 375 -11.05 -30.54 -7.37
CA ARG B 375 -11.34 -29.30 -8.07
C ARG B 375 -10.04 -28.57 -8.43
N LEU B 376 -9.90 -28.18 -9.70
CA LEU B 376 -8.73 -27.43 -10.18
C LEU B 376 -9.16 -26.04 -10.58
N SER B 377 -8.41 -25.05 -10.10
CA SER B 377 -8.48 -23.69 -10.62
C SER B 377 -7.30 -23.58 -11.53
N VAL B 378 -7.55 -23.57 -12.83
CA VAL B 378 -6.48 -23.62 -13.81
C VAL B 378 -5.95 -22.20 -13.96
N GLY B 379 -4.65 -22.04 -13.72
CA GLY B 379 -4.01 -20.72 -13.73
C GLY B 379 -3.45 -20.31 -15.08
N LEU B 380 -2.50 -19.38 -15.02
CA LEU B 380 -1.98 -18.70 -16.21
C LEU B 380 -0.59 -19.18 -16.64
N GLU B 381 -0.07 -20.20 -15.96
CA GLU B 381 1.20 -20.78 -16.31
C GLU B 381 1.15 -21.40 -17.69
N ASP B 382 2.33 -21.70 -18.22
N ASP B 382 2.33 -21.67 -18.25
CA ASP B 382 2.47 -22.40 -19.48
CA ASP B 382 2.42 -22.30 -19.56
C ASP B 382 1.74 -23.73 -19.40
C ASP B 382 1.77 -23.70 -19.46
N ILE B 383 0.86 -23.97 -20.37
CA ILE B 383 0.06 -25.21 -20.36
C ILE B 383 0.93 -26.48 -20.39
N ASP B 384 2.05 -26.46 -21.07
CA ASP B 384 2.92 -27.64 -21.07
C ASP B 384 3.45 -27.99 -19.67
N ASP B 385 3.74 -26.97 -18.87
CA ASP B 385 4.17 -27.17 -17.50
C ASP B 385 3.04 -27.70 -16.61
N LEU B 386 1.84 -27.20 -16.82
CA LEU B 386 0.67 -27.67 -16.08
C LEU B 386 0.33 -29.12 -16.45
N LEU B 387 0.38 -29.45 -17.74
CA LEU B 387 0.14 -30.84 -18.17
C LEU B 387 1.15 -31.81 -17.56
N ALA B 388 2.41 -31.41 -17.54
CA ALA B 388 3.45 -32.27 -16.95
C ALA B 388 3.23 -32.51 -15.48
N ASP B 389 2.82 -31.46 -14.75
CA ASP B 389 2.52 -31.59 -13.34
C ASP B 389 1.33 -32.52 -13.09
N VAL B 390 0.25 -32.31 -13.82
CA VAL B 390 -0.93 -33.17 -13.66
C VAL B 390 -0.62 -34.62 -14.06
N GLN B 391 0.13 -34.80 -15.14
CA GLN B 391 0.49 -36.14 -15.62
C GLN B 391 1.21 -36.94 -14.55
N GLN B 392 2.24 -36.35 -13.95
CA GLN B 392 3.03 -37.06 -12.93
C GLN B 392 2.22 -37.29 -11.66
N ALA B 393 1.37 -36.32 -11.32
CA ALA B 393 0.54 -36.47 -10.15
C ALA B 393 -0.52 -37.58 -10.37
N LEU B 394 -1.05 -37.72 -11.60
CA LEU B 394 -1.97 -38.85 -11.89
C LEU B 394 -1.24 -40.19 -11.75
N LYS B 395 0.01 -40.24 -12.20
CA LYS B 395 0.79 -41.48 -12.01
C LYS B 395 0.98 -41.79 -10.53
N ALA B 396 1.31 -40.78 -9.75
CA ALA B 396 1.49 -40.91 -8.31
C ALA B 396 0.19 -41.26 -7.57
N SER B 397 -0.97 -41.01 -8.18
CA SER B 397 -2.25 -41.21 -7.50
C SER B 397 -2.55 -42.69 -7.25
N ALA B 398 -1.95 -43.58 -8.02
CA ALA B 398 -2.25 -45.03 -7.89
C ALA B 398 -1.80 -45.59 -6.55
N LYS C 6 -0.63 35.12 13.40
CA LYS C 6 0.77 34.59 13.58
C LYS C 6 1.00 33.32 12.75
N LEU C 7 2.25 32.88 12.72
CA LEU C 7 2.61 31.58 12.17
C LEU C 7 2.01 30.50 13.10
N PRO C 8 1.22 29.54 12.55
CA PRO C 8 0.78 28.40 13.35
C PRO C 8 1.97 27.65 13.93
N GLY C 9 1.74 26.93 15.02
CA GLY C 9 2.83 26.25 15.74
C GLY C 9 3.31 25.04 14.96
N PHE C 10 4.47 24.53 15.38
CA PHE C 10 5.14 23.41 14.71
C PHE C 10 4.18 22.21 14.54
N ALA C 11 3.54 21.78 15.63
CA ALA C 11 2.64 20.61 15.59
C ALA C 11 1.46 20.84 14.66
N THR C 12 0.94 22.07 14.64
CA THR C 12 -0.14 22.39 13.72
C THR C 12 0.32 22.28 12.27
N ARG C 13 1.48 22.84 11.99
CA ARG C 13 2.03 22.80 10.63
C ARG C 13 2.38 21.37 10.19
N ALA C 14 2.91 20.57 11.11
CA ALA C 14 3.27 19.19 10.80
C ALA C 14 2.05 18.33 10.43
N ILE C 15 0.87 18.73 10.90
CA ILE C 15 -0.38 18.06 10.59
C ILE C 15 -1.07 18.65 9.37
N HIS C 16 -1.05 19.97 9.23
CA HIS C 16 -1.92 20.67 8.29
C HIS C 16 -1.28 21.41 7.14
N HIS C 17 0.00 21.76 7.23
CA HIS C 17 0.56 22.76 6.31
C HIS C 17 0.43 22.32 4.86
N GLY C 18 -0.13 23.22 4.03
CA GLY C 18 -0.18 23.03 2.59
C GLY C 18 -1.34 22.21 2.05
N TYR C 19 -2.26 21.78 2.92
CA TYR C 19 -3.39 20.94 2.53
C TYR C 19 -4.71 21.48 3.09
N ASP C 20 -5.66 21.75 2.20
CA ASP C 20 -7.04 22.03 2.61
C ASP C 20 -7.95 20.95 2.03
N PRO C 21 -8.66 20.19 2.89
CA PRO C 21 -9.56 19.13 2.41
C PRO C 21 -10.57 19.56 1.34
N GLN C 22 -11.02 20.80 1.41
CA GLN C 22 -11.96 21.32 0.42
C GLN C 22 -11.47 21.25 -1.03
N ASP C 23 -10.15 21.22 -1.24
CA ASP C 23 -9.58 21.10 -2.58
C ASP C 23 -9.56 19.67 -3.13
N HIS C 24 -9.80 18.67 -2.28
CA HIS C 24 -9.77 17.27 -2.71
C HIS C 24 -11.01 16.55 -2.22
N GLY C 25 -12.17 17.08 -2.59
CA GLY C 25 -13.47 16.50 -2.27
C GLY C 25 -13.78 16.30 -0.80
N GLY C 26 -13.20 17.15 0.04
CA GLY C 26 -13.32 17.03 1.48
C GLY C 26 -12.46 15.96 2.16
N ALA C 27 -11.61 15.25 1.42
CA ALA C 27 -10.81 14.17 2.06
C ALA C 27 -9.95 14.71 3.20
N LEU C 28 -10.16 14.19 4.41
CA LEU C 28 -9.38 14.65 5.57
C LEU C 28 -7.90 14.33 5.38
N VAL C 29 -7.63 13.11 4.93
CA VAL C 29 -6.27 12.68 4.56
C VAL C 29 -6.12 12.86 3.04
N PRO C 30 -5.04 13.50 2.58
CA PRO C 30 -4.88 13.71 1.13
C PRO C 30 -4.87 12.39 0.35
N PRO C 31 -5.58 12.34 -0.79
CA PRO C 31 -5.51 11.13 -1.63
C PRO C 31 -4.10 10.88 -2.12
N VAL C 32 -3.74 9.60 -2.30
CA VAL C 32 -2.38 9.25 -2.70
C VAL C 32 -2.31 9.17 -4.22
N TYR C 33 -1.48 10.02 -4.82
CA TYR C 33 -1.30 10.03 -6.27
C TYR C 33 -0.27 8.98 -6.70
N GLN C 34 -0.67 7.71 -6.62
CA GLN C 34 0.15 6.60 -7.07
C GLN C 34 -0.07 6.44 -8.60
N THR C 35 0.54 7.34 -9.36
CA THR C 35 0.42 7.42 -10.82
C THR C 35 1.80 7.84 -11.32
N ALA C 36 2.26 7.21 -12.40
CA ALA C 36 3.55 7.60 -13.01
C ALA C 36 3.36 8.74 -13.97
N THR C 37 2.22 8.79 -14.65
CA THR C 37 2.03 9.86 -15.64
C THR C 37 0.74 10.63 -15.47
N PHE C 38 0.78 11.81 -16.07
CA PHE C 38 -0.33 12.76 -16.01
C PHE C 38 -0.67 13.17 -17.44
N THR C 39 -1.95 13.32 -17.72
CA THR C 39 -2.43 13.61 -19.08
C THR C 39 -2.80 15.08 -19.20
N PHE C 40 -2.95 15.54 -20.45
CA PHE C 40 -3.28 16.96 -20.75
C PHE C 40 -4.62 17.08 -21.51
N PRO C 41 -5.41 18.13 -21.21
CA PRO C 41 -6.68 18.34 -21.91
C PRO C 41 -6.48 18.84 -23.34
N THR C 42 -5.37 19.53 -23.58
CA THR C 42 -4.96 19.95 -24.91
C THR C 42 -3.45 19.84 -25.01
N VAL C 43 -2.96 19.74 -26.24
CA VAL C 43 -1.54 19.85 -26.52
C VAL C 43 -0.95 21.19 -26.09
N GLU C 44 -1.76 22.26 -26.11
CA GLU C 44 -1.32 23.58 -25.61
C GLU C 44 -0.99 23.52 -24.12
N TYR C 45 -1.91 22.95 -23.35
CA TYR C 45 -1.69 22.73 -21.91
C TYR C 45 -0.43 21.89 -21.66
N GLY C 46 -0.26 20.82 -22.44
CA GLY C 46 0.93 19.98 -22.37
C GLY C 46 2.23 20.72 -22.66
N ALA C 47 2.23 21.50 -23.74
CA ALA C 47 3.39 22.33 -24.15
C ALA C 47 3.94 23.19 -23.02
N ALA C 48 3.04 23.85 -22.29
CA ALA C 48 3.39 24.79 -21.22
C ALA C 48 4.11 24.14 -20.03
N CYS C 49 3.81 22.87 -19.75
CA CYS C 49 4.40 22.17 -18.60
C CYS C 49 5.87 21.77 -18.80
N PHE C 50 6.24 21.36 -20.01
CA PHE C 50 7.64 21.01 -20.32
C PHE C 50 8.55 22.24 -20.42
N ALA C 51 7.99 23.36 -20.87
CA ALA C 51 8.66 24.67 -20.82
C ALA C 51 8.64 25.25 -19.39
N GLY C 52 7.54 25.01 -18.67
CA GLY C 52 7.40 25.41 -17.27
C GLY C 52 6.69 26.74 -17.04
N GLU C 53 5.61 26.98 -17.78
CA GLU C 53 4.74 28.15 -17.58
C GLU C 53 3.43 27.80 -16.87
N GLN C 54 2.85 26.65 -17.24
CA GLN C 54 1.62 26.15 -16.60
C GLN C 54 2.01 25.34 -15.36
N ALA C 55 1.42 25.69 -14.21
CA ALA C 55 1.72 25.04 -12.93
C ALA C 55 0.88 23.77 -12.75
N GLY C 56 1.28 22.72 -13.47
CA GLY C 56 0.60 21.42 -13.46
C GLY C 56 1.58 20.26 -13.23
N HIS C 57 1.22 19.09 -13.75
CA HIS C 57 2.04 17.88 -13.65
C HIS C 57 2.14 17.12 -14.95
N PHE C 58 3.27 16.45 -15.14
CA PHE C 58 3.47 15.59 -16.32
C PHE C 58 4.05 14.20 -16.01
N TYR C 59 5.00 14.14 -15.08
CA TYR C 59 5.70 12.88 -14.79
C TYR C 59 6.26 12.87 -13.36
N SER C 60 5.94 11.81 -12.61
CA SER C 60 6.23 11.75 -11.17
C SER C 60 7.70 11.71 -10.74
N ARG C 61 8.62 11.33 -11.65
CA ARG C 61 10.06 11.48 -11.38
C ARG C 61 10.44 12.96 -11.24
N ILE C 62 9.84 13.83 -12.07
CA ILE C 62 10.10 15.28 -11.98
C ILE C 62 9.33 15.90 -10.80
N SER C 63 8.04 15.59 -10.69
CA SER C 63 7.14 16.15 -9.66
C SER C 63 5.76 15.42 -9.61
N ASN C 64 5.13 15.36 -8.43
CA ASN C 64 3.86 14.59 -8.16
C ASN C 64 3.10 15.25 -6.98
N PRO C 65 1.75 15.37 -7.01
CA PRO C 65 1.07 16.15 -5.94
C PRO C 65 1.26 15.64 -4.50
N THR C 66 1.36 14.33 -4.33
CA THR C 66 1.64 13.77 -3.00
C THR C 66 3.05 14.17 -2.54
N LEU C 67 4.03 13.99 -3.42
CA LEU C 67 5.39 14.42 -3.13
C LEU C 67 5.45 15.96 -2.88
N ASN C 68 4.69 16.71 -3.66
CA ASN C 68 4.71 18.17 -3.50
C ASN C 68 4.22 18.63 -2.12
N LEU C 69 3.17 17.96 -1.62
CA LEU C 69 2.67 18.25 -0.28
C LEU C 69 3.71 17.95 0.78
N LEU C 70 4.35 16.78 0.67
CA LEU C 70 5.41 16.41 1.59
C LEU C 70 6.53 17.45 1.58
N GLU C 71 6.93 17.85 0.37
CA GLU C 71 7.98 18.86 0.15
C GLU C 71 7.62 20.20 0.78
N ALA C 72 6.41 20.68 0.52
CA ALA C 72 5.97 21.96 1.10
C ALA C 72 5.94 21.92 2.62
N ARG C 73 5.49 20.80 3.16
CA ARG C 73 5.40 20.63 4.58
C ARG C 73 6.77 20.59 5.21
N MET C 74 7.68 19.81 4.65
CA MET C 74 9.05 19.81 5.16
C MET C 74 9.72 21.20 5.06
N ALA C 75 9.44 21.93 3.98
CA ALA C 75 9.98 23.29 3.82
C ALA C 75 9.48 24.19 4.94
N SER C 76 8.19 24.09 5.24
CA SER C 76 7.63 24.85 6.36
C SER C 76 8.30 24.49 7.69
N LEU C 77 8.48 23.21 7.98
CA LEU C 77 9.08 22.82 9.26
C LEU C 77 10.54 23.24 9.44
N GLU C 78 11.34 23.17 8.37
CA GLU C 78 12.71 23.68 8.36
C GLU C 78 12.82 25.21 8.17
N GLY C 79 11.72 25.88 7.83
CA GLY C 79 11.73 27.31 7.54
C GLY C 79 12.53 27.66 6.29
N GLY C 80 12.38 26.81 5.26
CA GLY C 80 13.03 27.00 3.96
C GLY C 80 12.01 27.33 2.88
N GLU C 81 12.49 27.76 1.72
CA GLU C 81 11.59 28.16 0.63
C GLU C 81 10.95 26.97 -0.08
N ALA C 82 11.72 25.89 -0.24
CA ALA C 82 11.34 24.80 -1.11
C ALA C 82 11.89 23.46 -0.62
N GLY C 83 11.13 22.40 -0.91
CA GLY C 83 11.51 21.04 -0.54
C GLY C 83 11.55 20.12 -1.73
N LEU C 84 12.30 19.03 -1.58
CA LEU C 84 12.43 17.99 -2.58
C LEU C 84 12.45 16.63 -1.87
N ALA C 85 11.64 15.71 -2.34
CA ALA C 85 11.54 14.36 -1.77
C ALA C 85 12.21 13.36 -2.69
N LEU C 86 12.99 12.44 -2.10
CA LEU C 86 13.81 11.48 -2.83
C LEU C 86 13.71 10.09 -2.19
N ALA C 87 14.22 9.10 -2.92
CA ALA C 87 14.05 7.68 -2.57
C ALA C 87 14.84 7.27 -1.31
N SER C 88 15.84 8.04 -0.90
CA SER C 88 16.62 7.75 0.29
C SER C 88 17.38 8.99 0.73
N GLY C 89 17.92 8.95 1.96
CA GLY C 89 18.87 9.98 2.39
C GLY C 89 20.07 10.05 1.47
N MET C 90 20.60 8.91 1.05
CA MET C 90 21.69 8.93 0.05
C MET C 90 21.23 9.54 -1.27
N GLY C 91 19.98 9.31 -1.66
CA GLY C 91 19.41 10.00 -2.83
C GLY C 91 19.42 11.52 -2.67
N ALA C 92 19.07 12.01 -1.49
CA ALA C 92 19.13 13.45 -1.18
C ALA C 92 20.57 14.02 -1.26
N ILE C 93 21.50 13.32 -0.64
CA ILE C 93 22.89 13.78 -0.55
C ILE C 93 23.56 13.78 -1.94
N THR C 94 23.42 12.67 -2.67
CA THR C 94 24.04 12.55 -3.99
C THR C 94 23.39 13.50 -5.00
N SER C 95 22.06 13.63 -4.98
CA SER C 95 21.39 14.55 -5.91
C SER C 95 21.88 15.99 -5.69
N THR C 96 22.00 16.35 -4.43
CA THR C 96 22.53 17.66 -4.02
C THR C 96 23.97 17.87 -4.51
N LEU C 97 24.87 16.96 -4.18
CA LEU C 97 26.28 17.19 -4.45
C LEU C 97 26.62 17.04 -5.93
N TRP C 98 25.93 16.14 -6.64
CA TRP C 98 26.12 16.03 -8.09
C TRP C 98 25.69 17.33 -8.80
N THR C 99 24.71 18.04 -8.26
CA THR C 99 24.24 19.27 -8.85
C THR C 99 25.25 20.41 -8.60
N LEU C 100 25.75 20.51 -7.38
CA LEU C 100 26.60 21.63 -6.94
C LEU C 100 28.07 21.54 -7.28
N LEU C 101 28.59 20.35 -7.60
CA LEU C 101 30.04 20.17 -7.76
C LEU C 101 30.43 19.70 -9.15
N ARG C 102 31.60 20.16 -9.63
CA ARG C 102 32.17 19.73 -10.91
C ARG C 102 33.67 19.54 -10.71
N PRO C 103 34.34 18.84 -11.65
CA PRO C 103 35.78 18.59 -11.44
C PRO C 103 36.59 19.87 -11.19
N GLY C 104 37.49 19.76 -10.22
CA GLY C 104 38.30 20.89 -9.76
C GLY C 104 37.69 21.65 -8.60
N ASP C 105 36.38 21.54 -8.38
CA ASP C 105 35.77 22.10 -7.18
C ASP C 105 36.24 21.34 -5.96
N GLU C 106 36.21 22.00 -4.81
CA GLU C 106 36.52 21.40 -3.53
C GLU C 106 35.29 21.40 -2.63
N VAL C 107 35.12 20.32 -1.89
CA VAL C 107 34.14 20.24 -0.82
C VAL C 107 34.89 20.07 0.49
N LEU C 108 34.61 20.98 1.42
CA LEU C 108 35.13 20.92 2.80
C LEU C 108 34.14 20.13 3.63
N LEU C 109 34.65 19.12 4.33
CA LEU C 109 33.84 18.11 5.00
C LEU C 109 34.08 18.10 6.50
N GLY C 110 33.03 17.85 7.27
CA GLY C 110 33.20 17.54 8.68
C GLY C 110 34.14 16.35 8.85
N ASN C 111 34.86 16.32 9.96
CA ASN C 111 35.88 15.28 10.21
C ASN C 111 35.36 13.85 10.21
N THR C 112 34.10 13.65 10.59
CA THR C 112 33.52 12.33 10.54
C THR C 112 32.16 12.42 9.88
N LEU C 113 31.87 11.43 9.04
CA LEU C 113 30.63 11.37 8.29
C LEU C 113 30.05 9.97 8.40
N TYR C 114 28.73 9.89 8.23
CA TYR C 114 28.02 8.64 7.94
C TYR C 114 28.79 7.86 6.88
N GLY C 115 28.91 6.55 7.10
CA GLY C 115 29.77 5.69 6.31
C GLY C 115 29.54 5.77 4.82
N HIS C 116 28.28 5.72 4.38
CA HIS C 116 28.06 5.73 2.94
C HIS C 116 28.19 7.13 2.36
N THR C 117 28.03 8.17 3.19
CA THR C 117 28.32 9.55 2.72
C THR C 117 29.84 9.63 2.46
N PHE C 118 30.62 9.18 3.44
CA PHE C 118 32.10 9.06 3.27
C PHE C 118 32.47 8.26 2.03
N ALA C 119 31.83 7.11 1.83
CA ALA C 119 32.10 6.30 0.66
C ALA C 119 31.74 7.00 -0.67
N PHE C 120 30.58 7.65 -0.72
CA PHE C 120 30.19 8.44 -1.89
C PHE C 120 31.25 9.48 -2.21
N LEU C 121 31.67 10.20 -1.18
CA LEU C 121 32.62 11.27 -1.36
C LEU C 121 33.98 10.77 -1.83
N HIS C 122 34.53 9.79 -1.14
CA HIS C 122 35.89 9.34 -1.43
C HIS C 122 36.02 8.38 -2.61
N HIS C 123 35.04 7.49 -2.77
CA HIS C 123 35.12 6.48 -3.81
C HIS C 123 34.18 6.73 -4.98
N GLY C 124 33.32 7.75 -4.87
CA GLY C 124 32.35 8.12 -5.91
C GLY C 124 32.73 9.43 -6.55
N ILE C 125 32.07 10.52 -6.11
CA ILE C 125 32.29 11.84 -6.72
C ILE C 125 33.76 12.28 -6.66
N GLY C 126 34.46 11.94 -5.57
CA GLY C 126 35.90 12.20 -5.45
C GLY C 126 36.78 11.54 -6.51
N GLU C 127 36.32 10.44 -7.08
CA GLU C 127 37.01 9.80 -8.21
C GLU C 127 36.69 10.42 -9.57
N PHE C 128 35.82 11.42 -9.60
CA PHE C 128 35.50 12.16 -10.81
C PHE C 128 36.09 13.57 -10.77
N GLY C 129 37.15 13.76 -10.01
CA GLY C 129 37.92 15.01 -10.09
C GLY C 129 37.52 16.08 -9.10
N VAL C 130 36.58 15.78 -8.20
CA VAL C 130 36.18 16.69 -7.13
C VAL C 130 37.14 16.51 -5.96
N LYS C 131 37.65 17.63 -5.43
CA LYS C 131 38.61 17.59 -4.33
C LYS C 131 37.88 17.55 -2.99
N LEU C 132 38.43 16.76 -2.05
CA LEU C 132 37.86 16.60 -0.71
C LEU C 132 38.86 17.09 0.32
N ARG C 133 38.38 17.80 1.35
CA ARG C 133 39.19 18.06 2.51
C ARG C 133 38.35 18.00 3.77
N HIS C 134 38.84 17.28 4.78
CA HIS C 134 38.16 17.16 6.06
C HIS C 134 38.71 18.20 7.02
N VAL C 135 37.82 18.89 7.73
CA VAL C 135 38.16 19.93 8.68
C VAL C 135 37.26 19.82 9.91
N ASP C 136 37.79 20.20 11.08
CA ASP C 136 36.96 20.30 12.27
C ASP C 136 36.03 21.50 12.15
N MET C 137 34.73 21.25 11.94
CA MET C 137 33.74 22.33 11.73
C MET C 137 33.35 23.11 12.99
N ALA C 138 33.91 22.74 14.14
CA ALA C 138 33.79 23.52 15.38
C ALA C 138 34.98 24.50 15.52
N ASP C 139 36.07 24.22 14.82
CA ASP C 139 37.27 25.07 14.82
C ASP C 139 37.20 26.09 13.67
N LEU C 140 36.66 27.27 13.96
CA LEU C 140 36.43 28.31 12.97
C LEU C 140 37.72 28.88 12.36
N GLN C 141 38.80 28.87 13.14
CA GLN C 141 40.10 29.33 12.64
C GLN C 141 40.65 28.33 11.62
N ALA C 142 40.55 27.05 11.93
CA ALA C 142 40.94 26.00 11.01
C ALA C 142 40.06 25.98 9.74
N LEU C 143 38.77 26.25 9.88
CA LEU C 143 37.87 26.28 8.72
C LEU C 143 38.25 27.43 7.79
N GLU C 144 38.40 28.64 8.35
CA GLU C 144 38.80 29.81 7.53
C GLU C 144 40.10 29.55 6.77
N ALA C 145 41.08 28.96 7.45
CA ALA C 145 42.38 28.64 6.86
C ALA C 145 42.30 27.56 5.79
N ALA C 146 41.36 26.63 5.93
CA ALA C 146 41.14 25.60 4.92
C ALA C 146 40.42 26.09 3.64
N MET C 147 39.74 27.24 3.70
CA MET C 147 39.05 27.77 2.51
C MET C 147 40.07 28.06 1.40
N THR C 148 39.71 27.69 0.17
CA THR C 148 40.48 27.98 -1.04
C THR C 148 39.50 28.52 -2.09
N PRO C 149 40.01 29.17 -3.16
CA PRO C 149 39.10 29.51 -4.26
C PRO C 149 38.32 28.34 -4.89
N ALA C 150 38.81 27.11 -4.72
CA ALA C 150 38.09 25.96 -5.22
C ALA C 150 36.93 25.55 -4.32
N THR C 151 36.89 26.03 -3.07
CA THR C 151 35.85 25.61 -2.11
C THR C 151 34.49 26.11 -2.56
N ARG C 152 33.61 25.18 -2.88
CA ARG C 152 32.28 25.52 -3.36
C ARG C 152 31.17 25.02 -2.45
N VAL C 153 31.44 23.97 -1.68
CA VAL C 153 30.46 23.39 -0.76
C VAL C 153 31.15 23.11 0.57
N ILE C 154 30.47 23.44 1.66
CA ILE C 154 30.86 22.97 2.99
C ILE C 154 29.73 22.04 3.44
N TYR C 155 30.09 20.81 3.77
CA TYR C 155 29.11 19.74 4.08
C TYR C 155 29.47 19.08 5.39
N PHE C 156 28.49 18.97 6.28
CA PHE C 156 28.70 18.25 7.54
C PHE C 156 27.37 17.87 8.18
N GLU C 157 27.46 16.94 9.13
CA GLU C 157 26.38 16.58 10.03
C GLU C 157 26.62 17.28 11.35
N SER C 158 25.55 17.65 12.05
CA SER C 158 25.69 18.16 13.41
C SER C 158 24.42 17.79 14.18
N PRO C 159 24.51 16.96 15.22
CA PRO C 159 25.71 16.26 15.68
C PRO C 159 26.17 15.21 14.69
N ALA C 160 27.45 14.88 14.73
CA ALA C 160 28.03 13.88 13.86
C ALA C 160 28.44 12.64 14.64
N ASN C 161 28.23 11.46 14.05
CA ASN C 161 28.92 10.23 14.53
C ASN C 161 30.44 10.38 14.53
N PRO C 162 31.16 9.68 15.41
CA PRO C 162 30.62 8.77 16.43
C PRO C 162 30.32 9.45 17.76
N ASN C 163 31.03 10.55 18.07
CA ASN C 163 31.02 11.18 19.39
C ASN C 163 30.08 12.37 19.50
N MET C 164 29.14 12.49 18.55
CA MET C 164 28.12 13.54 18.57
C MET C 164 28.73 14.93 18.50
N HIS C 165 29.85 15.02 17.80
CA HIS C 165 30.57 16.27 17.66
C HIS C 165 29.69 17.30 16.91
N MET C 166 29.75 18.55 17.35
CA MET C 166 28.87 19.62 16.90
C MET C 166 29.68 20.57 16.03
N ALA C 167 29.02 21.17 15.07
CA ALA C 167 29.60 22.29 14.32
C ALA C 167 28.90 23.56 14.74
N ASP C 168 29.60 24.67 14.62
CA ASP C 168 29.02 25.98 14.85
C ASP C 168 28.41 26.47 13.53
N ILE C 169 27.16 26.13 13.29
CA ILE C 169 26.49 26.41 11.99
C ILE C 169 26.53 27.88 11.58
N ALA C 170 26.15 28.77 12.50
CA ALA C 170 26.21 30.21 12.24
C ALA C 170 27.64 30.69 11.93
N GLY C 171 28.62 30.16 12.65
CA GLY C 171 30.02 30.49 12.42
C GLY C 171 30.51 30.03 11.06
N VAL C 172 30.11 28.82 10.68
CA VAL C 172 30.45 28.28 9.36
C VAL C 172 29.82 29.14 8.26
N ALA C 173 28.54 29.51 8.43
CA ALA C 173 27.84 30.28 7.42
C ALA C 173 28.50 31.64 7.21
N LYS C 174 28.95 32.26 8.30
CA LYS C 174 29.63 33.55 8.20
C LYS C 174 30.92 33.42 7.38
N ILE C 175 31.67 32.35 7.57
CA ILE C 175 32.88 32.09 6.77
C ILE C 175 32.52 31.84 5.30
N ALA C 176 31.56 30.95 5.07
CA ALA C 176 31.12 30.61 3.71
C ALA C 176 30.68 31.82 2.91
N ARG C 177 29.96 32.73 3.58
CA ARG C 177 29.46 33.95 2.97
C ARG C 177 30.59 34.82 2.37
N LYS C 178 31.77 34.81 2.99
CA LYS C 178 32.91 35.60 2.50
C LYS C 178 33.47 35.04 1.20
N HIS C 179 33.28 33.75 0.98
CA HIS C 179 33.87 33.05 -0.16
C HIS C 179 32.83 32.56 -1.17
N GLY C 180 31.57 32.94 -0.99
CA GLY C 180 30.47 32.53 -1.86
C GLY C 180 29.97 31.10 -1.73
N ALA C 181 30.53 30.32 -0.78
CA ALA C 181 30.34 28.85 -0.77
C ALA C 181 29.00 28.44 -0.18
N THR C 182 28.53 27.27 -0.61
CA THR C 182 27.20 26.78 -0.24
C THR C 182 27.36 25.83 0.96
N VAL C 183 26.62 26.09 2.03
CA VAL C 183 26.69 25.27 3.25
C VAL C 183 25.52 24.29 3.26
N VAL C 184 25.84 23.00 3.37
CA VAL C 184 24.85 21.92 3.33
C VAL C 184 24.97 21.19 4.67
N VAL C 185 23.86 21.06 5.41
CA VAL C 185 23.86 20.41 6.69
C VAL C 185 22.95 19.19 6.66
N ASP C 186 23.52 18.04 7.00
CA ASP C 186 22.71 16.84 7.23
C ASP C 186 22.08 16.93 8.63
N ASN C 187 20.77 17.13 8.65
CA ASN C 187 20.01 17.44 9.87
C ASN C 187 19.21 16.21 10.31
N THR C 188 19.65 15.03 9.89
CA THR C 188 18.91 13.78 10.17
C THR C 188 18.69 13.55 11.67
N TYR C 189 19.75 13.69 12.45
CA TYR C 189 19.66 13.35 13.87
C TYR C 189 18.70 14.22 14.66
N CYS C 190 18.69 15.52 14.38
CA CYS C 190 17.89 16.45 15.14
C CYS C 190 16.47 16.53 14.66
N THR C 191 16.28 16.49 13.33
CA THR C 191 15.02 16.84 12.68
C THR C 191 14.75 18.33 12.82
N PRO C 192 13.83 18.89 12.00
CA PRO C 192 13.50 20.32 12.15
C PRO C 192 12.85 20.68 13.50
N TYR C 193 12.33 19.69 14.21
CA TYR C 193 11.75 19.94 15.52
C TYR C 193 12.80 20.36 16.54
N LEU C 194 14.03 19.84 16.43
CA LEU C 194 15.08 20.17 17.40
C LEU C 194 16.10 21.20 16.92
N GLN C 195 16.32 21.28 15.60
CA GLN C 195 17.36 22.17 15.06
C GLN C 195 16.98 22.56 13.65
N ARG C 196 17.14 23.83 13.31
CA ARG C 196 16.77 24.33 11.99
C ARG C 196 17.97 25.07 11.41
N PRO C 197 18.89 24.33 10.75
CA PRO C 197 20.13 24.93 10.22
C PRO C 197 19.95 26.11 9.28
N LEU C 198 18.85 26.16 8.53
CA LEU C 198 18.58 27.26 7.60
C LEU C 198 18.39 28.57 8.36
N GLU C 199 17.78 28.48 9.55
CA GLU C 199 17.59 29.64 10.43
C GLU C 199 18.89 30.11 11.07
N LEU C 200 19.91 29.25 11.12
CA LEU C 200 21.26 29.58 11.54
C LEU C 200 22.20 29.99 10.40
N GLY C 201 21.69 30.04 9.17
CA GLY C 201 22.44 30.52 8.02
C GLY C 201 22.90 29.50 7.00
N ALA C 202 22.59 28.21 7.21
CA ALA C 202 22.87 27.20 6.18
C ALA C 202 22.05 27.49 4.95
N ASP C 203 22.53 27.01 3.80
CA ASP C 203 21.83 27.17 2.54
C ASP C 203 20.86 26.03 2.23
N LEU C 204 21.26 24.82 2.58
CA LEU C 204 20.49 23.61 2.31
C LEU C 204 20.59 22.67 3.47
N VAL C 205 19.51 21.94 3.71
CA VAL C 205 19.53 20.84 4.66
C VAL C 205 19.12 19.57 3.93
N VAL C 206 19.77 18.48 4.32
CA VAL C 206 19.42 17.16 3.83
C VAL C 206 18.99 16.26 5.00
N HIS C 207 18.11 15.32 4.70
CA HIS C 207 17.68 14.33 5.70
C HIS C 207 17.64 12.95 5.11
N SER C 208 18.09 11.98 5.90
CA SER C 208 17.55 10.62 5.80
C SER C 208 16.21 10.57 6.52
N ALA C 209 15.13 10.75 5.77
CA ALA C 209 13.78 10.65 6.33
C ALA C 209 13.41 9.23 6.74
N THR C 210 14.20 8.25 6.30
CA THR C 210 14.20 6.87 6.79
C THR C 210 14.23 6.77 8.33
N TYR C 212 14.18 9.46 11.93
CA TYR C 212 13.14 10.03 12.78
C TYR C 212 11.93 10.58 12.09
N LEU C 213 12.07 11.15 10.88
CA LEU C 213 10.92 11.77 10.24
C LEU C 213 9.82 10.72 9.99
N SER C 214 10.22 9.59 9.40
CA SER C 214 9.30 8.44 9.25
C SER C 214 8.91 7.95 10.63
N GLY C 215 9.94 7.66 11.42
CA GLY C 215 9.79 7.25 12.81
C GLY C 215 9.45 5.80 13.07
N HIS C 216 9.05 5.08 12.04
CA HIS C 216 8.48 3.74 12.24
C HIS C 216 9.18 2.63 11.46
N GLY C 217 10.30 2.95 10.84
CA GLY C 217 11.20 1.98 10.26
C GLY C 217 10.71 1.22 9.06
N ASP C 218 9.74 1.80 8.49
CA ASP C 218 9.10 1.09 7.36
C ASP C 218 9.18 1.81 6.03
N ILE C 219 9.93 2.77 5.83
CA ILE C 219 10.21 3.35 4.52
C ILE C 219 11.65 3.80 4.45
N THR C 220 12.15 3.93 3.24
CA THR C 220 13.43 4.59 2.98
C THR C 220 13.08 5.86 2.19
N ALA C 221 13.62 7.00 2.59
CA ALA C 221 13.28 8.27 1.97
C ALA C 221 14.31 9.33 2.33
N GLY C 222 14.42 10.34 1.46
CA GLY C 222 15.28 11.48 1.67
C GLY C 222 14.54 12.77 1.44
N ILE C 223 15.05 13.83 2.07
CA ILE C 223 14.48 15.16 1.89
C ILE C 223 15.62 16.16 1.72
N VAL C 224 15.42 17.12 0.81
CA VAL C 224 16.27 18.31 0.69
C VAL C 224 15.38 19.54 0.93
N VAL C 225 15.84 20.50 1.74
CA VAL C 225 15.12 21.79 1.88
C VAL C 225 16.12 22.94 1.71
N GLY C 226 15.70 23.95 0.97
CA GLY C 226 16.51 25.15 0.75
C GLY C 226 15.81 26.20 -0.07
N SER C 227 16.62 27.09 -0.67
CA SER C 227 16.10 28.13 -1.55
C SER C 227 15.52 27.56 -2.81
N GLN C 228 14.53 28.27 -3.37
CA GLN C 228 13.85 27.83 -4.57
C GLN C 228 14.83 27.58 -5.70
N ALA C 229 15.76 28.50 -5.91
CA ALA C 229 16.69 28.36 -7.02
C ALA C 229 17.61 27.11 -6.92
N LEU C 230 18.16 26.86 -5.74
CA LEU C 230 19.02 25.70 -5.53
C LEU C 230 18.20 24.40 -5.58
N VAL C 231 17.04 24.39 -4.94
CA VAL C 231 16.20 23.15 -4.91
C VAL C 231 15.69 22.84 -6.33
N ASP C 232 15.30 23.85 -7.10
CA ASP C 232 14.94 23.65 -8.50
C ASP C 232 16.05 22.98 -9.31
N ARG C 233 17.29 23.41 -9.14
CA ARG C 233 18.39 22.79 -9.86
C ARG C 233 18.61 21.34 -9.44
N ILE C 234 18.51 21.08 -8.14
CA ILE C 234 18.71 19.72 -7.63
C ILE C 234 17.60 18.81 -8.16
N ARG C 235 16.36 19.32 -8.21
CA ARG C 235 15.25 18.57 -8.83
C ARG C 235 15.49 18.25 -10.30
N LEU C 236 15.88 19.28 -11.06
CA LEU C 236 15.95 19.18 -12.51
C LEU C 236 17.26 18.65 -13.06
N GLN C 237 18.29 18.55 -12.23
CA GLN C 237 19.56 18.01 -12.63
C GLN C 237 19.88 16.77 -11.79
N GLY C 238 20.12 16.98 -10.50
CA GLY C 238 20.51 15.89 -9.60
C GLY C 238 19.55 14.72 -9.59
N LEU C 239 18.26 14.99 -9.36
CA LEU C 239 17.24 13.95 -9.31
C LEU C 239 16.87 13.47 -10.70
N LYS C 240 16.46 14.40 -11.56
CA LYS C 240 15.90 14.04 -12.86
C LYS C 240 16.85 13.24 -13.72
N ASP C 241 18.11 13.68 -13.75
CA ASP C 241 19.13 13.20 -14.67
C ASP C 241 20.25 12.37 -14.03
N MET C 242 20.68 12.70 -12.81
CA MET C 242 21.92 12.12 -12.31
C MET C 242 21.75 10.99 -11.31
N THR C 243 20.56 10.86 -10.71
CA THR C 243 20.30 9.75 -9.76
C THR C 243 19.02 8.98 -10.00
N GLY C 244 17.97 9.64 -10.47
CA GLY C 244 16.68 8.96 -10.61
C GLY C 244 16.14 8.43 -9.30
N ALA C 245 16.53 9.04 -8.18
CA ALA C 245 16.15 8.54 -6.84
C ALA C 245 14.74 9.04 -6.49
N VAL C 246 13.74 8.50 -7.19
CA VAL C 246 12.34 8.92 -7.11
C VAL C 246 11.67 8.26 -5.92
N LEU C 247 11.03 9.06 -5.06
CA LEU C 247 10.25 8.53 -3.94
C LEU C 247 8.86 8.06 -4.38
N SER C 248 8.50 6.87 -3.92
CA SER C 248 7.16 6.36 -4.17
C SER C 248 6.10 7.24 -3.48
N PRO C 249 5.00 7.54 -4.16
CA PRO C 249 3.91 8.27 -3.47
C PRO C 249 3.35 7.55 -2.23
N HIS C 250 3.32 6.23 -2.29
CA HIS C 250 2.93 5.41 -1.13
C HIS C 250 3.85 5.72 0.05
N ASP C 251 5.15 5.70 -0.19
CA ASP C 251 6.10 5.93 0.88
C ASP C 251 6.05 7.38 1.33
N ALA C 252 5.81 8.31 0.41
CA ALA C 252 5.67 9.73 0.75
C ALA C 252 4.48 9.95 1.66
N ALA C 253 3.41 9.20 1.41
CA ALA C 253 2.22 9.28 2.26
C ALA C 253 2.50 8.75 3.67
N LEU C 254 3.20 7.61 3.76
CA LEU C 254 3.64 7.09 5.08
C LEU C 254 4.54 8.07 5.80
N LEU C 255 5.43 8.73 5.07
CA LEU C 255 6.33 9.71 5.69
C LEU C 255 5.52 10.89 6.29
N MET C 256 4.56 11.40 5.54
CA MET C 256 3.68 12.42 6.07
C MET C 256 2.92 11.91 7.27
N ARG C 257 2.52 10.64 7.26
CA ARG C 257 1.82 10.08 8.42
C ARG C 257 2.75 10.14 9.63
N GLY C 258 4.00 9.73 9.45
CA GLY C 258 5.00 9.79 10.51
C GLY C 258 5.26 11.20 11.02
N ILE C 259 5.34 12.15 10.12
CA ILE C 259 5.61 13.54 10.52
C ILE C 259 4.51 14.13 11.44
N LYS C 260 3.28 13.63 11.31
CA LYS C 260 2.17 14.10 12.16
C LYS C 260 2.39 13.86 13.65
N THR C 261 3.27 12.94 14.01
CA THR C 261 3.64 12.72 15.42
C THR C 261 5.09 13.06 15.77
N LEU C 262 5.78 13.77 14.88
CA LEU C 262 7.21 14.01 15.07
C LEU C 262 7.50 14.70 16.40
N ASN C 263 6.76 15.77 16.71
CA ASN C 263 7.00 16.47 17.99
C ASN C 263 6.87 15.52 19.20
N LEU C 264 5.85 14.68 19.20
CA LEU C 264 5.55 13.80 20.35
C LEU C 264 6.60 12.72 20.45
N ARG C 265 6.98 12.15 19.32
CA ARG C 265 7.99 11.11 19.30
C ARG C 265 9.35 11.65 19.74
N MET C 266 9.76 12.78 19.18
CA MET C 266 11.06 13.36 19.55
C MET C 266 11.11 13.68 21.06
N ASP C 267 10.01 14.19 21.60
CA ASP C 267 9.96 14.49 23.05
C ASP C 267 10.25 13.22 23.88
N ARG C 268 9.67 12.11 23.46
CA ARG C 268 9.84 10.83 24.15
C ARG C 268 11.21 10.20 23.89
N HIS C 269 11.69 10.22 22.64
CA HIS C 269 13.07 9.80 22.39
C HIS C 269 14.05 10.55 23.29
N CYS C 270 13.89 11.87 23.39
CA CYS C 270 14.79 12.71 24.18
C CYS C 270 14.66 12.42 25.67
N ALA C 271 13.43 12.33 26.16
CA ALA C 271 13.17 12.04 27.57
C ALA C 271 13.80 10.68 27.95
N ASN C 272 13.57 9.65 27.13
CA ASN C 272 14.19 8.34 27.37
C ASN C 272 15.73 8.36 27.30
N ALA C 273 16.31 9.06 26.32
CA ALA C 273 17.77 9.09 26.18
C ALA C 273 18.41 9.84 27.36
N GLN C 274 17.77 10.90 27.82
CA GLN C 274 18.24 11.66 29.00
C GLN C 274 18.36 10.76 30.23
N VAL C 275 17.37 9.90 30.44
CA VAL C 275 17.42 8.97 31.57
C VAL C 275 18.54 7.95 31.37
N LEU C 276 18.62 7.35 30.19
CA LEU C 276 19.65 6.36 29.91
C LEU C 276 21.06 6.96 29.98
N ALA C 277 21.21 8.22 29.56
CA ALA C 277 22.52 8.88 29.61
C ALA C 277 22.96 9.11 31.06
N GLU C 278 22.05 9.62 31.88
CA GLU C 278 22.30 9.82 33.33
C GLU C 278 22.72 8.50 33.99
N PHE C 279 22.06 7.42 33.63
CA PHE C 279 22.38 6.11 34.16
C PHE C 279 23.75 5.63 33.70
N LEU C 280 23.96 5.63 32.39
CA LEU C 280 25.24 5.16 31.81
C LEU C 280 26.47 5.97 32.26
N ALA C 281 26.32 7.29 32.39
CA ALA C 281 27.43 8.17 32.77
C ALA C 281 28.03 7.89 34.15
N ARG C 282 27.35 7.09 34.96
CA ARG C 282 27.86 6.76 36.29
C ARG C 282 28.01 5.24 36.49
N GLN C 283 28.01 4.45 35.41
CA GLN C 283 28.27 3.02 35.49
C GLN C 283 29.77 2.70 35.41
N PRO C 284 30.24 1.69 36.18
CA PRO C 284 31.67 1.35 36.24
C PRO C 284 32.23 0.85 34.92
N GLN C 285 31.40 0.09 34.20
CA GLN C 285 31.75 -0.49 32.91
C GLN C 285 31.99 0.55 31.81
N VAL C 286 31.51 1.79 32.02
CA VAL C 286 31.57 2.86 31.03
C VAL C 286 32.75 3.80 31.24
N GLU C 287 33.62 3.88 30.25
CA GLU C 287 34.79 4.75 30.29
C GLU C 287 34.50 6.19 29.89
N LEU C 288 33.77 6.36 28.79
CA LEU C 288 33.42 7.67 28.24
C LEU C 288 31.97 7.61 27.77
N ILE C 289 31.29 8.75 27.81
CA ILE C 289 29.94 8.83 27.23
C ILE C 289 29.79 10.14 26.45
N HIS C 290 29.16 10.04 25.28
CA HIS C 290 28.86 11.18 24.44
C HIS C 290 27.35 11.31 24.37
N TYR C 291 26.83 12.29 25.10
CA TYR C 291 25.41 12.62 25.03
C TYR C 291 25.31 14.13 25.23
N PRO C 292 24.70 14.85 24.27
CA PRO C 292 24.68 16.30 24.36
C PRO C 292 24.01 16.91 25.61
N GLY C 293 23.12 16.16 26.24
CA GLY C 293 22.41 16.62 27.43
C GLY C 293 23.16 16.52 28.74
N LEU C 294 24.32 15.86 28.74
CA LEU C 294 25.15 15.77 29.95
C LEU C 294 25.95 17.04 30.10
N ALA C 295 25.97 17.57 31.33
CA ALA C 295 26.73 18.78 31.66
C ALA C 295 28.21 18.70 31.29
N SER C 296 28.77 17.50 31.34
CA SER C 296 30.15 17.26 30.97
C SER C 296 30.41 17.15 29.44
N PHE C 297 29.35 17.20 28.61
CA PHE C 297 29.52 17.15 27.16
C PHE C 297 30.39 18.35 26.78
N PRO C 298 31.51 18.11 26.04
CA PRO C 298 32.46 19.21 25.74
C PRO C 298 31.85 20.43 25.07
N GLN C 299 30.88 20.20 24.17
CA GLN C 299 30.18 21.29 23.51
C GLN C 299 28.77 21.52 24.05
N TYR C 300 28.56 21.30 25.35
CA TYR C 300 27.27 21.54 26.01
C TYR C 300 26.66 22.86 25.62
N THR C 301 27.45 23.93 25.67
CA THR C 301 26.94 25.27 25.41
C THR C 301 26.50 25.48 23.95
N LEU C 302 27.35 25.10 23.02
CA LEU C 302 27.02 25.20 21.58
C LEU C 302 25.81 24.34 21.23
N ALA C 303 25.77 23.13 21.77
CA ALA C 303 24.62 22.23 21.58
C ALA C 303 23.30 22.91 21.98
N ARG C 304 23.28 23.51 23.17
CA ARG C 304 22.08 24.21 23.65
C ARG C 304 21.71 25.48 22.86
N GLN C 305 22.68 26.12 22.22
CA GLN C 305 22.40 27.23 21.29
C GLN C 305 21.66 26.76 20.05
N GLN C 306 22.01 25.56 19.57
CA GLN C 306 21.49 25.07 18.28
C GLN C 306 20.32 24.09 18.36
N MET C 307 20.28 23.28 19.41
CA MET C 307 19.31 22.20 19.57
C MET C 307 18.38 22.53 20.74
N SER C 308 17.08 22.42 20.53
CA SER C 308 16.09 22.69 21.59
C SER C 308 16.02 21.57 22.62
N GLN C 309 16.47 20.36 22.25
CA GLN C 309 16.58 19.21 23.13
C GLN C 309 17.78 18.38 22.70
N PRO C 310 18.35 17.57 23.61
CA PRO C 310 19.64 16.93 23.32
C PRO C 310 19.59 15.64 22.50
N GLY C 311 18.41 15.24 22.02
CA GLY C 311 18.29 14.15 21.03
C GLY C 311 18.09 12.78 21.62
N GLY C 312 17.89 11.81 20.72
CA GLY C 312 17.63 10.41 21.09
C GLY C 312 18.80 9.46 20.95
N MET C 313 19.97 9.97 20.57
CA MET C 313 21.16 9.18 20.32
C MET C 313 22.17 9.29 21.45
N ILE C 314 22.74 8.15 21.84
CA ILE C 314 23.82 8.08 22.84
C ILE C 314 24.94 7.24 22.27
N ALA C 315 26.19 7.69 22.43
CA ALA C 315 27.34 6.85 22.17
C ALA C 315 28.15 6.76 23.44
N PHE C 316 28.66 5.57 23.73
CA PHE C 316 29.49 5.38 24.90
C PHE C 316 30.55 4.33 24.62
N GLU C 317 31.56 4.30 25.48
CA GLU C 317 32.66 3.37 25.34
C GLU C 317 32.78 2.56 26.61
N LEU C 318 32.77 1.24 26.46
CA LEU C 318 32.97 0.30 27.55
C LEU C 318 34.47 0.14 27.84
N LYS C 319 34.83 0.05 29.11
CA LYS C 319 36.24 -0.11 29.50
C LYS C 319 36.88 -1.39 28.96
N GLY C 320 36.12 -2.49 28.96
CA GLY C 320 36.63 -3.77 28.45
C GLY C 320 36.83 -3.92 26.94
N GLY C 321 36.73 -2.82 26.19
CA GLY C 321 37.10 -2.82 24.78
C GLY C 321 36.15 -3.62 23.90
N ILE C 322 36.72 -4.34 22.95
CA ILE C 322 35.95 -5.03 21.91
C ILE C 322 35.16 -6.21 22.45
N GLY C 323 35.78 -6.97 23.36
CA GLY C 323 35.12 -8.12 23.97
C GLY C 323 33.92 -7.71 24.80
N ALA C 324 34.06 -6.64 25.56
CA ALA C 324 32.96 -6.12 26.39
C ALA C 324 31.82 -5.61 25.50
N GLY C 325 32.17 -4.88 24.45
CA GLY C 325 31.21 -4.44 23.43
C GLY C 325 30.41 -5.60 22.86
N ARG C 326 31.09 -6.66 22.42
CA ARG C 326 30.41 -7.85 21.91
C ARG C 326 29.49 -8.50 22.91
N ARG C 327 29.95 -8.63 24.15
CA ARG C 327 29.16 -9.27 25.20
C ARG C 327 27.93 -8.44 25.59
N PHE C 328 28.11 -7.12 25.67
CA PHE C 328 27.01 -6.19 25.92
C PHE C 328 25.95 -6.34 24.82
N MET C 329 26.38 -6.25 23.57
CA MET C 329 25.49 -6.40 22.41
C MET C 329 24.71 -7.70 22.38
N ASN C 330 25.41 -8.81 22.60
CA ASN C 330 24.78 -10.12 22.54
C ASN C 330 23.78 -10.37 23.64
N ALA C 331 23.97 -9.73 24.79
CA ALA C 331 23.07 -9.88 25.93
C ALA C 331 21.78 -9.05 25.83
N LEU C 332 21.72 -8.06 24.95
CA LEU C 332 20.51 -7.24 24.82
C LEU C 332 19.33 -8.08 24.39
N GLN C 333 18.20 -7.90 25.06
CA GLN C 333 16.95 -8.62 24.78
C GLN C 333 15.80 -7.72 24.32
N LEU C 334 15.90 -6.41 24.53
CA LEU C 334 14.82 -5.50 24.13
C LEU C 334 15.33 -4.58 23.03
N PHE C 335 16.46 -3.92 23.27
CA PHE C 335 17.22 -3.29 22.19
C PHE C 335 17.50 -4.33 21.14
N SER C 336 17.39 -3.95 19.87
CA SER C 336 17.72 -4.83 18.76
C SER C 336 19.12 -4.49 18.24
N ARG C 337 19.85 -5.52 17.82
CA ARG C 337 21.16 -5.38 17.17
C ARG C 337 20.91 -5.06 15.70
N ALA C 338 21.13 -3.81 15.33
CA ALA C 338 20.81 -3.34 13.97
C ALA C 338 21.45 -2.01 13.71
N VAL C 339 21.66 -1.75 12.43
CA VAL C 339 22.00 -0.42 12.00
C VAL C 339 20.66 0.31 11.88
N SER C 340 20.77 1.61 11.71
CA SER C 340 19.64 2.53 11.58
C SER C 340 19.34 3.16 12.92
N LEU C 341 18.41 4.09 12.89
CA LEU C 341 18.10 4.88 14.05
C LEU C 341 16.78 5.58 13.82
N GLY C 342 16.26 6.15 14.88
CA GLY C 342 15.04 6.93 14.77
C GLY C 342 13.75 6.15 14.62
N ASP C 343 13.76 4.87 15.02
CA ASP C 343 12.58 4.03 15.01
C ASP C 343 11.91 4.05 16.38
N ALA C 344 10.65 3.63 16.41
CA ALA C 344 9.96 3.37 17.69
C ALA C 344 10.74 2.34 18.54
N GLU C 345 11.31 1.36 17.86
CA GLU C 345 12.10 0.31 18.49
C GLU C 345 13.51 0.80 18.78
N SER C 346 13.99 0.53 20.00
CA SER C 346 15.32 0.90 20.39
C SER C 346 16.36 0.04 19.68
N LEU C 347 17.44 0.65 19.22
CA LEU C 347 18.48 -0.06 18.47
C LEU C 347 19.84 0.20 19.03
N ALA C 348 20.73 -0.76 18.82
CA ALA C 348 22.10 -0.66 19.26
C ALA C 348 23.04 -1.26 18.22
N GLN C 349 24.21 -0.63 18.10
CA GLN C 349 25.30 -1.20 17.34
C GLN C 349 26.65 -0.93 18.01
N HIS C 350 27.59 -1.85 17.76
CA HIS C 350 28.95 -1.77 18.26
C HIS C 350 29.84 -1.89 16.99
N PRO C 351 30.29 -0.76 16.41
CA PRO C 351 31.03 -0.84 15.14
C PRO C 351 32.21 -1.80 15.09
N ALA C 352 32.98 -1.88 16.18
CA ALA C 352 34.17 -2.75 16.20
C ALA C 352 33.86 -4.24 15.96
N SER C 353 32.65 -4.69 16.30
CA SER C 353 32.25 -6.07 16.04
C SER C 353 31.12 -6.24 15.00
N MET C 354 30.67 -5.14 14.38
CA MET C 354 29.56 -5.17 13.42
C MET C 354 29.98 -4.56 12.07
N THR C 355 29.78 -3.25 11.88
CA THR C 355 30.02 -2.63 10.57
C THR C 355 31.50 -2.64 10.21
N HIS C 356 32.35 -2.33 11.18
CA HIS C 356 33.79 -2.15 10.94
C HIS C 356 34.62 -3.32 11.53
N SER C 357 34.10 -4.54 11.38
CA SER C 357 34.63 -5.75 12.03
C SER C 357 35.78 -6.42 11.29
N SER C 358 35.67 -6.50 9.97
CA SER C 358 36.75 -7.06 9.13
C SER C 358 38.07 -6.27 9.26
N TYR C 359 37.99 -5.01 9.66
CA TYR C 359 39.16 -4.16 9.91
C TYR C 359 39.99 -4.65 11.11
N THR C 360 41.16 -4.04 11.30
CA THR C 360 42.02 -4.26 12.47
C THR C 360 41.88 -3.08 13.46
N PRO C 361 42.37 -3.22 14.71
CA PRO C 361 42.25 -2.13 15.71
C PRO C 361 42.83 -0.77 15.31
N GLU C 362 43.96 -0.75 14.57
CA GLU C 362 44.58 0.52 14.14
C GLU C 362 43.82 1.25 13.01
N GLU C 363 43.15 0.49 12.14
CA GLU C 363 42.31 1.06 11.06
C GLU C 363 41.04 1.72 11.61
N ARG C 364 40.49 1.15 12.69
CA ARG C 364 39.34 1.70 13.40
C ARG C 364 39.68 2.96 14.20
N ALA C 365 40.84 2.99 14.85
CA ALA C 365 41.32 4.17 15.58
C ALA C 365 41.62 5.33 14.64
N HIS C 366 42.25 5.01 13.51
CA HIS C 366 42.46 5.93 12.38
C HIS C 366 41.15 6.60 11.93
N TYR C 367 40.14 5.76 11.63
CA TYR C 367 38.81 6.23 11.21
C TYR C 367 38.04 6.93 12.37
N GLY C 368 38.45 6.66 13.61
CA GLY C 368 37.93 7.35 14.80
C GLY C 368 36.85 6.55 15.51
N ILE C 369 37.12 5.26 15.72
CA ILE C 369 36.15 4.29 16.22
C ILE C 369 36.82 3.45 17.32
N SER C 370 36.53 3.79 18.57
CA SER C 370 37.03 3.02 19.73
C SER C 370 36.60 1.54 19.72
N GLU C 371 37.42 0.69 20.33
CA GLU C 371 37.13 -0.74 20.39
C GLU C 371 35.88 -1.04 21.23
N GLY C 372 35.58 -0.16 22.18
CA GLY C 372 34.41 -0.33 23.03
C GLY C 372 33.26 0.60 22.72
N LEU C 373 33.28 1.25 21.55
CA LEU C 373 32.26 2.26 21.20
C LEU C 373 30.94 1.58 20.82
N VAL C 374 29.89 1.86 21.60
CA VAL C 374 28.53 1.38 21.33
C VAL C 374 27.65 2.59 21.07
N ARG C 375 26.78 2.50 20.05
CA ARG C 375 25.85 3.59 19.75
C ARG C 375 24.45 3.05 19.97
N LEU C 376 23.64 3.84 20.68
CA LEU C 376 22.24 3.51 20.97
C LEU C 376 21.31 4.52 20.30
N SER C 377 20.31 4.02 19.58
CA SER C 377 19.17 4.82 19.14
C SER C 377 18.08 4.50 20.14
N VAL C 378 17.82 5.42 21.04
CA VAL C 378 16.89 5.16 22.11
C VAL C 378 15.47 5.36 21.58
N GLY C 379 14.67 4.31 21.69
CA GLY C 379 13.31 4.28 21.15
C GLY C 379 12.27 4.78 22.12
N LEU C 380 11.03 4.36 21.87
CA LEU C 380 9.85 4.90 22.53
C LEU C 380 9.30 3.96 23.59
N GLU C 381 9.99 2.86 23.88
CA GLU C 381 9.52 1.88 24.85
C GLU C 381 9.54 2.48 26.26
N ASP C 382 8.88 1.82 27.18
CA ASP C 382 8.87 2.24 28.60
C ASP C 382 10.30 2.27 29.11
N ILE C 383 10.70 3.42 29.62
CA ILE C 383 12.04 3.62 30.12
C ILE C 383 12.46 2.58 31.17
N ASP C 384 11.54 2.12 32.02
CA ASP C 384 11.92 1.10 33.01
C ASP C 384 12.37 -0.21 32.35
N ASP C 385 11.75 -0.56 31.22
CA ASP C 385 12.13 -1.74 30.46
C ASP C 385 13.49 -1.57 29.77
N LEU C 386 13.72 -0.38 29.20
CA LEU C 386 15.00 -0.06 28.55
C LEU C 386 16.14 -0.06 29.56
N LEU C 387 15.90 0.51 30.73
CA LEU C 387 16.90 0.51 31.82
C LEU C 387 17.24 -0.91 32.24
N ALA C 388 16.22 -1.75 32.45
CA ALA C 388 16.48 -3.13 32.85
C ALA C 388 17.32 -3.88 31.83
N ASP C 389 17.05 -3.64 30.54
CA ASP C 389 17.81 -4.30 29.48
C ASP C 389 19.27 -3.86 29.44
N VAL C 390 19.51 -2.56 29.53
CA VAL C 390 20.87 -2.01 29.55
C VAL C 390 21.63 -2.51 30.78
N GLN C 391 20.94 -2.49 31.93
CA GLN C 391 21.55 -2.94 33.19
C GLN C 391 22.08 -4.36 33.12
N GLN C 392 21.24 -5.29 32.67
CA GLN C 392 21.65 -6.70 32.58
C GLN C 392 22.70 -6.94 31.50
N ALA C 393 22.62 -6.17 30.40
CA ALA C 393 23.63 -6.24 29.37
C ALA C 393 24.98 -5.78 29.89
N LEU C 394 24.99 -4.68 30.65
CA LEU C 394 26.22 -4.19 31.28
C LEU C 394 26.86 -5.26 32.19
N LYS C 395 26.05 -5.98 32.97
CA LYS C 395 26.54 -7.07 33.83
C LYS C 395 27.15 -8.19 33.01
N ALA C 396 26.46 -8.58 31.93
CA ALA C 396 26.96 -9.57 30.99
C ALA C 396 28.28 -9.17 30.33
N SER C 397 28.54 -7.87 30.17
CA SER C 397 29.76 -7.39 29.52
C SER C 397 31.04 -7.59 30.34
N ALA C 398 30.90 -7.87 31.64
CA ALA C 398 32.04 -8.23 32.50
C ALA C 398 32.76 -9.47 31.96
N MET D 1 7.38 -36.58 -21.01
CA MET D 1 8.62 -37.40 -21.27
C MET D 1 9.92 -36.72 -20.83
N HIS D 2 10.23 -35.57 -21.44
CA HIS D 2 11.60 -35.02 -21.49
C HIS D 2 12.28 -34.50 -20.19
N GLY D 3 11.73 -34.82 -19.02
CA GLY D 3 12.46 -34.70 -17.75
C GLY D 3 12.54 -33.32 -17.11
N SER D 4 13.18 -33.28 -15.94
CA SER D 4 13.13 -32.12 -15.05
C SER D 4 14.20 -31.05 -15.28
N ASN D 5 15.11 -31.27 -16.24
CA ASN D 5 16.12 -30.24 -16.60
C ASN D 5 15.61 -29.28 -17.69
N LYS D 6 14.31 -29.34 -18.00
CA LYS D 6 13.67 -28.48 -18.99
C LYS D 6 13.38 -27.14 -18.30
N LEU D 7 13.67 -26.03 -18.97
CA LEU D 7 13.35 -24.71 -18.40
C LEU D 7 11.82 -24.55 -18.38
N PRO D 8 11.23 -24.16 -17.24
CA PRO D 8 9.78 -23.85 -17.29
C PRO D 8 9.51 -22.71 -18.27
N GLY D 9 8.30 -22.66 -18.80
CA GLY D 9 7.95 -21.63 -19.75
C GLY D 9 7.98 -20.23 -19.16
N PHE D 10 8.05 -19.25 -20.04
CA PHE D 10 8.15 -17.84 -19.63
C PHE D 10 7.01 -17.45 -18.67
N ALA D 11 5.76 -17.79 -19.02
CA ALA D 11 4.63 -17.44 -18.15
C ALA D 11 4.71 -18.09 -16.78
N THR D 12 5.11 -19.36 -16.75
CA THR D 12 5.33 -20.04 -15.48
C THR D 12 6.38 -19.32 -14.61
N ARG D 13 7.52 -18.96 -15.20
CA ARG D 13 8.55 -18.29 -14.44
C ARG D 13 8.17 -16.86 -13.99
N ALA D 14 7.41 -16.18 -14.84
CA ALA D 14 6.92 -14.82 -14.53
C ALA D 14 6.01 -14.85 -13.30
N ILE D 15 5.35 -15.98 -13.08
CA ILE D 15 4.44 -16.13 -11.96
C ILE D 15 5.11 -16.74 -10.72
N HIS D 16 6.03 -17.69 -10.93
CA HIS D 16 6.55 -18.50 -9.82
C HIS D 16 8.02 -18.40 -9.51
N HIS D 17 8.84 -17.94 -10.44
CA HIS D 17 10.28 -18.16 -10.29
C HIS D 17 10.79 -17.58 -9.00
N GLY D 18 11.53 -18.39 -8.25
CA GLY D 18 12.20 -17.91 -7.06
C GLY D 18 11.42 -17.95 -5.76
N TYR D 19 10.16 -18.39 -5.79
CA TYR D 19 9.29 -18.33 -4.63
C TYR D 19 8.55 -19.64 -4.44
N ASP D 20 8.65 -20.17 -3.23
CA ASP D 20 7.87 -21.35 -2.82
C ASP D 20 7.07 -20.95 -1.58
N PRO D 21 5.74 -21.02 -1.66
CA PRO D 21 4.92 -20.60 -0.50
C PRO D 21 5.30 -21.26 0.84
N GLN D 22 5.73 -22.51 0.78
CA GLN D 22 6.16 -23.24 1.99
C GLN D 22 7.22 -22.53 2.83
N ASP D 23 8.05 -21.69 2.21
CA ASP D 23 9.07 -20.91 2.94
C ASP D 23 8.57 -19.66 3.68
N HIS D 24 7.30 -19.28 3.49
CA HIS D 24 6.70 -18.08 4.10
C HIS D 24 5.31 -18.39 4.63
N GLY D 25 5.26 -19.41 5.47
CA GLY D 25 4.02 -19.85 6.11
C GLY D 25 2.90 -20.28 5.18
N GLY D 26 3.25 -20.67 3.97
CA GLY D 26 2.26 -21.03 2.97
C GLY D 26 1.62 -19.84 2.26
N ALA D 27 2.10 -18.61 2.47
CA ALA D 27 1.51 -17.46 1.78
C ALA D 27 1.63 -17.62 0.26
N LEU D 28 0.51 -17.62 -0.46
CA LEU D 28 0.55 -17.79 -1.91
C LEU D 28 1.25 -16.61 -2.57
N VAL D 29 0.91 -15.41 -2.10
CA VAL D 29 1.59 -14.20 -2.56
C VAL D 29 2.67 -13.88 -1.53
N PRO D 30 3.89 -13.56 -1.98
CA PRO D 30 4.95 -13.31 -1.00
C PRO D 30 4.64 -12.11 -0.09
N PRO D 31 4.92 -12.20 1.23
CA PRO D 31 4.70 -11.04 2.10
C PRO D 31 5.62 -9.90 1.72
N VAL D 32 5.14 -8.69 1.92
CA VAL D 32 5.86 -7.49 1.52
C VAL D 32 6.76 -7.04 2.66
N TYR D 33 8.07 -7.03 2.44
CA TYR D 33 9.02 -6.62 3.46
C TYR D 33 9.19 -5.10 3.49
N GLN D 34 8.15 -4.41 3.96
CA GLN D 34 8.16 -2.95 4.04
C GLN D 34 8.85 -2.61 5.37
N THR D 35 10.17 -2.76 5.36
CA THR D 35 11.03 -2.55 6.52
C THR D 35 12.31 -1.93 6.00
N ALA D 36 12.79 -0.89 6.65
CA ALA D 36 14.08 -0.28 6.29
C ALA D 36 15.27 -1.11 6.79
N THR D 37 15.14 -1.72 7.97
CA THR D 37 16.28 -2.39 8.61
C THR D 37 15.96 -3.82 9.03
N PHE D 38 17.04 -4.59 9.18
CA PHE D 38 16.99 -5.98 9.59
C PHE D 38 17.92 -6.15 10.79
N THR D 39 17.53 -7.00 11.74
CA THR D 39 18.29 -7.20 12.97
C THR D 39 19.10 -8.49 12.93
N PHE D 40 20.06 -8.59 13.84
CA PHE D 40 20.97 -9.74 13.91
C PHE D 40 20.76 -10.52 15.21
N PRO D 41 20.84 -11.86 15.15
CA PRO D 41 20.71 -12.68 16.37
C PRO D 41 21.90 -12.54 17.32
N THR D 42 23.05 -12.19 16.75
CA THR D 42 24.27 -12.02 17.51
C THR D 42 25.14 -11.03 16.75
N VAL D 43 26.17 -10.54 17.41
CA VAL D 43 26.99 -9.46 16.89
C VAL D 43 27.94 -9.99 15.78
N GLU D 44 28.25 -11.29 15.85
CA GLU D 44 29.14 -11.96 14.88
C GLU D 44 28.43 -12.17 13.53
N TYR D 45 27.20 -12.68 13.58
CA TYR D 45 26.32 -12.80 12.42
C TYR D 45 26.17 -11.48 11.68
N GLY D 46 26.02 -10.38 12.43
CA GLY D 46 26.04 -9.03 11.88
C GLY D 46 27.34 -8.68 11.17
N ALA D 47 28.47 -9.02 11.81
CA ALA D 47 29.82 -8.82 11.23
C ALA D 47 29.95 -9.47 9.85
N ALA D 48 29.45 -10.70 9.75
CA ALA D 48 29.53 -11.49 8.53
C ALA D 48 28.74 -10.90 7.35
N CYS D 49 27.58 -10.32 7.62
CA CYS D 49 26.76 -9.66 6.57
C CYS D 49 27.42 -8.38 6.01
N PHE D 50 28.28 -7.75 6.80
CA PHE D 50 29.13 -6.63 6.32
C PHE D 50 30.50 -7.09 5.79
N ALA D 51 31.01 -8.22 6.30
CA ALA D 51 32.30 -8.79 5.88
C ALA D 51 32.21 -9.90 4.80
N GLY D 52 31.06 -10.03 4.13
CA GLY D 52 30.92 -10.93 2.98
C GLY D 52 30.99 -12.42 3.23
N GLU D 53 30.58 -12.86 4.43
CA GLU D 53 30.57 -14.28 4.82
C GLU D 53 29.15 -14.85 4.81
N GLN D 54 28.24 -14.18 5.53
CA GLN D 54 26.90 -14.70 5.80
C GLN D 54 25.91 -14.17 4.77
N ALA D 55 25.15 -15.08 4.16
CA ALA D 55 24.01 -14.73 3.33
C ALA D 55 22.91 -14.20 4.24
N GLY D 56 22.44 -12.99 3.97
CA GLY D 56 21.42 -12.37 4.81
C GLY D 56 21.12 -10.93 4.45
N HIS D 57 20.49 -10.23 5.40
CA HIS D 57 20.00 -8.88 5.22
C HIS D 57 20.34 -7.98 6.38
N PHE D 58 20.56 -6.71 6.08
CA PHE D 58 20.80 -5.68 7.11
C PHE D 58 20.14 -4.32 6.85
N TYR D 59 20.08 -3.88 5.58
CA TYR D 59 19.50 -2.56 5.31
C TYR D 59 18.95 -2.51 3.89
N SER D 60 17.69 -2.06 3.76
CA SER D 60 16.95 -2.19 2.49
C SER D 60 17.49 -1.41 1.29
N ARG D 61 18.27 -0.34 1.53
CA ARG D 61 18.96 0.35 0.42
C ARG D 61 19.95 -0.59 -0.29
N ILE D 62 20.67 -1.43 0.48
CA ILE D 62 21.65 -2.36 -0.12
C ILE D 62 20.94 -3.57 -0.73
N SER D 63 20.05 -4.19 0.06
CA SER D 63 19.28 -5.40 -0.34
C SER D 63 18.05 -5.66 0.58
N ASN D 64 16.96 -6.22 0.01
CA ASN D 64 15.66 -6.53 0.73
C ASN D 64 14.97 -7.78 0.08
N PRO D 65 14.37 -8.71 0.87
CA PRO D 65 13.79 -9.97 0.33
C PRO D 65 12.72 -9.80 -0.78
N THR D 66 11.86 -8.78 -0.64
CA THR D 66 10.87 -8.50 -1.68
C THR D 66 11.59 -8.05 -2.97
N LEU D 67 12.55 -7.13 -2.82
CA LEU D 67 13.35 -6.69 -3.97
C LEU D 67 14.15 -7.88 -4.54
N ASN D 68 14.69 -8.72 -3.68
CA ASN D 68 15.47 -9.87 -4.16
C ASN D 68 14.66 -10.84 -5.02
N LEU D 69 13.40 -11.07 -4.66
CA LEU D 69 12.55 -11.91 -5.47
C LEU D 69 12.31 -11.30 -6.85
N LEU D 70 11.98 -10.00 -6.85
CA LEU D 70 11.78 -9.27 -8.09
C LEU D 70 13.03 -9.39 -8.99
N GLU D 71 14.18 -9.18 -8.38
CA GLU D 71 15.48 -9.25 -9.06
C GLU D 71 15.75 -10.61 -9.68
N ALA D 72 15.55 -11.67 -8.90
CA ALA D 72 15.81 -13.02 -9.37
C ALA D 72 14.83 -13.39 -10.49
N ARG D 73 13.57 -12.95 -10.37
CA ARG D 73 12.58 -13.20 -11.39
C ARG D 73 12.93 -12.48 -12.70
N MET D 74 13.29 -11.21 -12.63
CA MET D 74 13.72 -10.48 -13.82
C MET D 74 14.96 -11.08 -14.44
N ALA D 75 15.88 -11.54 -13.59
CA ALA D 75 17.07 -12.23 -14.08
C ALA D 75 16.69 -13.46 -14.86
N SER D 76 15.75 -14.24 -14.32
CA SER D 76 15.29 -15.44 -15.04
C SER D 76 14.67 -15.11 -16.40
N LEU D 77 13.84 -14.06 -16.44
CA LEU D 77 13.15 -13.70 -17.65
C LEU D 77 14.11 -13.19 -18.73
N GLU D 78 15.14 -12.44 -18.34
CA GLU D 78 16.14 -11.95 -19.30
C GLU D 78 17.24 -12.99 -19.63
N GLY D 79 17.27 -14.13 -18.94
CA GLY D 79 18.41 -15.06 -19.12
C GLY D 79 19.73 -14.54 -18.59
N GLY D 80 19.67 -13.73 -17.54
CA GLY D 80 20.85 -13.25 -16.85
C GLY D 80 21.09 -13.89 -15.50
N GLU D 81 22.29 -13.68 -14.97
CA GLU D 81 22.68 -14.29 -13.69
C GLU D 81 22.05 -13.58 -12.51
N ALA D 82 21.92 -12.25 -12.57
CA ALA D 82 21.57 -11.46 -11.39
C ALA D 82 20.77 -10.25 -11.78
N GLY D 83 19.91 -9.79 -10.88
CA GLY D 83 19.11 -8.58 -11.10
C GLY D 83 19.27 -7.57 -9.97
N LEU D 84 18.89 -6.32 -10.26
CA LEU D 84 18.93 -5.25 -9.28
C LEU D 84 17.72 -4.38 -9.54
N ALA D 85 17.00 -4.03 -8.51
CA ALA D 85 15.77 -3.19 -8.61
C ALA D 85 16.09 -1.82 -8.07
N LEU D 86 15.60 -0.79 -8.79
CA LEU D 86 15.90 0.60 -8.46
C LEU D 86 14.64 1.46 -8.56
N ALA D 87 14.74 2.68 -8.03
CA ALA D 87 13.60 3.58 -7.91
C ALA D 87 13.03 4.09 -9.24
N SER D 88 13.81 4.04 -10.31
CA SER D 88 13.35 4.46 -11.62
C SER D 88 14.26 3.88 -12.70
N GLY D 89 13.81 3.94 -13.95
CA GLY D 89 14.66 3.66 -15.09
C GLY D 89 15.91 4.53 -15.10
N MET D 90 15.76 5.83 -14.83
CA MET D 90 16.94 6.68 -14.71
C MET D 90 17.86 6.21 -13.58
N GLY D 91 17.28 5.73 -12.48
CA GLY D 91 18.07 5.12 -11.42
C GLY D 91 18.89 3.94 -11.90
N ALA D 92 18.30 3.08 -12.71
CA ALA D 92 19.03 1.93 -13.28
C ALA D 92 20.18 2.39 -14.19
N ILE D 93 19.89 3.37 -15.04
CA ILE D 93 20.85 3.84 -16.04
C ILE D 93 22.01 4.55 -15.36
N THR D 94 21.69 5.49 -14.48
CA THR D 94 22.72 6.24 -13.78
C THR D 94 23.53 5.37 -12.83
N SER D 95 22.89 4.48 -12.06
CA SER D 95 23.63 3.60 -11.16
C SER D 95 24.62 2.74 -11.95
N THR D 96 24.19 2.28 -13.12
CA THR D 96 25.05 1.47 -13.99
C THR D 96 26.24 2.29 -14.51
N LEU D 97 25.96 3.42 -15.10
CA LEU D 97 27.03 4.17 -15.76
C LEU D 97 28.00 4.82 -14.78
N TRP D 98 27.50 5.31 -13.64
CA TRP D 98 28.37 5.80 -12.59
C TRP D 98 29.34 4.73 -12.09
N THR D 99 28.89 3.47 -12.07
CA THR D 99 29.74 2.39 -11.64
C THR D 99 30.85 2.06 -12.67
N LEU D 100 30.47 2.03 -13.94
CA LEU D 100 31.31 1.48 -14.99
C LEU D 100 32.30 2.49 -15.58
N LEU D 101 32.05 3.78 -15.37
CA LEU D 101 32.85 4.82 -16.03
C LEU D 101 33.61 5.69 -15.05
N ARG D 102 34.79 6.13 -15.45
CA ARG D 102 35.60 7.11 -14.73
C ARG D 102 36.22 8.09 -15.72
N PRO D 103 36.74 9.24 -15.22
CA PRO D 103 37.37 10.22 -16.12
C PRO D 103 38.37 9.59 -17.04
N GLY D 104 38.31 9.97 -18.32
CA GLY D 104 39.21 9.43 -19.32
C GLY D 104 38.62 8.26 -20.08
N ASP D 105 37.59 7.61 -19.54
CA ASP D 105 36.90 6.56 -20.29
C ASP D 105 36.04 7.22 -21.33
N GLU D 106 35.80 6.48 -22.41
CA GLU D 106 34.87 6.87 -23.46
C GLU D 106 33.68 5.93 -23.41
N VAL D 107 32.49 6.50 -23.65
CA VAL D 107 31.28 5.72 -23.90
C VAL D 107 30.81 6.01 -25.32
N LEU D 108 30.59 4.93 -26.06
CA LEU D 108 30.01 4.99 -27.39
C LEU D 108 28.51 4.82 -27.28
N LEU D 109 27.77 5.75 -27.88
CA LEU D 109 26.35 5.89 -27.71
C LEU D 109 25.57 5.73 -29.00
N GLY D 110 24.36 5.18 -28.89
CA GLY D 110 23.42 5.13 -30.01
C GLY D 110 23.10 6.54 -30.43
N ASN D 111 22.81 6.71 -31.72
CA ASN D 111 22.60 8.06 -32.27
C ASN D 111 21.43 8.82 -31.67
N THR D 112 20.39 8.11 -31.23
CA THR D 112 19.28 8.75 -30.52
C THR D 112 19.03 8.02 -29.19
N LEU D 113 18.65 8.80 -28.19
CA LEU D 113 18.46 8.28 -26.84
C LEU D 113 17.26 8.94 -26.24
N TYR D 114 16.67 8.27 -25.26
CA TYR D 114 15.68 8.89 -24.38
C TYR D 114 16.24 10.23 -23.90
N GLY D 115 15.39 11.24 -23.82
CA GLY D 115 15.81 12.61 -23.54
C GLY D 115 16.59 12.78 -22.25
N HIS D 116 16.10 12.19 -21.16
CA HIS D 116 16.85 12.28 -19.90
C HIS D 116 18.13 11.47 -19.90
N THR D 117 18.17 10.39 -20.65
CA THR D 117 19.44 9.65 -20.78
C THR D 117 20.46 10.54 -21.52
N PHE D 118 20.01 11.14 -22.61
CA PHE D 118 20.87 12.10 -23.33
C PHE D 118 21.39 13.22 -22.38
N ALA D 119 20.48 13.79 -21.60
CA ALA D 119 20.81 14.86 -20.67
C ALA D 119 21.79 14.41 -19.57
N PHE D 120 21.57 13.20 -19.04
CA PHE D 120 22.51 12.64 -18.10
C PHE D 120 23.91 12.55 -18.69
N LEU D 121 23.99 12.04 -19.90
CA LEU D 121 25.27 11.80 -20.52
C LEU D 121 25.96 13.13 -20.82
N HIS D 122 25.24 14.06 -21.44
CA HIS D 122 25.86 15.29 -21.93
C HIS D 122 26.04 16.34 -20.87
N HIS D 123 25.06 16.46 -19.98
CA HIS D 123 25.08 17.48 -18.94
C HIS D 123 25.41 16.95 -17.56
N GLY D 124 25.51 15.62 -17.41
CA GLY D 124 25.80 15.01 -16.12
C GLY D 124 27.18 14.41 -16.15
N ILE D 125 27.25 13.10 -16.35
CA ILE D 125 28.52 12.36 -16.28
C ILE D 125 29.56 12.83 -17.30
N GLY D 126 29.10 13.28 -18.47
CA GLY D 126 30.01 13.83 -19.46
C GLY D 126 30.70 15.13 -19.04
N GLU D 127 30.16 15.82 -18.04
CA GLU D 127 30.80 16.99 -17.43
C GLU D 127 31.79 16.63 -16.31
N PHE D 128 31.94 15.34 -16.03
CA PHE D 128 32.90 14.87 -15.04
C PHE D 128 34.07 14.12 -15.69
N GLY D 129 34.37 14.43 -16.96
CA GLY D 129 35.56 13.91 -17.61
C GLY D 129 35.42 12.63 -18.41
N VAL D 130 34.18 12.15 -18.54
CA VAL D 130 33.88 10.99 -19.35
C VAL D 130 33.60 11.48 -20.76
N LYS D 131 34.25 10.86 -21.74
CA LYS D 131 34.12 11.27 -23.13
C LYS D 131 32.97 10.52 -23.77
N LEU D 132 32.18 11.25 -24.55
CA LEU D 132 31.00 10.72 -25.23
C LEU D 132 31.26 10.71 -26.73
N ARG D 133 30.83 9.66 -27.42
CA ARG D 133 30.70 9.72 -28.86
C ARG D 133 29.46 8.98 -29.34
N HIS D 134 28.72 9.58 -30.26
CA HIS D 134 27.55 8.96 -30.85
C HIS D 134 27.94 8.29 -32.15
N VAL D 135 27.41 7.08 -32.39
CA VAL D 135 27.65 6.36 -33.63
C VAL D 135 26.36 5.63 -33.99
N ASP D 136 26.14 5.41 -35.28
CA ASP D 136 24.95 4.66 -35.71
C ASP D 136 25.20 3.18 -35.45
N MET D 137 24.54 2.64 -34.42
CA MET D 137 24.77 1.26 -33.98
C MET D 137 24.26 0.22 -35.00
N ALA D 138 23.49 0.67 -35.99
CA ALA D 138 23.05 -0.20 -37.09
C ALA D 138 24.11 -0.37 -38.18
N ASP D 139 25.18 0.41 -38.11
CA ASP D 139 26.25 0.37 -39.09
C ASP D 139 27.45 -0.25 -38.39
N LEU D 140 27.58 -1.57 -38.49
CA LEU D 140 28.61 -2.29 -37.74
C LEU D 140 30.04 -1.89 -38.17
N GLN D 141 30.19 -1.47 -39.42
CA GLN D 141 31.49 -0.96 -39.91
C GLN D 141 31.86 0.36 -39.25
N ALA D 142 30.90 1.27 -39.13
CA ALA D 142 31.10 2.53 -38.43
C ALA D 142 31.40 2.32 -36.93
N LEU D 143 30.67 1.40 -36.29
CA LEU D 143 30.94 1.09 -34.88
C LEU D 143 32.36 0.59 -34.71
N GLU D 144 32.75 -0.40 -35.51
CA GLU D 144 34.12 -0.93 -35.48
C GLU D 144 35.10 0.25 -35.59
N ALA D 145 34.86 1.15 -36.54
CA ALA D 145 35.78 2.27 -36.81
C ALA D 145 35.87 3.28 -35.65
N ALA D 146 34.79 3.38 -34.88
CA ALA D 146 34.72 4.31 -33.74
C ALA D 146 35.36 3.77 -32.48
N MET D 147 35.68 2.47 -32.44
CA MET D 147 36.27 1.88 -31.23
C MET D 147 37.67 2.45 -31.02
N THR D 148 37.96 2.90 -29.80
CA THR D 148 39.29 3.39 -29.42
C THR D 148 39.74 2.61 -28.22
N PRO D 149 41.04 2.66 -27.89
CA PRO D 149 41.48 2.00 -26.67
C PRO D 149 40.80 2.53 -25.36
N ALA D 150 40.31 3.76 -25.37
CA ALA D 150 39.60 4.29 -24.21
C ALA D 150 38.11 3.89 -24.16
N THR D 151 37.56 3.28 -25.22
CA THR D 151 36.12 2.90 -25.20
C THR D 151 35.87 1.85 -24.12
N ARG D 152 35.12 2.22 -23.10
CA ARG D 152 34.86 1.36 -21.95
C ARG D 152 33.44 0.75 -22.01
N VAL D 153 32.49 1.54 -22.49
CA VAL D 153 31.09 1.11 -22.52
C VAL D 153 30.51 1.43 -23.87
N ILE D 154 29.70 0.52 -24.39
CA ILE D 154 28.83 0.81 -25.52
C ILE D 154 27.42 0.76 -24.97
N TYR D 155 26.66 1.87 -25.11
CA TYR D 155 25.33 2.00 -24.53
C TYR D 155 24.33 2.39 -25.60
N PHE D 156 23.24 1.63 -25.74
CA PHE D 156 22.18 2.01 -26.66
C PHE D 156 20.83 1.40 -26.30
N GLU D 157 19.78 1.97 -26.88
CA GLU D 157 18.43 1.43 -26.79
C GLU D 157 18.15 0.72 -28.10
N SER D 158 17.45 -0.41 -28.06
CA SER D 158 16.98 -1.03 -29.30
C SER D 158 15.65 -1.74 -29.02
N PRO D 159 14.56 -1.31 -29.64
CA PRO D 159 14.48 -0.12 -30.51
C PRO D 159 14.61 1.18 -29.72
N ALA D 160 15.09 2.24 -30.38
CA ALA D 160 15.38 3.51 -29.70
C ALA D 160 14.18 4.42 -29.60
N ASN D 161 14.16 5.18 -28.50
CA ASN D 161 13.12 6.17 -28.21
C ASN D 161 13.57 7.47 -28.91
N PRO D 162 12.79 8.06 -29.84
CA PRO D 162 11.42 7.69 -30.20
C PRO D 162 11.24 7.14 -31.61
N ASN D 163 12.32 7.09 -32.39
CA ASN D 163 12.25 6.75 -33.84
C ASN D 163 12.25 5.25 -34.15
N MET D 164 12.40 4.41 -33.13
CA MET D 164 12.41 2.94 -33.25
C MET D 164 13.63 2.39 -34.03
N HIS D 165 14.68 3.20 -34.13
CA HIS D 165 15.92 2.74 -34.73
C HIS D 165 16.48 1.54 -33.96
N MET D 166 16.97 0.54 -34.68
CA MET D 166 17.50 -0.68 -34.07
C MET D 166 18.97 -0.90 -34.32
N ALA D 167 19.58 -1.69 -33.45
CA ALA D 167 20.97 -2.15 -33.64
C ALA D 167 21.00 -3.67 -33.59
N ASP D 168 21.96 -4.29 -34.29
CA ASP D 168 22.20 -5.75 -34.23
C ASP D 168 23.00 -5.98 -32.97
N ILE D 169 22.30 -6.40 -31.93
CA ILE D 169 22.90 -6.57 -30.61
C ILE D 169 24.02 -7.60 -30.66
N ALA D 170 23.81 -8.72 -31.34
CA ALA D 170 24.86 -9.75 -31.46
C ALA D 170 26.09 -9.24 -32.21
N GLY D 171 25.86 -8.43 -33.23
CA GLY D 171 26.92 -7.80 -34.01
C GLY D 171 27.73 -6.83 -33.19
N VAL D 172 27.04 -6.03 -32.38
CA VAL D 172 27.70 -5.12 -31.45
C VAL D 172 28.51 -5.90 -30.43
N ALA D 173 27.93 -6.98 -29.89
CA ALA D 173 28.59 -7.75 -28.86
C ALA D 173 29.87 -8.38 -29.39
N LYS D 174 29.83 -8.81 -30.66
CA LYS D 174 31.01 -9.43 -31.29
C LYS D 174 32.16 -8.43 -31.37
N ILE D 175 31.85 -7.21 -31.78
CA ILE D 175 32.84 -6.13 -31.82
C ILE D 175 33.40 -5.86 -30.43
N ALA D 176 32.49 -5.73 -29.46
CA ALA D 176 32.89 -5.50 -28.07
C ALA D 176 33.75 -6.63 -27.49
N ARG D 177 33.50 -7.88 -27.90
CA ARG D 177 34.33 -9.00 -27.39
C ARG D 177 35.78 -8.85 -27.86
N LYS D 178 35.93 -8.46 -29.13
CA LYS D 178 37.25 -8.30 -29.73
C LYS D 178 38.05 -7.13 -29.11
N HIS D 179 37.36 -6.04 -28.78
N HIS D 179 37.35 -6.06 -28.80
CA HIS D 179 37.99 -4.82 -28.28
CA HIS D 179 37.96 -4.85 -28.29
C HIS D 179 38.04 -4.71 -26.76
C HIS D 179 38.06 -4.77 -26.77
N GLY D 180 37.02 -5.24 -26.06
CA GLY D 180 36.99 -5.22 -24.59
C GLY D 180 35.86 -4.47 -23.89
N ALA D 181 35.06 -3.74 -24.64
CA ALA D 181 34.08 -2.83 -24.05
C ALA D 181 32.90 -3.61 -23.47
N THR D 182 32.29 -3.02 -22.44
CA THR D 182 31.08 -3.57 -21.80
C THR D 182 29.86 -3.06 -22.54
N VAL D 183 28.98 -3.96 -22.93
CA VAL D 183 27.78 -3.60 -23.69
C VAL D 183 26.52 -3.54 -22.80
N VAL D 184 25.87 -2.39 -22.82
CA VAL D 184 24.70 -2.12 -22.00
C VAL D 184 23.55 -1.78 -22.93
N VAL D 185 22.44 -2.52 -22.84
CA VAL D 185 21.29 -2.29 -23.70
C VAL D 185 20.07 -1.93 -22.87
N ASP D 186 19.45 -0.80 -23.22
CA ASP D 186 18.15 -0.42 -22.67
C ASP D 186 17.09 -1.22 -23.43
N ASN D 187 16.48 -2.18 -22.72
CA ASN D 187 15.50 -3.11 -23.27
C ASN D 187 14.06 -2.77 -22.88
N THR D 188 13.82 -1.52 -22.51
CA THR D 188 12.51 -1.05 -22.06
C THR D 188 11.39 -1.35 -23.05
N TYR D 189 11.61 -0.99 -24.31
CA TYR D 189 10.55 -1.10 -25.31
C TYR D 189 10.05 -2.53 -25.54
N CYS D 190 10.98 -3.49 -25.56
CA CYS D 190 10.62 -4.88 -25.90
C CYS D 190 10.16 -5.67 -24.69
N THR D 191 10.81 -5.44 -23.55
CA THR D 191 10.78 -6.35 -22.40
C THR D 191 11.46 -7.69 -22.71
N PRO D 192 11.80 -8.48 -21.68
CA PRO D 192 12.38 -9.81 -21.94
C PRO D 192 11.45 -10.74 -22.69
N TYR D 193 10.14 -10.43 -22.73
CA TYR D 193 9.20 -11.30 -23.43
C TYR D 193 9.42 -11.23 -24.94
N LEU D 194 9.87 -10.09 -25.43
CA LEU D 194 10.06 -9.90 -26.89
C LEU D 194 11.51 -9.96 -27.34
N GLN D 195 12.46 -9.67 -26.45
CA GLN D 195 13.87 -9.57 -26.84
C GLN D 195 14.72 -9.72 -25.62
N ARG D 196 15.79 -10.51 -25.73
CA ARG D 196 16.68 -10.77 -24.59
C ARG D 196 18.14 -10.48 -24.97
N PRO D 197 18.55 -9.22 -24.83
CA PRO D 197 19.90 -8.80 -25.29
C PRO D 197 21.04 -9.59 -24.64
N LEU D 198 20.88 -10.04 -23.40
CA LEU D 198 21.91 -10.85 -22.76
C LEU D 198 22.14 -12.17 -23.47
N GLU D 199 21.07 -12.73 -24.03
CA GLU D 199 21.17 -13.98 -24.77
C GLU D 199 21.83 -13.77 -26.14
N LEU D 200 21.87 -12.52 -26.60
CA LEU D 200 22.54 -12.12 -27.82
C LEU D 200 23.96 -11.61 -27.59
N GLY D 201 24.42 -11.62 -26.35
CA GLY D 201 25.79 -11.29 -26.00
C GLY D 201 26.02 -9.96 -25.30
N ALA D 202 24.96 -9.19 -25.03
CA ALA D 202 25.12 -8.00 -24.21
C ALA D 202 25.54 -8.41 -22.80
N ASP D 203 26.25 -7.51 -22.12
CA ASP D 203 26.67 -7.75 -20.76
C ASP D 203 25.62 -7.37 -19.72
N LEU D 204 24.95 -6.26 -19.97
CA LEU D 204 23.96 -5.71 -19.05
C LEU D 204 22.74 -5.24 -19.83
N VAL D 205 21.59 -5.36 -19.20
CA VAL D 205 20.38 -4.73 -19.71
C VAL D 205 19.81 -3.85 -18.62
N VAL D 206 19.22 -2.74 -19.04
CA VAL D 206 18.49 -1.85 -18.15
C VAL D 206 17.06 -1.67 -18.65
N HIS D 207 16.17 -1.41 -17.70
CA HIS D 207 14.77 -1.13 -17.99
C HIS D 207 14.27 0.04 -17.20
N SER D 208 13.41 0.83 -17.86
CA SER D 208 12.37 1.56 -17.14
C SER D 208 11.18 0.62 -16.92
N ALA D 209 11.13 0.02 -15.73
CA ALA D 209 10.04 -0.88 -15.34
C ALA D 209 8.73 -0.14 -15.11
N THR D 210 8.83 1.17 -15.01
CA THR D 210 7.70 2.10 -15.09
C THR D 210 6.76 1.84 -16.26
N LYS D 211 7.32 1.33 -17.36
CA LYS D 211 6.60 1.14 -18.61
C LYS D 211 5.94 -0.25 -18.66
N TYR D 212 6.25 -1.09 -19.65
CA TYR D 212 5.54 -2.34 -19.83
C TYR D 212 5.64 -3.34 -18.68
N LEU D 213 6.76 -3.38 -17.97
CA LEU D 213 6.93 -4.39 -16.90
C LEU D 213 5.88 -4.22 -15.81
N SER D 214 5.74 -2.99 -15.32
CA SER D 214 4.63 -2.62 -14.44
C SER D 214 3.30 -2.81 -15.16
N GLY D 215 3.21 -2.17 -16.33
CA GLY D 215 2.06 -2.25 -17.21
C GLY D 215 0.84 -1.44 -16.85
N HIS D 216 0.80 -0.88 -15.65
CA HIS D 216 -0.43 -0.29 -15.14
C HIS D 216 -0.27 1.18 -14.71
N GLY D 217 0.89 1.76 -14.99
CA GLY D 217 1.14 3.19 -14.85
C GLY D 217 1.10 3.73 -13.44
N ASP D 218 1.25 2.86 -12.46
CA ASP D 218 1.09 3.28 -11.06
C ASP D 218 2.38 3.25 -10.24
N ILE D 219 3.49 2.84 -10.83
CA ILE D 219 4.77 2.90 -10.12
C ILE D 219 5.86 3.45 -11.03
N THR D 220 6.92 3.95 -10.42
CA THR D 220 8.16 4.31 -11.11
C THR D 220 9.19 3.29 -10.61
N ALA D 221 9.92 2.67 -11.53
CA ALA D 221 10.88 1.63 -11.15
C ALA D 221 11.88 1.35 -12.26
N GLY D 222 13.05 0.87 -11.87
CA GLY D 222 14.11 0.50 -12.80
C GLY D 222 14.62 -0.89 -12.49
N ILE D 223 15.18 -1.55 -13.51
CA ILE D 223 15.79 -2.87 -13.32
C ILE D 223 17.11 -2.90 -14.08
N VAL D 224 18.12 -3.52 -13.48
CA VAL D 224 19.35 -3.92 -14.19
C VAL D 224 19.49 -5.44 -14.11
N VAL D 225 19.85 -6.07 -15.22
CA VAL D 225 20.16 -7.51 -15.21
C VAL D 225 21.48 -7.74 -15.93
N GLY D 226 22.27 -8.66 -15.39
CA GLY D 226 23.54 -9.02 -16.02
C GLY D 226 24.28 -10.06 -15.22
N SER D 227 25.60 -10.08 -15.38
CA SER D 227 26.43 -11.01 -14.60
C SER D 227 26.38 -10.70 -13.13
N GLN D 228 26.57 -11.71 -12.30
CA GLN D 228 26.70 -11.51 -10.87
C GLN D 228 27.75 -10.44 -10.55
N ALA D 229 28.90 -10.52 -11.22
CA ALA D 229 30.00 -9.63 -10.91
C ALA D 229 29.61 -8.18 -11.18
N LEU D 230 29.02 -7.92 -12.34
CA LEU D 230 28.68 -6.52 -12.70
C LEU D 230 27.52 -6.00 -11.89
N VAL D 231 26.50 -6.83 -11.70
CA VAL D 231 25.33 -6.39 -10.92
C VAL D 231 25.71 -6.16 -9.46
N ASP D 232 26.54 -7.02 -8.87
CA ASP D 232 27.03 -6.76 -7.51
C ASP D 232 27.74 -5.40 -7.41
N ARG D 233 28.57 -5.10 -8.40
CA ARG D 233 29.34 -3.86 -8.40
C ARG D 233 28.43 -2.64 -8.46
N ILE D 234 27.43 -2.73 -9.33
CA ILE D 234 26.43 -1.66 -9.48
C ILE D 234 25.61 -1.48 -8.20
N ARG D 235 25.22 -2.61 -7.60
CA ARG D 235 24.53 -2.54 -6.32
C ARG D 235 25.34 -1.84 -5.25
N LEU D 236 26.61 -2.23 -5.12
CA LEU D 236 27.41 -1.80 -3.98
C LEU D 236 28.13 -0.47 -4.20
N GLN D 237 28.11 0.06 -5.42
CA GLN D 237 28.75 1.35 -5.70
C GLN D 237 27.67 2.31 -6.27
N GLY D 238 27.21 2.05 -7.49
CA GLY D 238 26.20 2.92 -8.11
C GLY D 238 24.97 3.21 -7.27
N LEU D 239 24.30 2.15 -6.81
CA LEU D 239 23.09 2.31 -6.03
C LEU D 239 23.41 2.75 -4.60
N LYS D 240 24.26 1.99 -3.93
CA LYS D 240 24.50 2.21 -2.49
C LYS D 240 25.06 3.59 -2.19
N ASP D 241 26.03 4.02 -3.00
CA ASP D 241 26.82 5.24 -2.76
C ASP D 241 26.48 6.38 -3.70
N MET D 242 26.24 6.10 -4.97
CA MET D 242 26.26 7.17 -5.97
C MET D 242 24.91 7.72 -6.39
N THR D 243 23.83 6.97 -6.16
CA THR D 243 22.48 7.46 -6.47
C THR D 243 21.44 7.35 -5.35
N GLY D 244 21.54 6.34 -4.50
CA GLY D 244 20.49 6.11 -3.50
C GLY D 244 19.11 5.89 -4.09
N ALA D 245 19.05 5.36 -5.30
CA ALA D 245 17.79 5.18 -6.00
C ALA D 245 17.15 3.85 -5.57
N VAL D 246 16.68 3.84 -4.33
CA VAL D 246 16.14 2.65 -3.67
C VAL D 246 14.68 2.44 -4.05
N LEU D 247 14.33 1.23 -4.48
CA LEU D 247 12.93 0.94 -4.80
C LEU D 247 12.14 0.55 -3.53
N SER D 248 10.95 1.13 -3.39
CA SER D 248 10.03 0.79 -2.32
C SER D 248 9.62 -0.69 -2.42
N PRO D 249 9.64 -1.42 -1.30
CA PRO D 249 9.09 -2.78 -1.36
C PRO D 249 7.65 -2.86 -1.82
N HIS D 250 6.84 -1.85 -1.46
CA HIS D 250 5.47 -1.76 -1.91
C HIS D 250 5.42 -1.71 -3.43
N ASP D 251 6.26 -0.86 -4.02
CA ASP D 251 6.30 -0.73 -5.49
C ASP D 251 6.89 -1.98 -6.15
N ALA D 252 7.88 -2.60 -5.52
CA ALA D 252 8.46 -3.83 -6.04
C ALA D 252 7.38 -4.94 -6.11
N ALA D 253 6.52 -4.98 -5.10
CA ALA D 253 5.45 -5.97 -5.06
C ALA D 253 4.43 -5.68 -6.16
N LEU D 254 4.10 -4.40 -6.39
CA LEU D 254 3.25 -4.02 -7.54
C LEU D 254 3.88 -4.37 -8.89
N LEU D 255 5.19 -4.19 -8.99
CA LEU D 255 5.91 -4.55 -10.22
C LEU D 255 5.82 -6.06 -10.47
N MET D 256 6.08 -6.85 -9.43
CA MET D 256 5.89 -8.30 -9.55
C MET D 256 4.46 -8.66 -9.96
N ARG D 257 3.47 -7.95 -9.42
CA ARG D 257 2.08 -8.23 -9.77
C ARG D 257 1.88 -8.02 -11.27
N GLY D 258 2.42 -6.92 -11.77
CA GLY D 258 2.36 -6.61 -13.19
C GLY D 258 3.06 -7.64 -14.07
N ILE D 259 4.22 -8.12 -13.63
CA ILE D 259 4.99 -9.09 -14.40
C ILE D 259 4.21 -10.39 -14.59
N LYS D 260 3.32 -10.72 -13.63
CA LYS D 260 2.51 -11.94 -13.76
C LYS D 260 1.62 -11.99 -15.02
N THR D 261 1.28 -10.82 -15.59
CA THR D 261 0.51 -10.76 -16.82
C THR D 261 1.33 -10.24 -18.01
N LEU D 262 2.64 -10.20 -17.90
CA LEU D 262 3.46 -9.54 -18.94
C LEU D 262 3.23 -10.17 -20.32
N ASN D 263 3.29 -11.50 -20.39
CA ASN D 263 3.07 -12.17 -21.69
C ASN D 263 1.73 -11.82 -22.33
N LEU D 264 0.68 -11.83 -21.52
CA LEU D 264 -0.68 -11.60 -22.00
C LEU D 264 -0.83 -10.17 -22.47
N ARG D 265 -0.31 -9.24 -21.68
CA ARG D 265 -0.38 -7.82 -22.03
C ARG D 265 0.40 -7.51 -23.29
N MET D 266 1.64 -7.98 -23.38
CA MET D 266 2.44 -7.70 -24.57
C MET D 266 1.80 -8.31 -25.81
N ASP D 267 1.22 -9.50 -25.70
CA ASP D 267 0.50 -10.08 -26.84
C ASP D 267 -0.59 -9.13 -27.34
N ARG D 268 -1.33 -8.54 -26.43
CA ARG D 268 -2.43 -7.65 -26.79
C ARG D 268 -1.94 -6.28 -27.29
N HIS D 269 -0.91 -5.72 -26.63
CA HIS D 269 -0.30 -4.49 -27.10
C HIS D 269 0.15 -4.66 -28.57
N CYS D 270 0.83 -5.77 -28.84
CA CYS D 270 1.37 -6.02 -30.19
C CYS D 270 0.28 -6.29 -31.21
N ALA D 271 -0.71 -7.10 -30.84
CA ALA D 271 -1.84 -7.38 -31.74
C ALA D 271 -2.59 -6.09 -32.10
N ASN D 272 -2.91 -5.29 -31.07
CA ASN D 272 -3.55 -4.00 -31.31
C ASN D 272 -2.71 -3.06 -32.17
N ALA D 273 -1.41 -2.97 -31.90
CA ALA D 273 -0.54 -2.04 -32.65
C ALA D 273 -0.42 -2.49 -34.11
N GLN D 274 -0.33 -3.80 -34.35
CA GLN D 274 -0.26 -4.31 -35.73
C GLN D 274 -1.52 -3.88 -36.52
N VAL D 275 -2.70 -4.04 -35.93
CA VAL D 275 -3.95 -3.66 -36.59
C VAL D 275 -4.01 -2.15 -36.84
N LEU D 276 -3.68 -1.35 -35.82
CA LEU D 276 -3.63 0.10 -35.97
C LEU D 276 -2.65 0.56 -37.03
N ALA D 277 -1.46 -0.05 -37.03
CA ALA D 277 -0.41 0.31 -37.96
C ALA D 277 -0.84 0.01 -39.41
N GLU D 278 -1.46 -1.14 -39.63
CA GLU D 278 -1.97 -1.52 -40.97
C GLU D 278 -3.09 -0.60 -41.41
N PHE D 279 -3.94 -0.21 -40.46
CA PHE D 279 -5.03 0.71 -40.73
C PHE D 279 -4.47 2.08 -41.08
N LEU D 280 -3.50 2.57 -40.30
CA LEU D 280 -2.91 3.91 -40.48
C LEU D 280 -2.18 4.08 -41.81
N ALA D 281 -1.51 3.02 -42.25
CA ALA D 281 -0.79 3.02 -43.52
C ALA D 281 -1.72 3.25 -44.71
N ARG D 282 -3.00 2.86 -44.58
CA ARG D 282 -3.99 3.00 -45.66
C ARG D 282 -4.83 4.29 -45.59
N GLN D 283 -4.59 5.16 -44.63
CA GLN D 283 -5.43 6.35 -44.48
C GLN D 283 -4.87 7.52 -45.29
N PRO D 284 -5.76 8.25 -46.02
CA PRO D 284 -5.36 9.40 -46.84
C PRO D 284 -4.44 10.41 -46.15
N GLN D 285 -4.71 10.72 -44.88
CA GLN D 285 -3.98 11.77 -44.15
C GLN D 285 -2.57 11.36 -43.72
N VAL D 286 -2.31 10.06 -43.63
CA VAL D 286 -1.00 9.59 -43.19
C VAL D 286 -0.04 9.57 -44.37
N GLU D 287 1.06 10.30 -44.21
CA GLU D 287 2.11 10.41 -45.22
C GLU D 287 3.16 9.31 -45.09
N LEU D 288 3.52 9.00 -43.86
CA LEU D 288 4.59 8.08 -43.52
C LEU D 288 4.24 7.37 -42.21
N ILE D 289 4.58 6.08 -42.09
CA ILE D 289 4.38 5.37 -40.81
C ILE D 289 5.55 4.43 -40.54
N HIS D 290 6.01 4.43 -39.29
CA HIS D 290 7.09 3.58 -38.81
C HIS D 290 6.55 2.63 -37.74
N TYR D 291 6.35 1.39 -38.14
CA TYR D 291 5.99 0.32 -37.22
C TYR D 291 6.82 -0.92 -37.58
N PRO D 292 7.51 -1.54 -36.61
CA PRO D 292 8.41 -2.65 -36.97
C PRO D 292 7.77 -3.84 -37.66
N GLY D 293 6.46 -4.01 -37.51
CA GLY D 293 5.70 -5.07 -38.13
C GLY D 293 5.26 -4.83 -39.56
N LEU D 294 5.53 -3.66 -40.11
CA LEU D 294 5.27 -3.38 -41.54
C LEU D 294 6.54 -3.53 -42.35
N ALA D 295 6.43 -4.12 -43.55
CA ALA D 295 7.60 -4.26 -44.43
C ALA D 295 8.21 -2.91 -44.86
N SER D 296 7.45 -1.81 -44.77
CA SER D 296 7.98 -0.46 -45.02
C SER D 296 8.94 0.03 -43.95
N PHE D 297 9.00 -0.68 -42.81
CA PHE D 297 9.90 -0.28 -41.74
C PHE D 297 11.35 -0.37 -42.24
N PRO D 298 12.15 0.71 -42.11
CA PRO D 298 13.49 0.70 -42.68
C PRO D 298 14.39 -0.47 -42.26
N GLN D 299 14.20 -0.97 -41.03
CA GLN D 299 14.98 -2.11 -40.54
C GLN D 299 14.08 -3.31 -40.25
N TYR D 300 13.17 -3.56 -41.16
CA TYR D 300 12.25 -4.67 -41.04
C TYR D 300 12.90 -6.00 -40.72
N THR D 301 13.99 -6.37 -41.42
CA THR D 301 14.54 -7.70 -41.23
C THR D 301 15.28 -7.82 -39.91
N LEU D 302 15.92 -6.74 -39.47
CA LEU D 302 16.57 -6.75 -38.16
C LEU D 302 15.53 -6.82 -37.03
N ALA D 303 14.39 -6.15 -37.22
CA ALA D 303 13.28 -6.26 -36.26
C ALA D 303 12.81 -7.70 -36.18
N ARG D 304 12.58 -8.33 -37.33
CA ARG D 304 12.12 -9.74 -37.38
C ARG D 304 13.13 -10.69 -36.75
N GLN D 305 14.40 -10.37 -36.91
CA GLN D 305 15.46 -11.21 -36.40
C GLN D 305 15.58 -11.19 -34.88
N GLN D 306 15.46 -9.99 -34.30
CA GLN D 306 15.73 -9.76 -32.87
C GLN D 306 14.53 -9.78 -31.98
N MET D 307 13.38 -9.36 -32.49
CA MET D 307 12.15 -9.21 -31.69
C MET D 307 11.16 -10.31 -32.03
N SER D 308 10.57 -10.97 -31.04
CA SER D 308 9.61 -12.03 -31.34
C SER D 308 8.27 -11.49 -31.83
N GLN D 309 7.94 -10.25 -31.46
CA GLN D 309 6.79 -9.54 -31.95
C GLN D 309 7.18 -8.06 -32.12
N PRO D 310 6.46 -7.33 -32.97
CA PRO D 310 6.89 -5.99 -33.34
C PRO D 310 6.60 -4.84 -32.40
N GLY D 311 6.04 -5.10 -31.22
CA GLY D 311 5.93 -4.09 -30.18
C GLY D 311 4.63 -3.34 -30.18
N GLY D 312 4.47 -2.45 -29.19
CA GLY D 312 3.24 -1.67 -29.03
C GLY D 312 3.33 -0.21 -29.40
N MET D 313 4.45 0.19 -30.00
CA MET D 313 4.75 1.60 -30.27
C MET D 313 4.61 1.85 -31.76
N ILE D 314 3.94 2.95 -32.13
CA ILE D 314 3.82 3.35 -33.54
C ILE D 314 4.27 4.81 -33.63
N ALA D 315 5.00 5.15 -34.69
CA ALA D 315 5.22 6.55 -35.05
C ALA D 315 4.73 6.77 -36.48
N PHE D 316 4.08 7.91 -36.72
CA PHE D 316 3.62 8.25 -38.06
C PHE D 316 3.63 9.77 -38.29
N GLU D 317 3.48 10.15 -39.56
CA GLU D 317 3.45 11.57 -39.99
C GLU D 317 2.16 11.88 -40.72
N LEU D 318 1.49 12.94 -40.25
CA LEU D 318 0.27 13.40 -40.87
C LEU D 318 0.63 14.36 -41.99
N LYS D 319 -0.19 14.36 -43.04
CA LYS D 319 -0.20 15.46 -44.00
C LYS D 319 -0.88 16.66 -43.31
N GLY D 320 -0.36 17.85 -43.58
CA GLY D 320 -0.98 19.12 -43.14
C GLY D 320 -0.23 19.86 -42.05
N GLY D 321 0.92 19.34 -41.63
CA GLY D 321 1.77 20.01 -40.63
C GLY D 321 1.21 20.07 -39.22
N ILE D 322 1.82 20.94 -38.41
CA ILE D 322 1.49 21.14 -36.99
C ILE D 322 0.00 21.38 -36.73
N GLY D 323 -0.68 22.11 -37.62
CA GLY D 323 -2.13 22.30 -37.53
C GLY D 323 -2.91 20.99 -37.59
N ALA D 324 -2.44 20.07 -38.44
CA ALA D 324 -3.01 18.72 -38.57
C ALA D 324 -2.80 17.90 -37.30
N GLY D 325 -1.56 17.90 -36.82
CA GLY D 325 -1.22 17.22 -35.58
C GLY D 325 -1.97 17.77 -34.36
N ARG D 326 -2.12 19.10 -34.28
CA ARG D 326 -2.86 19.73 -33.18
C ARG D 326 -4.32 19.33 -33.18
N ARG D 327 -4.95 19.44 -34.34
CA ARG D 327 -6.34 19.03 -34.48
C ARG D 327 -6.50 17.52 -34.26
N PHE D 328 -5.50 16.72 -34.64
CA PHE D 328 -5.51 15.27 -34.45
C PHE D 328 -5.57 14.97 -32.94
N MET D 329 -4.58 15.49 -32.24
CA MET D 329 -4.45 15.32 -30.80
C MET D 329 -5.64 15.78 -29.99
N ASN D 330 -6.13 16.98 -30.29
CA ASN D 330 -7.27 17.55 -29.57
C ASN D 330 -8.55 16.81 -29.83
N ALA D 331 -8.64 16.16 -31.00
CA ALA D 331 -9.79 15.38 -31.33
C ALA D 331 -9.82 14.03 -30.61
N LEU D 332 -8.66 13.50 -30.20
CA LEU D 332 -8.61 12.18 -29.52
C LEU D 332 -9.48 12.18 -28.27
N GLN D 333 -10.37 11.19 -28.17
CA GLN D 333 -11.29 11.01 -27.03
C GLN D 333 -11.03 9.75 -26.19
N LEU D 334 -10.23 8.81 -26.70
CA LEU D 334 -9.95 7.56 -25.99
C LEU D 334 -8.46 7.48 -25.70
N PHE D 335 -7.61 7.62 -26.71
CA PHE D 335 -6.20 7.90 -26.50
C PHE D 335 -6.05 9.12 -25.57
N SER D 336 -5.12 9.06 -24.63
CA SER D 336 -4.81 10.19 -23.74
C SER D 336 -3.61 10.94 -24.27
N ARG D 337 -3.60 12.26 -24.11
CA ARG D 337 -2.43 13.09 -24.41
C ARG D 337 -1.47 13.04 -23.22
N ALA D 338 -0.34 12.35 -23.37
CA ALA D 338 0.58 12.14 -22.26
C ALA D 338 1.90 11.58 -22.73
N VAL D 339 2.94 11.79 -21.93
CA VAL D 339 4.23 11.10 -22.08
C VAL D 339 4.13 9.78 -21.34
N SER D 340 5.13 8.95 -21.58
CA SER D 340 5.19 7.56 -21.08
C SER D 340 4.68 6.57 -22.13
N LEU D 341 4.73 5.31 -21.77
CA LEU D 341 4.39 4.24 -22.66
C LEU D 341 4.24 2.97 -21.84
N GLY D 342 3.67 1.96 -22.47
CA GLY D 342 3.50 0.68 -21.86
C GLY D 342 2.44 0.60 -20.80
N ASP D 343 1.49 1.54 -20.80
CA ASP D 343 0.35 1.49 -19.89
C ASP D 343 -0.80 0.73 -20.53
N ALA D 344 -1.75 0.31 -19.70
CA ALA D 344 -2.96 -0.31 -20.22
C ALA D 344 -3.75 0.70 -21.08
N GLU D 345 -3.64 1.97 -20.72
CA GLU D 345 -4.27 3.09 -21.45
C GLU D 345 -3.42 3.50 -22.64
N SER D 346 -4.07 3.65 -23.80
CA SER D 346 -3.43 4.11 -25.00
C SER D 346 -3.04 5.59 -24.84
N LEU D 347 -1.83 5.92 -25.30
CA LEU D 347 -1.26 7.25 -25.11
C LEU D 347 -0.77 7.78 -26.43
N ALA D 348 -0.78 9.11 -26.57
CA ALA D 348 -0.28 9.76 -27.78
C ALA D 348 0.47 11.05 -27.40
N GLN D 349 1.57 11.32 -28.12
CA GLN D 349 2.28 12.62 -28.03
C GLN D 349 2.60 13.13 -29.45
N HIS D 350 2.41 14.45 -29.66
CA HIS D 350 2.61 15.15 -30.95
C HIS D 350 3.74 16.12 -30.62
N PRO D 351 5.00 15.67 -30.76
CA PRO D 351 6.11 16.46 -30.22
C PRO D 351 6.20 17.93 -30.70
N ALA D 352 5.78 18.22 -31.93
CA ALA D 352 5.73 19.60 -32.45
C ALA D 352 4.93 20.58 -31.57
N SER D 353 3.78 20.12 -31.05
CA SER D 353 2.90 20.95 -30.22
C SER D 353 2.87 20.56 -28.72
N MET D 354 3.77 19.67 -28.30
CA MET D 354 3.82 19.19 -26.92
C MET D 354 5.26 19.25 -26.38
N THR D 355 6.01 18.15 -26.40
CA THR D 355 7.34 18.09 -25.76
C THR D 355 8.35 19.06 -26.35
N HIS D 356 8.25 19.33 -27.65
CA HIS D 356 9.18 20.22 -28.37
C HIS D 356 8.47 21.47 -28.93
N SER D 357 7.47 21.96 -28.20
CA SER D 357 6.65 23.09 -28.63
C SER D 357 7.37 24.44 -28.51
N SER D 358 8.30 24.56 -27.58
CA SER D 358 9.05 25.80 -27.39
C SER D 358 10.04 26.12 -28.54
N TYR D 359 10.45 25.09 -29.29
CA TYR D 359 11.32 25.27 -30.45
C TYR D 359 10.56 25.78 -31.68
N THR D 360 11.31 26.14 -32.72
CA THR D 360 10.79 26.54 -34.03
C THR D 360 10.95 25.37 -35.02
N PRO D 361 10.22 25.40 -36.16
CA PRO D 361 10.31 24.34 -37.19
C PRO D 361 11.72 23.90 -37.62
N GLU D 362 12.68 24.83 -37.65
CA GLU D 362 14.08 24.52 -38.02
C GLU D 362 14.79 23.62 -37.01
N GLU D 363 14.66 23.94 -35.72
CA GLU D 363 15.37 23.23 -34.65
C GLU D 363 14.89 21.78 -34.45
N ARG D 364 13.59 21.57 -34.65
CA ARG D 364 13.01 20.22 -34.60
C ARG D 364 13.51 19.31 -35.75
N ALA D 365 13.88 19.93 -36.88
CA ALA D 365 14.38 19.19 -38.05
C ALA D 365 15.73 18.51 -37.81
N HIS D 366 16.68 19.21 -37.18
CA HIS D 366 18.04 18.66 -36.95
C HIS D 366 18.03 17.56 -35.87
N TYR D 367 17.14 17.66 -34.88
CA TYR D 367 16.86 16.56 -33.96
C TYR D 367 16.21 15.39 -34.71
N GLY D 368 15.28 15.72 -35.61
CA GLY D 368 14.65 14.75 -36.50
C GLY D 368 13.20 14.52 -36.12
N ILE D 369 12.43 15.60 -36.09
CA ILE D 369 11.03 15.59 -35.65
C ILE D 369 10.17 16.37 -36.64
N SER D 370 9.44 15.65 -37.47
CA SER D 370 8.50 16.25 -38.41
C SER D 370 7.39 17.05 -37.70
N GLU D 371 6.85 18.03 -38.42
CA GLU D 371 5.78 18.90 -37.91
C GLU D 371 4.42 18.20 -37.82
N GLY D 372 4.28 17.07 -38.51
CA GLY D 372 3.10 16.21 -38.40
C GLY D 372 3.34 14.90 -37.65
N LEU D 373 4.50 14.75 -36.99
CA LEU D 373 4.90 13.51 -36.33
C LEU D 373 4.06 13.25 -35.07
N VAL D 374 3.70 11.99 -34.85
CA VAL D 374 3.02 11.59 -33.60
C VAL D 374 3.46 10.18 -33.22
N ARG D 375 3.78 10.00 -31.92
CA ARG D 375 4.16 8.71 -31.33
C ARG D 375 2.94 8.20 -30.56
N LEU D 376 2.58 6.95 -30.81
CA LEU D 376 1.48 6.28 -30.12
C LEU D 376 2.03 5.15 -29.27
N SER D 377 1.59 5.08 -28.01
CA SER D 377 1.74 3.87 -27.20
C SER D 377 0.39 3.19 -27.24
N VAL D 378 0.30 2.07 -27.96
CA VAL D 378 -0.98 1.42 -28.17
C VAL D 378 -1.28 0.56 -26.93
N GLY D 379 -2.44 0.80 -26.32
CA GLY D 379 -2.81 0.13 -25.08
C GLY D 379 -3.63 -1.11 -25.28
N LEU D 380 -4.42 -1.44 -24.27
CA LEU D 380 -5.08 -2.73 -24.15
C LEU D 380 -6.57 -2.63 -24.43
N GLU D 381 -7.04 -1.46 -24.83
CA GLU D 381 -8.46 -1.24 -25.13
C GLU D 381 -8.90 -2.07 -26.34
N ASP D 382 -10.22 -2.20 -26.50
CA ASP D 382 -10.80 -2.87 -27.67
C ASP D 382 -10.34 -2.19 -28.95
N ILE D 383 -9.77 -2.97 -29.87
CA ILE D 383 -9.16 -2.41 -31.07
C ILE D 383 -10.18 -1.60 -31.89
N ASP D 384 -11.45 -2.01 -31.89
CA ASP D 384 -12.48 -1.28 -32.65
C ASP D 384 -12.70 0.12 -32.12
N ASP D 385 -12.59 0.27 -30.80
CA ASP D 385 -12.66 1.60 -30.17
C ASP D 385 -11.46 2.47 -30.49
N LEU D 386 -10.27 1.87 -30.52
CA LEU D 386 -9.05 2.58 -30.84
C LEU D 386 -9.05 2.99 -32.32
N LEU D 387 -9.48 2.10 -33.18
CA LEU D 387 -9.61 2.44 -34.61
C LEU D 387 -10.60 3.60 -34.78
N ALA D 388 -11.76 3.52 -34.15
CA ALA D 388 -12.77 4.58 -34.25
C ALA D 388 -12.23 5.92 -33.80
N ASP D 389 -11.43 5.91 -32.73
CA ASP D 389 -10.86 7.13 -32.19
C ASP D 389 -9.84 7.76 -33.12
N VAL D 390 -8.95 6.95 -33.67
CA VAL D 390 -7.92 7.41 -34.58
C VAL D 390 -8.61 7.92 -35.87
N GLN D 391 -9.62 7.18 -36.33
CA GLN D 391 -10.36 7.47 -37.57
C GLN D 391 -11.06 8.83 -37.50
N GLN D 392 -11.79 9.07 -36.41
CA GLN D 392 -12.43 10.39 -36.21
C GLN D 392 -11.40 11.52 -35.99
N ALA D 393 -10.28 11.22 -35.34
CA ALA D 393 -9.22 12.21 -35.12
C ALA D 393 -8.48 12.57 -36.42
N LEU D 394 -8.36 11.60 -37.32
CA LEU D 394 -7.82 11.86 -38.66
C LEU D 394 -8.76 12.79 -39.45
N LYS D 395 -10.06 12.53 -39.36
CA LYS D 395 -11.09 13.38 -39.99
C LYS D 395 -11.02 14.83 -39.52
N ALA D 396 -10.81 15.04 -38.22
CA ALA D 396 -10.63 16.38 -37.65
C ALA D 396 -9.30 17.04 -38.02
N SER D 397 -8.28 16.23 -38.33
CA SER D 397 -6.97 16.73 -38.72
C SER D 397 -6.92 17.29 -40.15
N ALA D 398 -7.87 16.88 -40.98
CA ALA D 398 -7.86 17.20 -42.42
C ALA D 398 -7.96 18.69 -42.71
#